data_2VA1
#
_entry.id   2VA1
#
_cell.length_a   79.753
_cell.length_b   96.552
_cell.length_c   96.270
_cell.angle_alpha   90.00
_cell.angle_beta   105.75
_cell.angle_gamma   90.00
#
_symmetry.space_group_name_H-M   'P 1 21 1'
#
loop_
_entity.id
_entity.type
_entity.pdbx_description
1 polymer 'URIDYLATE KINASE'
2 non-polymer 'PHOSPHATE ION'
3 water water
#
_entity_poly.entity_id   1
_entity_poly.type   'polypeptide(L)'
_entity_poly.pdbx_seq_one_letter_code
;MGSSHHHHHHSSGLVPRGSHMMRKQRIVIKISGACLKQNDSSIIDFIKINDLAEQIEKISKKYIVSIVLGGGNIWRGSIA
KELDMDRNLADNMGMMATIINGLALENALNHLNVNTIVLSAIKCDKLVHESSANNIKKAIEKEQVMIFVAGTGFPYFTTD
SCAAIRAAETESSIILMGKNGVDGVYDSDPKINPNAQFYEHITFNMALTQNLKVMDATALALCQENNINLLVFNIDKPNA
IVDVLEKKNKYTIVSK
;
_entity_poly.pdbx_strand_id   A,B,C,D,E,F
#
# COMPACT_ATOMS: atom_id res chain seq x y z
N ARG A 23 -8.00 3.27 31.59
CA ARG A 23 -7.71 4.71 31.33
C ARG A 23 -9.00 5.53 31.23
N LYS A 24 -8.99 6.74 31.79
CA LYS A 24 -10.23 7.45 32.09
C LYS A 24 -10.36 8.87 31.52
N GLN A 25 -9.38 9.75 31.78
CA GLN A 25 -9.45 11.18 31.40
C GLN A 25 -9.33 11.47 29.89
N ARG A 26 -9.88 10.54 29.13
CA ARG A 26 -9.96 10.61 27.69
C ARG A 26 -11.42 10.79 27.30
N ILE A 27 -11.66 11.68 26.34
CA ILE A 27 -13.00 11.96 25.85
C ILE A 27 -13.11 11.89 24.33
N VAL A 28 -14.30 11.55 23.86
CA VAL A 28 -14.64 11.60 22.44
C VAL A 28 -15.66 12.72 22.24
N ILE A 29 -15.38 13.63 21.32
CA ILE A 29 -16.34 14.65 20.95
C ILE A 29 -16.90 14.35 19.57
N LYS A 30 -18.20 14.07 19.51
CA LYS A 30 -18.88 13.87 18.25
C LYS A 30 -19.26 15.22 17.65
N ILE A 31 -18.67 15.54 16.52
CA ILE A 31 -18.98 16.78 15.81
C ILE A 31 -19.64 16.48 14.46
N SER A 32 -20.94 16.69 14.38
CA SER A 32 -21.66 16.50 13.13
C SER A 32 -21.24 17.55 12.11
N GLY A 33 -21.51 17.25 10.83
CA GLY A 33 -21.22 18.18 9.74
C GLY A 33 -21.84 19.56 9.91
N ALA A 34 -23.07 19.60 10.42
CA ALA A 34 -23.82 20.85 10.64
C ALA A 34 -23.09 21.87 11.49
N CYS A 35 -22.20 21.40 12.37
CA CYS A 35 -21.41 22.26 13.25
C CYS A 35 -20.39 23.11 12.52
N LEU A 36 -20.07 22.69 11.29
CA LEU A 36 -19.02 23.35 10.52
C LEU A 36 -19.57 24.25 9.42
N LYS A 37 -20.88 24.23 9.24
CA LYS A 37 -21.52 24.96 8.15
C LYS A 37 -22.48 26.01 8.69
N GLN A 38 -22.44 27.19 8.08
CA GLN A 38 -23.38 28.27 8.40
C GLN A 38 -24.55 28.30 7.43
N ASN A 39 -24.25 28.40 6.13
CA ASN A 39 -25.25 28.36 5.08
C ASN A 39 -24.77 27.67 3.80
N ASP A 40 -25.67 27.54 2.84
CA ASP A 40 -25.42 26.75 1.64
C ASP A 40 -24.33 27.27 0.70
N SER A 41 -23.94 28.53 0.87
CA SER A 41 -22.92 29.16 0.01
C SER A 41 -21.51 28.59 0.21
N SER A 42 -21.26 28.04 1.40
CA SER A 42 -19.96 27.44 1.73
C SER A 42 -20.15 26.19 2.59
N ILE A 43 -19.52 25.08 2.16
CA ILE A 43 -19.61 23.81 2.89
C ILE A 43 -18.99 23.88 4.29
N ILE A 44 -17.95 24.70 4.42
CA ILE A 44 -17.28 24.91 5.70
C ILE A 44 -17.20 26.41 6.00
N ASP A 45 -17.68 26.80 7.18
CA ASP A 45 -17.63 28.18 7.65
C ASP A 45 -16.44 28.40 8.56
N PHE A 46 -15.65 29.42 8.26
CA PHE A 46 -14.38 29.67 8.97
C PHE A 46 -14.55 30.07 10.44
N ILE A 47 -15.59 30.87 10.73
CA ILE A 47 -15.84 31.29 12.12
C ILE A 47 -16.30 30.13 13.02
N LYS A 48 -17.17 29.28 12.50
CA LYS A 48 -17.65 28.10 13.25
C LYS A 48 -16.55 27.10 13.51
N ILE A 49 -15.74 26.80 12.50
CA ILE A 49 -14.64 25.86 12.64
C ILE A 49 -13.50 26.40 13.53
N ASN A 50 -13.24 27.70 13.44
CA ASN A 50 -12.24 28.34 14.30
C ASN A 50 -12.68 28.40 15.75
N ASP A 51 -13.98 28.64 15.97
CA ASP A 51 -14.53 28.61 17.31
C ASP A 51 -14.40 27.22 17.93
N LEU A 52 -14.69 26.20 17.13
CA LEU A 52 -14.50 24.80 17.56
C LEU A 52 -13.05 24.51 17.90
N ALA A 53 -12.14 24.95 17.03
CA ALA A 53 -10.71 24.80 17.24
C ALA A 53 -10.24 25.46 18.55
N GLU A 54 -10.74 26.67 18.81
CA GLU A 54 -10.40 27.39 20.04
C GLU A 54 -10.83 26.63 21.29
N GLN A 55 -12.02 26.05 21.25
CA GLN A 55 -12.52 25.23 22.34
C GLN A 55 -11.68 23.95 22.55
N ILE A 56 -11.35 23.29 21.45
CA ILE A 56 -10.53 22.07 21.49
C ILE A 56 -9.14 22.38 22.06
N GLU A 57 -8.58 23.53 21.67
CA GLU A 57 -7.30 24.00 22.19
C GLU A 57 -7.29 24.04 23.72
N LYS A 58 -8.32 24.66 24.30
CA LYS A 58 -8.43 24.78 25.76
C LYS A 58 -8.68 23.44 26.42
N ILE A 59 -9.55 22.64 25.83
CA ILE A 59 -9.90 21.31 26.35
C ILE A 59 -8.72 20.36 26.34
N SER A 60 -7.89 20.43 25.30
CA SER A 60 -6.75 19.51 25.15
C SER A 60 -5.67 19.68 26.21
N LYS A 61 -5.75 20.76 27.00
CA LYS A 61 -4.83 20.98 28.12
C LYS A 61 -5.17 20.07 29.31
N LYS A 62 -6.44 19.69 29.41
CA LYS A 62 -6.94 18.91 30.55
C LYS A 62 -7.39 17.50 30.18
N TYR A 63 -7.61 17.26 28.89
CA TYR A 63 -8.12 15.97 28.42
C TYR A 63 -7.32 15.45 27.22
N ILE A 64 -7.31 14.14 27.05
CA ILE A 64 -6.88 13.54 25.80
C ILE A 64 -8.10 13.50 24.89
N VAL A 65 -8.05 14.24 23.78
CA VAL A 65 -9.22 14.52 22.96
C VAL A 65 -9.25 13.71 21.66
N SER A 66 -10.33 12.96 21.48
CA SER A 66 -10.65 12.32 20.20
C SER A 66 -11.83 13.03 19.55
N ILE A 67 -11.68 13.41 18.30
CA ILE A 67 -12.77 14.03 17.53
C ILE A 67 -13.29 13.07 16.48
N VAL A 68 -14.59 12.85 16.51
CA VAL A 68 -15.26 12.06 15.48
C VAL A 68 -16.18 12.97 14.67
N LEU A 69 -15.84 13.12 13.39
CA LEU A 69 -16.56 14.05 12.49
C LEU A 69 -17.60 13.38 11.61
N GLY A 70 -18.71 14.06 11.38
CA GLY A 70 -19.66 13.69 10.35
C GLY A 70 -19.39 14.46 9.07
N GLY A 71 -20.14 14.15 8.01
CA GLY A 71 -19.97 14.81 6.73
C GLY A 71 -21.24 15.41 6.15
N GLY A 72 -22.24 15.63 7.00
CA GLY A 72 -23.55 16.17 6.60
C GLY A 72 -23.54 17.53 5.93
N ASN A 73 -22.50 18.33 6.18
CA ASN A 73 -22.33 19.62 5.51
C ASN A 73 -21.99 19.49 4.03
N ILE A 74 -21.51 18.32 3.63
CA ILE A 74 -21.06 18.05 2.26
C ILE A 74 -21.94 16.99 1.61
N TRP A 75 -22.23 15.93 2.36
CA TRP A 75 -22.98 14.81 1.82
C TRP A 75 -24.07 14.34 2.79
N ARG A 76 -25.27 14.06 2.28
CA ARG A 76 -26.33 13.48 3.10
C ARG A 76 -27.13 12.39 2.38
N GLY A 77 -27.93 11.66 3.16
CA GLY A 77 -28.71 10.53 2.65
C GLY A 77 -29.71 10.90 1.55
N SER A 78 -30.23 12.12 1.62
CA SER A 78 -31.22 12.59 0.64
C SER A 78 -30.65 12.73 -0.78
N ILE A 79 -29.39 13.15 -0.88
CA ILE A 79 -28.72 13.27 -2.17
C ILE A 79 -28.46 11.89 -2.78
N ALA A 80 -28.14 10.91 -1.93
CA ALA A 80 -27.96 9.53 -2.35
C ALA A 80 -29.19 8.96 -3.05
N LYS A 81 -30.37 9.25 -2.49
CA LYS A 81 -31.64 8.82 -3.09
C LYS A 81 -31.86 9.44 -4.47
N GLU A 82 -31.65 10.75 -4.57
CA GLU A 82 -31.76 11.49 -5.83
C GLU A 82 -30.86 10.93 -6.91
N LEU A 83 -29.65 10.51 -6.51
CA LEU A 83 -28.67 9.98 -7.45
C LEU A 83 -28.83 8.49 -7.69
N ASP A 84 -29.89 7.90 -7.16
CA ASP A 84 -30.14 6.44 -7.22
C ASP A 84 -28.86 5.68 -6.81
N MET A 85 -28.34 6.04 -5.63
CA MET A 85 -27.06 5.55 -5.16
C MET A 85 -27.29 4.47 -4.12
N ASP A 86 -26.75 3.28 -4.39
CA ASP A 86 -26.80 2.17 -3.46
C ASP A 86 -26.03 2.54 -2.18
N ARG A 87 -26.39 1.88 -1.07
CA ARG A 87 -25.89 2.21 0.25
C ARG A 87 -24.36 2.10 0.41
N ASN A 88 -23.77 1.08 -0.20
CA ASN A 88 -22.31 0.88 -0.13
C ASN A 88 -21.56 2.11 -0.67
N LEU A 89 -22.03 2.63 -1.79
CA LEU A 89 -21.41 3.80 -2.41
C LEU A 89 -21.75 5.08 -1.66
N ALA A 90 -22.99 5.20 -1.20
CA ALA A 90 -23.44 6.39 -0.47
C ALA A 90 -22.60 6.63 0.79
N ASP A 91 -22.39 5.56 1.56
CA ASP A 91 -21.56 5.64 2.76
C ASP A 91 -20.09 5.93 2.44
N ASN A 92 -19.62 5.48 1.28
CA ASN A 92 -18.27 5.84 0.80
C ASN A 92 -18.11 7.34 0.53
N MET A 93 -19.14 7.94 -0.05
CA MET A 93 -19.18 9.38 -0.29
C MET A 93 -19.05 10.13 1.03
N GLY A 94 -19.82 9.69 2.02
CA GLY A 94 -19.81 10.26 3.37
C GLY A 94 -18.45 10.20 4.03
N MET A 95 -17.73 9.09 3.80
CA MET A 95 -16.40 8.90 4.35
C MET A 95 -15.39 9.90 3.79
N MET A 96 -15.49 10.17 2.49
CA MET A 96 -14.60 11.14 1.87
C MET A 96 -14.93 12.56 2.37
N ALA A 97 -16.22 12.81 2.61
CA ALA A 97 -16.66 14.09 3.19
C ALA A 97 -16.02 14.34 4.57
N THR A 98 -15.95 13.30 5.41
CA THR A 98 -15.35 13.45 6.74
C THR A 98 -13.86 13.74 6.66
N ILE A 99 -13.19 13.17 5.66
CA ILE A 99 -11.76 13.45 5.44
C ILE A 99 -11.53 14.93 5.10
N ILE A 100 -12.38 15.49 4.24
CA ILE A 100 -12.32 16.93 3.92
C ILE A 100 -12.49 17.77 5.20
N ASN A 101 -13.52 17.47 5.98
CA ASN A 101 -13.76 18.13 7.25
C ASN A 101 -12.59 17.96 8.22
N GLY A 102 -12.04 16.74 8.26
CA GLY A 102 -10.92 16.41 9.13
C GLY A 102 -9.67 17.22 8.86
N LEU A 103 -9.37 17.42 7.58
CA LEU A 103 -8.21 18.20 7.18
C LEU A 103 -8.42 19.69 7.44
N ALA A 104 -9.66 20.14 7.31
CA ALA A 104 -10.03 21.53 7.62
C ALA A 104 -9.86 21.83 9.11
N LEU A 105 -10.33 20.91 9.97
CA LEU A 105 -10.21 21.09 11.42
C LEU A 105 -8.75 21.03 11.86
N GLU A 106 -7.97 20.13 11.25
CA GLU A 106 -6.54 20.01 11.54
C GLU A 106 -5.83 21.31 11.23
N ASN A 107 -6.15 21.91 10.09
CA ASN A 107 -5.59 23.20 9.71
C ASN A 107 -5.89 24.27 10.74
N ALA A 108 -7.15 24.36 11.17
CA ALA A 108 -7.59 25.32 12.19
C ALA A 108 -6.88 25.12 13.53
N LEU A 109 -6.63 23.87 13.90
CA LEU A 109 -5.91 23.54 15.13
C LEU A 109 -4.39 23.78 15.03
N ASN A 110 -3.82 23.56 13.85
CA ASN A 110 -2.41 23.86 13.58
C ASN A 110 -2.08 25.34 13.77
N HIS A 111 -2.99 26.21 13.35
CA HIS A 111 -2.83 27.66 13.51
C HIS A 111 -2.84 28.10 14.98
N LEU A 112 -3.37 27.25 15.86
CA LEU A 112 -3.38 27.51 17.29
C LEU A 112 -2.27 26.73 18.00
N ASN A 113 -1.37 26.13 17.22
CA ASN A 113 -0.21 25.37 17.71
C ASN A 113 -0.57 24.14 18.56
N VAL A 114 -1.74 23.57 18.28
CA VAL A 114 -2.17 22.34 18.93
C VAL A 114 -1.58 21.15 18.19
N ASN A 115 -0.88 20.27 18.91
CA ASN A 115 -0.36 19.06 18.31
C ASN A 115 -1.53 18.14 17.96
N THR A 116 -1.68 17.85 16.68
CA THR A 116 -2.86 17.15 16.18
C THR A 116 -2.55 16.18 15.04
N ILE A 117 -3.36 15.13 14.95
CA ILE A 117 -3.18 14.12 13.89
C ILE A 117 -4.54 13.62 13.36
N VAL A 118 -4.62 13.46 12.05
CA VAL A 118 -5.81 12.93 11.42
C VAL A 118 -5.64 11.42 11.18
N LEU A 119 -6.50 10.63 11.80
CA LEU A 119 -6.42 9.18 11.69
C LEU A 119 -7.64 8.63 10.96
N SER A 120 -7.38 8.00 9.83
CA SER A 120 -8.42 7.57 8.91
C SER A 120 -8.65 6.07 8.96
N ALA A 121 -9.92 5.70 8.90
CA ALA A 121 -10.31 4.31 8.78
C ALA A 121 -9.99 3.75 7.40
N ILE A 122 -9.86 4.64 6.42
CA ILE A 122 -9.46 4.25 5.08
C ILE A 122 -8.07 4.78 4.74
N LYS A 123 -7.22 3.90 4.23
CA LYS A 123 -5.85 4.24 3.86
C LYS A 123 -5.84 5.21 2.68
N CYS A 124 -5.13 6.33 2.88
CA CYS A 124 -4.92 7.34 1.85
C CYS A 124 -3.71 8.18 2.25
N ASP A 125 -2.53 7.60 2.05
CA ASP A 125 -1.27 8.14 2.58
C ASP A 125 -0.91 9.56 2.15
N LYS A 126 -1.34 9.98 0.97
CA LYS A 126 -1.03 11.31 0.47
C LYS A 126 -1.80 12.42 1.20
N LEU A 127 -2.83 12.04 1.94
CA LEU A 127 -3.72 12.99 2.60
C LEU A 127 -3.76 12.85 4.12
N VAL A 128 -3.79 11.61 4.60
CA VAL A 128 -4.06 11.31 6.01
C VAL A 128 -3.23 10.14 6.51
N HIS A 129 -3.07 10.05 7.83
CA HIS A 129 -2.52 8.84 8.46
C HIS A 129 -3.63 7.82 8.67
N GLU A 130 -3.23 6.55 8.75
CA GLU A 130 -4.16 5.46 8.93
C GLU A 130 -4.38 5.19 10.42
N SER A 131 -5.62 5.00 10.83
CA SER A 131 -5.89 4.57 12.19
C SER A 131 -5.51 3.09 12.38
N SER A 132 -4.92 2.78 13.53
CA SER A 132 -4.58 1.41 13.91
C SER A 132 -4.32 1.42 15.41
N ALA A 133 -4.23 0.23 16.01
CA ALA A 133 -3.89 0.11 17.43
C ALA A 133 -2.57 0.84 17.74
N ASN A 134 -1.54 0.60 16.93
CA ASN A 134 -0.25 1.24 17.12
C ASN A 134 -0.28 2.76 17.01
N ASN A 135 -0.94 3.27 15.97
CA ASN A 135 -1.00 4.71 15.71
C ASN A 135 -1.82 5.49 16.73
N ILE A 136 -2.88 4.86 17.25
CA ILE A 136 -3.66 5.46 18.32
C ILE A 136 -2.82 5.55 19.61
N LYS A 137 -2.21 4.43 19.99
CA LYS A 137 -1.29 4.35 21.11
C LYS A 137 -0.21 5.42 21.02
N LYS A 138 0.40 5.53 19.84
CA LYS A 138 1.46 6.50 19.55
C LYS A 138 0.96 7.95 19.69
N ALA A 139 -0.26 8.20 19.23
CA ALA A 139 -0.85 9.54 19.30
C ALA A 139 -1.23 9.92 20.73
N ILE A 140 -1.67 8.94 21.51
CA ILE A 140 -1.99 9.16 22.92
C ILE A 140 -0.74 9.50 23.74
N GLU A 141 0.35 8.75 23.52
CA GLU A 141 1.62 8.99 24.21
C GLU A 141 2.14 10.40 23.93
N LYS A 142 2.04 10.83 22.68
CA LYS A 142 2.40 12.19 22.27
C LYS A 142 1.39 13.24 22.72
N GLU A 143 0.25 12.79 23.25
CA GLU A 143 -0.84 13.68 23.68
C GLU A 143 -1.34 14.57 22.52
N GLN A 144 -1.47 13.98 21.33
CA GLN A 144 -2.04 14.69 20.18
C GLN A 144 -3.56 14.66 20.24
N VAL A 145 -4.18 15.69 19.69
CA VAL A 145 -5.60 15.67 19.45
C VAL A 145 -5.81 14.75 18.26
N MET A 146 -6.62 13.71 18.46
CA MET A 146 -6.89 12.73 17.42
C MET A 146 -8.16 13.07 16.68
N ILE A 147 -8.03 13.34 15.39
CA ILE A 147 -9.18 13.61 14.55
C ILE A 147 -9.48 12.35 13.75
N PHE A 148 -10.55 11.66 14.13
CA PHE A 148 -10.93 10.39 13.51
C PHE A 148 -11.85 10.61 12.33
N VAL A 149 -11.53 9.94 11.24
CA VAL A 149 -12.03 10.30 9.93
C VAL A 149 -12.38 9.04 9.14
N ALA A 150 -13.35 9.15 8.23
CA ALA A 150 -13.80 8.05 7.37
C ALA A 150 -14.48 6.88 8.12
N GLY A 151 -15.05 7.18 9.28
CA GLY A 151 -15.82 6.22 10.06
C GLY A 151 -15.08 4.96 10.45
N THR A 152 -15.64 3.83 10.04
CA THR A 152 -15.05 2.51 10.24
C THR A 152 -14.50 1.96 8.92
N GLY A 153 -14.68 2.74 7.85
CA GLY A 153 -14.29 2.30 6.51
C GLY A 153 -15.30 1.32 5.93
N PHE A 154 -16.42 1.17 6.62
CA PHE A 154 -17.48 0.25 6.25
C PHE A 154 -18.82 0.97 6.12
N PRO A 155 -19.66 0.51 5.19
CA PRO A 155 -21.02 1.03 5.10
C PRO A 155 -21.89 0.53 6.25
N TYR A 156 -23.06 1.13 6.40
CA TYR A 156 -24.05 0.72 7.41
C TYR A 156 -23.67 1.11 8.84
N PHE A 157 -22.80 2.13 8.94
CA PHE A 157 -22.45 2.74 10.22
C PHE A 157 -22.83 4.20 10.21
N THR A 158 -23.28 4.68 11.37
CA THR A 158 -23.58 6.09 11.54
C THR A 158 -22.40 6.74 12.24
N THR A 159 -22.37 8.08 12.23
CA THR A 159 -21.38 8.85 12.98
C THR A 159 -21.40 8.50 14.47
N ASP A 160 -22.59 8.25 15.02
CA ASP A 160 -22.75 7.83 16.43
C ASP A 160 -22.06 6.50 16.72
N SER A 161 -22.26 5.52 15.85
CA SER A 161 -21.65 4.19 15.98
C SER A 161 -20.13 4.28 15.93
N CYS A 162 -19.60 5.12 15.05
CA CYS A 162 -18.16 5.36 14.94
C CYS A 162 -17.63 5.99 16.21
N ALA A 163 -18.40 6.94 16.75
CA ALA A 163 -18.07 7.60 18.00
C ALA A 163 -17.98 6.58 19.14
N ALA A 164 -18.91 5.62 19.16
CA ALA A 164 -18.89 4.54 20.14
C ALA A 164 -17.63 3.68 20.01
N ILE A 165 -17.32 3.29 18.78
CA ILE A 165 -16.16 2.44 18.50
C ILE A 165 -14.86 3.14 18.85
N ARG A 166 -14.74 4.42 18.47
CA ARG A 166 -13.55 5.19 18.80
C ARG A 166 -13.41 5.42 20.30
N ALA A 167 -14.52 5.58 21.01
CA ALA A 167 -14.49 5.73 22.46
C ALA A 167 -13.95 4.49 23.15
N ALA A 168 -14.47 3.32 22.75
CA ALA A 168 -14.00 2.06 23.30
C ALA A 168 -12.53 1.81 22.94
N GLU A 169 -12.18 2.10 21.69
CA GLU A 169 -10.82 1.94 21.18
C GLU A 169 -9.80 2.81 21.91
N THR A 170 -10.17 4.04 22.21
CA THR A 170 -9.31 4.99 22.94
C THR A 170 -9.46 4.88 24.44
N GLU A 171 -10.35 3.99 24.90
CA GLU A 171 -10.67 3.84 26.32
C GLU A 171 -11.20 5.16 26.91
N SER A 172 -12.04 5.83 26.13
CA SER A 172 -12.77 7.02 26.58
C SER A 172 -14.07 6.58 27.23
N SER A 173 -14.33 7.08 28.44
CA SER A 173 -15.51 6.68 29.20
C SER A 173 -16.75 7.50 28.86
N ILE A 174 -16.55 8.58 28.10
CA ILE A 174 -17.63 9.52 27.79
C ILE A 174 -17.57 10.08 26.36
N ILE A 175 -18.74 10.18 25.72
CA ILE A 175 -18.87 10.83 24.42
C ILE A 175 -19.68 12.11 24.59
N LEU A 176 -19.09 13.24 24.20
CA LEU A 176 -19.81 14.50 24.15
C LEU A 176 -20.67 14.54 22.90
N MET A 177 -21.98 14.47 23.10
CA MET A 177 -22.94 14.37 22.01
C MET A 177 -23.56 15.73 21.72
N GLY A 178 -22.87 16.53 20.91
CA GLY A 178 -23.36 17.86 20.56
C GLY A 178 -24.57 17.80 19.66
N LYS A 179 -25.65 18.44 20.11
CA LYS A 179 -26.87 18.54 19.31
C LYS A 179 -27.00 19.98 18.79
N ASN A 180 -27.54 20.11 17.58
CA ASN A 180 -27.71 21.41 16.95
C ASN A 180 -29.07 22.03 17.25
N GLY A 181 -29.15 22.78 18.35
CA GLY A 181 -30.39 23.44 18.74
C GLY A 181 -31.04 22.98 20.04
N VAL A 182 -30.95 21.68 20.36
CA VAL A 182 -31.57 21.15 21.58
C VAL A 182 -30.63 21.07 22.79
N ASP A 183 -31.14 21.51 23.93
CA ASP A 183 -30.41 21.53 25.20
C ASP A 183 -30.03 20.15 25.74
N GLY A 184 -30.82 19.13 25.44
CA GLY A 184 -30.57 17.79 25.97
C GLY A 184 -31.53 16.73 25.44
N VAL A 185 -32.09 15.95 26.35
CA VAL A 185 -33.00 14.85 25.98
C VAL A 185 -34.43 15.09 26.51
N TYR A 186 -35.30 15.59 25.63
CA TYR A 186 -36.71 15.84 25.93
C TYR A 186 -37.55 14.72 25.33
N ASP A 187 -38.74 15.11 24.85
CA ASP A 187 -39.54 14.34 23.91
C ASP A 187 -39.95 15.30 22.77
N SER A 188 -39.00 16.15 22.39
CA SER A 188 -39.14 17.18 21.34
C SER A 188 -39.85 18.44 21.86
N ASP A 189 -39.80 19.52 21.07
CA ASP A 189 -40.44 20.79 21.45
C ASP A 189 -41.94 20.81 21.18
N PHE A 198 -37.80 17.43 30.34
CA PHE A 198 -36.35 17.48 30.30
C PHE A 198 -35.72 16.50 31.27
N TYR A 199 -34.90 15.60 30.74
CA TYR A 199 -34.13 14.66 31.55
C TYR A 199 -32.74 15.21 31.82
N GLU A 200 -32.34 15.17 33.08
CA GLU A 200 -31.03 15.64 33.51
C GLU A 200 -30.09 14.46 33.55
N HIS A 201 -30.66 13.29 33.84
CA HIS A 201 -29.95 12.02 33.91
C HIS A 201 -30.91 10.92 33.47
N ILE A 202 -30.58 10.24 32.36
CA ILE A 202 -31.31 9.05 31.94
C ILE A 202 -30.46 7.80 31.91
N THR A 203 -31.12 6.67 32.13
CA THR A 203 -30.52 5.36 31.95
C THR A 203 -30.66 4.96 30.48
N PHE A 204 -29.77 4.09 30.00
CA PHE A 204 -29.89 3.52 28.65
C PHE A 204 -31.19 2.74 28.49
N ASN A 205 -31.41 1.76 29.37
CA ASN A 205 -32.65 0.97 29.39
C ASN A 205 -33.90 1.85 29.46
N MET A 206 -33.80 2.96 30.17
CA MET A 206 -34.91 3.91 30.30
C MET A 206 -35.19 4.58 28.95
N ALA A 207 -34.12 4.93 28.22
CA ALA A 207 -34.26 5.55 26.91
C ALA A 207 -34.98 4.62 25.93
N LEU A 208 -34.76 3.32 26.08
CA LEU A 208 -35.41 2.32 25.24
C LEU A 208 -36.90 2.17 25.58
N THR A 209 -37.21 1.98 26.87
CA THR A 209 -38.59 1.89 27.34
C THR A 209 -39.35 3.14 26.92
N GLN A 210 -38.71 4.30 27.07
CA GLN A 210 -39.31 5.59 26.72
C GLN A 210 -39.39 5.82 25.21
N ASN A 211 -38.61 5.03 24.46
CA ASN A 211 -38.58 5.08 22.99
C ASN A 211 -37.94 6.35 22.43
N LEU A 212 -36.90 6.83 23.11
CA LEU A 212 -36.20 8.06 22.71
C LEU A 212 -35.12 7.75 21.67
N LYS A 213 -34.92 8.68 20.75
CA LYS A 213 -33.92 8.52 19.70
C LYS A 213 -32.67 9.33 20.03
N VAL A 214 -31.94 8.90 21.06
CA VAL A 214 -30.70 9.57 21.47
C VAL A 214 -29.62 9.30 20.43
N MET A 215 -29.42 8.02 20.15
CA MET A 215 -28.58 7.56 19.04
C MET A 215 -29.33 6.42 18.38
N ASP A 216 -28.85 5.96 17.23
CA ASP A 216 -29.37 4.75 16.60
C ASP A 216 -29.10 3.54 17.51
N ALA A 217 -29.90 2.49 17.33
CA ALA A 217 -29.84 1.30 18.19
C ALA A 217 -28.45 0.68 18.28
N THR A 218 -27.72 0.67 17.17
CA THR A 218 -26.39 0.07 17.14
C THR A 218 -25.41 0.82 18.02
N ALA A 219 -25.40 2.15 17.92
CA ALA A 219 -24.55 3.01 18.76
C ALA A 219 -24.88 2.85 20.25
N LEU A 220 -26.17 2.78 20.56
CA LEU A 220 -26.63 2.54 21.94
C LEU A 220 -26.11 1.23 22.50
N ALA A 221 -26.24 0.16 21.72
CA ALA A 221 -25.75 -1.16 22.12
C ALA A 221 -24.25 -1.17 22.37
N LEU A 222 -23.50 -0.56 21.44
CA LEU A 222 -22.05 -0.39 21.57
C LEU A 222 -21.63 0.32 22.86
N CYS A 223 -22.32 1.43 23.16
CA CYS A 223 -22.06 2.20 24.38
C CYS A 223 -22.35 1.40 25.66
N GLN A 224 -23.47 0.69 25.67
CA GLN A 224 -23.87 -0.14 26.81
C GLN A 224 -22.87 -1.29 27.04
N GLU A 225 -22.53 -1.99 25.96
CA GLU A 225 -21.63 -3.13 25.99
C GLU A 225 -20.28 -2.76 26.61
N ASN A 226 -19.82 -1.55 26.34
CA ASN A 226 -18.49 -1.11 26.76
C ASN A 226 -18.47 -0.01 27.82
N ASN A 227 -19.60 0.18 28.49
CA ASN A 227 -19.74 1.18 29.56
C ASN A 227 -19.31 2.59 29.16
N ILE A 228 -19.83 3.06 28.02
CA ILE A 228 -19.53 4.41 27.58
C ILE A 228 -20.74 5.30 27.85
N ASN A 229 -20.49 6.42 28.54
CA ASN A 229 -21.53 7.38 28.85
C ASN A 229 -21.68 8.45 27.77
N LEU A 230 -22.86 9.03 27.70
CA LEU A 230 -23.11 10.15 26.80
C LEU A 230 -23.33 11.43 27.59
N LEU A 231 -22.88 12.52 26.99
CA LEU A 231 -23.04 13.85 27.52
C LEU A 231 -23.72 14.67 26.43
N VAL A 232 -25.05 14.72 26.47
CA VAL A 232 -25.85 15.38 25.44
C VAL A 232 -26.06 16.85 25.78
N PHE A 233 -25.75 17.75 24.84
CA PHE A 233 -25.82 19.20 25.08
C PHE A 233 -26.03 19.96 23.76
N ASN A 234 -26.30 21.25 23.87
CA ASN A 234 -26.45 22.12 22.71
C ASN A 234 -25.09 22.67 22.30
N ILE A 235 -24.62 22.27 21.12
CA ILE A 235 -23.28 22.63 20.64
C ILE A 235 -23.24 23.97 19.89
N ASP A 236 -24.41 24.46 19.48
CA ASP A 236 -24.54 25.75 18.79
C ASP A 236 -24.17 26.95 19.67
N LYS A 237 -24.38 26.82 20.98
CA LYS A 237 -24.09 27.88 21.94
C LYS A 237 -22.60 28.21 22.03
N PRO A 238 -22.26 29.49 22.26
CA PRO A 238 -20.86 29.91 22.42
C PRO A 238 -20.21 29.20 23.60
N ASN A 239 -19.00 28.69 23.37
CA ASN A 239 -18.20 27.97 24.38
C ASN A 239 -18.89 26.74 25.00
N ALA A 240 -19.79 26.13 24.22
CA ALA A 240 -20.62 25.02 24.69
C ALA A 240 -19.84 23.81 25.19
N ILE A 241 -18.83 23.41 24.43
CA ILE A 241 -18.04 22.21 24.75
C ILE A 241 -17.20 22.41 26.00
N VAL A 242 -16.58 23.58 26.13
CA VAL A 242 -15.81 23.94 27.31
C VAL A 242 -16.72 23.99 28.55
N ASP A 243 -17.89 24.60 28.39
CA ASP A 243 -18.84 24.81 29.49
C ASP A 243 -19.42 23.52 30.05
N VAL A 244 -19.73 22.57 29.18
CA VAL A 244 -20.33 21.31 29.58
C VAL A 244 -19.36 20.39 30.36
N LEU A 245 -18.07 20.53 30.10
CA LEU A 245 -17.06 19.79 30.84
C LEU A 245 -16.80 20.43 32.21
N GLU A 246 -17.19 21.70 32.34
CA GLU A 246 -17.16 22.39 33.61
C GLU A 246 -18.55 22.39 34.27
N LYS A 247 -19.46 21.59 33.69
CA LYS A 247 -20.82 21.38 34.21
C LYS A 247 -21.68 22.66 34.22
N LYS A 248 -21.38 23.62 33.36
CA LYS A 248 -21.92 24.99 33.47
C LYS A 248 -23.34 25.22 32.98
N ASN A 249 -23.74 24.54 31.91
CA ASN A 249 -25.07 24.79 31.31
C ASN A 249 -26.06 23.65 31.50
N LYS A 250 -27.11 23.65 30.67
CA LYS A 250 -28.07 22.56 30.63
C LYS A 250 -27.52 21.41 29.80
N TYR A 251 -27.52 20.21 30.38
CA TYR A 251 -27.07 19.00 29.69
C TYR A 251 -27.72 17.72 30.24
N THR A 252 -27.75 16.68 29.41
CA THR A 252 -28.25 15.38 29.84
C THR A 252 -27.08 14.39 29.90
N ILE A 253 -26.98 13.66 31.01
CA ILE A 253 -26.01 12.57 31.15
C ILE A 253 -26.71 11.21 31.03
N VAL A 254 -26.23 10.39 30.09
CA VAL A 254 -26.79 9.06 29.81
C VAL A 254 -25.82 7.97 30.29
N SER A 255 -26.32 7.04 31.10
CA SER A 255 -25.47 5.99 31.72
C SER A 255 -26.23 4.70 32.02
N LYS A 256 -25.49 3.60 32.19
CA LYS A 256 -26.04 2.27 32.54
C LYS A 256 -24.94 1.35 33.07
N PRO B 16 -12.97 17.52 -36.21
CA PRO B 16 -12.91 16.94 -34.83
C PRO B 16 -12.08 15.66 -34.80
N ARG B 17 -12.77 14.51 -34.74
CA ARG B 17 -12.13 13.19 -34.66
C ARG B 17 -12.97 12.08 -35.30
N GLY B 18 -14.30 12.22 -35.24
CA GLY B 18 -15.27 11.33 -35.91
C GLY B 18 -14.90 9.88 -36.16
N SER B 19 -15.02 9.05 -35.14
CA SER B 19 -14.55 7.66 -35.20
C SER B 19 -15.66 6.59 -35.35
N HIS B 20 -15.26 5.31 -35.28
CA HIS B 20 -16.14 4.18 -35.57
C HIS B 20 -16.26 3.14 -34.44
N MET B 21 -16.92 2.01 -34.73
CA MET B 21 -17.21 0.97 -33.74
C MET B 21 -16.03 0.02 -33.45
N MET B 22 -15.05 0.00 -34.35
CA MET B 22 -13.82 -0.77 -34.14
C MET B 22 -12.57 0.02 -34.51
N ARG B 23 -11.54 -0.09 -33.66
CA ARG B 23 -10.35 0.77 -33.71
C ARG B 23 -10.73 2.24 -33.47
N LYS B 24 -11.28 2.50 -32.28
CA LYS B 24 -11.86 3.78 -31.91
C LYS B 24 -10.79 4.81 -31.61
N GLN B 25 -11.07 6.07 -31.95
CA GLN B 25 -10.21 7.18 -31.58
C GLN B 25 -10.39 7.52 -30.11
N ARG B 26 -9.32 8.02 -29.51
CA ARG B 26 -9.29 8.30 -28.08
C ARG B 26 -9.51 9.78 -27.80
N ILE B 27 -10.42 10.08 -26.87
CA ILE B 27 -10.73 11.46 -26.50
C ILE B 27 -10.72 11.67 -24.99
N VAL B 28 -10.37 12.89 -24.58
CA VAL B 28 -10.49 13.31 -23.19
C VAL B 28 -11.59 14.36 -23.11
N ILE B 29 -12.53 14.16 -22.20
CA ILE B 29 -13.54 15.17 -21.94
C ILE B 29 -13.30 15.80 -20.58
N LYS B 30 -13.02 17.10 -20.59
CA LYS B 30 -12.83 17.88 -19.37
C LYS B 30 -14.20 18.30 -18.86
N ILE B 31 -14.58 17.80 -17.70
CA ILE B 31 -15.85 18.16 -17.08
C ILE B 31 -15.58 18.87 -15.75
N SER B 32 -15.77 20.19 -15.75
CA SER B 32 -15.61 21.00 -14.56
C SER B 32 -16.71 20.69 -13.54
N GLY B 33 -16.48 21.06 -12.29
CA GLY B 33 -17.43 20.81 -11.21
C GLY B 33 -18.80 21.43 -11.44
N ALA B 34 -18.81 22.62 -12.04
CA ALA B 34 -20.05 23.35 -12.32
C ALA B 34 -21.03 22.59 -13.20
N CYS B 35 -20.53 21.65 -14.01
CA CYS B 35 -21.39 20.82 -14.88
C CYS B 35 -22.27 19.86 -14.08
N LEU B 36 -21.91 19.62 -12.83
CA LEU B 36 -22.57 18.63 -12.00
C LEU B 36 -23.51 19.25 -10.97
N LYS B 37 -23.48 20.57 -10.87
CA LYS B 37 -24.24 21.31 -9.86
C LYS B 37 -25.28 22.22 -10.50
N GLN B 38 -26.47 22.25 -9.91
CA GLN B 38 -27.54 23.14 -10.35
C GLN B 38 -27.59 24.38 -9.47
N ASN B 39 -27.70 24.17 -8.17
CA ASN B 39 -27.70 25.25 -7.19
C ASN B 39 -27.05 24.84 -5.88
N ASP B 40 -26.93 25.80 -4.95
CA ASP B 40 -26.21 25.62 -3.69
C ASP B 40 -26.81 24.58 -2.72
N SER B 41 -28.06 24.20 -2.90
CA SER B 41 -28.72 23.26 -2.00
C SER B 41 -28.14 21.85 -2.08
N SER B 42 -27.57 21.49 -3.22
CA SER B 42 -26.93 20.18 -3.39
C SER B 42 -25.67 20.29 -4.24
N ILE B 43 -24.59 19.68 -3.77
CA ILE B 43 -23.30 19.69 -4.46
C ILE B 43 -23.33 18.98 -5.83
N ILE B 44 -24.16 17.95 -5.93
CA ILE B 44 -24.34 17.20 -7.17
C ILE B 44 -25.84 17.12 -7.52
N ASP B 45 -26.16 17.51 -8.75
CA ASP B 45 -27.53 17.48 -9.25
C ASP B 45 -27.74 16.23 -10.11
N PHE B 46 -28.78 15.46 -9.79
CA PHE B 46 -29.02 14.16 -10.44
C PHE B 46 -29.37 14.23 -11.92
N ILE B 47 -30.14 15.25 -12.30
CA ILE B 47 -30.53 15.50 -13.70
C ILE B 47 -29.32 15.82 -14.59
N LYS B 48 -28.47 16.72 -14.11
CA LYS B 48 -27.25 17.12 -14.82
C LYS B 48 -26.26 15.97 -14.99
N ILE B 49 -26.04 15.22 -13.91
CA ILE B 49 -25.09 14.10 -13.94
C ILE B 49 -25.62 12.93 -14.77
N ASN B 50 -26.93 12.71 -14.74
CA ASN B 50 -27.57 11.66 -15.55
C ASN B 50 -27.56 12.00 -17.03
N ASP B 51 -27.77 13.27 -17.34
CA ASP B 51 -27.67 13.74 -18.73
C ASP B 51 -26.26 13.55 -19.27
N LEU B 52 -25.26 13.88 -18.46
CA LEU B 52 -23.86 13.66 -18.81
C LEU B 52 -23.58 12.19 -19.05
N ALA B 53 -24.07 11.33 -18.15
CA ALA B 53 -23.91 9.89 -18.26
C ALA B 53 -24.54 9.34 -19.54
N GLU B 54 -25.73 9.83 -19.88
CA GLU B 54 -26.42 9.44 -21.11
C GLU B 54 -25.59 9.74 -22.35
N GLN B 55 -24.98 10.92 -22.38
CA GLN B 55 -24.13 11.34 -23.50
C GLN B 55 -22.87 10.48 -23.60
N ILE B 56 -22.25 10.22 -22.45
CA ILE B 56 -21.03 9.41 -22.40
C ILE B 56 -21.33 7.99 -22.87
N GLU B 57 -22.51 7.47 -22.49
CA GLU B 57 -22.97 6.16 -22.93
C GLU B 57 -22.96 6.04 -24.46
N LYS B 58 -23.55 7.02 -25.13
CA LYS B 58 -23.62 7.04 -26.59
C LYS B 58 -22.24 7.23 -27.23
N ILE B 59 -21.46 8.15 -26.67
CA ILE B 59 -20.11 8.45 -27.16
C ILE B 59 -19.15 7.26 -27.02
N SER B 60 -19.30 6.49 -25.93
CA SER B 60 -18.42 5.36 -25.66
C SER B 60 -18.54 4.20 -26.66
N LYS B 61 -19.58 4.25 -27.49
CA LYS B 61 -19.77 3.26 -28.55
C LYS B 61 -18.83 3.50 -29.72
N LYS B 62 -18.43 4.76 -29.90
CA LYS B 62 -17.58 5.14 -31.04
C LYS B 62 -16.18 5.63 -30.65
N TYR B 63 -15.97 5.89 -29.36
CA TYR B 63 -14.70 6.43 -28.87
C TYR B 63 -14.25 5.75 -27.60
N ILE B 64 -12.94 5.75 -27.38
CA ILE B 64 -12.38 5.40 -26.08
C ILE B 64 -12.37 6.69 -25.28
N VAL B 65 -13.13 6.70 -24.20
CA VAL B 65 -13.42 7.94 -23.46
C VAL B 65 -12.69 8.02 -22.13
N SER B 66 -11.96 9.12 -21.96
CA SER B 66 -11.36 9.49 -20.69
C SER B 66 -12.06 10.73 -20.16
N ILE B 67 -12.56 10.65 -18.92
CA ILE B 67 -13.13 11.82 -18.28
C ILE B 67 -12.20 12.39 -17.21
N VAL B 68 -11.95 13.69 -17.29
CA VAL B 68 -11.19 14.39 -16.28
C VAL B 68 -12.11 15.37 -15.60
N LEU B 69 -12.35 15.15 -14.30
CA LEU B 69 -13.30 15.93 -13.51
C LEU B 69 -12.63 17.00 -12.65
N GLY B 70 -13.31 18.14 -12.52
CA GLY B 70 -12.96 19.15 -11.53
C GLY B 70 -13.77 18.98 -10.26
N GLY B 71 -13.49 19.80 -9.26
CA GLY B 71 -14.16 19.71 -7.97
C GLY B 71 -14.79 21.01 -7.49
N GLY B 72 -14.96 21.96 -8.41
CA GLY B 72 -15.49 23.29 -8.11
C GLY B 72 -16.88 23.34 -7.48
N ASN B 73 -17.68 22.29 -7.72
CA ASN B 73 -18.99 22.15 -7.11
C ASN B 73 -18.93 21.92 -5.58
N ILE B 74 -17.78 21.42 -5.12
CA ILE B 74 -17.57 21.07 -3.72
C ILE B 74 -16.54 22.00 -3.08
N TRP B 75 -15.46 22.27 -3.81
CA TRP B 75 -14.33 23.03 -3.28
C TRP B 75 -13.83 24.05 -4.30
N ARG B 76 -13.54 25.27 -3.84
CA ARG B 76 -12.95 26.30 -4.69
C ARG B 76 -11.83 27.07 -4.01
N GLY B 77 -11.08 27.84 -4.81
CA GLY B 77 -9.96 28.62 -4.32
C GLY B 77 -10.35 29.67 -3.29
N SER B 78 -11.55 30.21 -3.45
CA SER B 78 -12.05 31.26 -2.55
C SER B 78 -12.24 30.79 -1.11
N ILE B 79 -12.67 29.53 -0.94
CA ILE B 79 -12.86 28.95 0.40
C ILE B 79 -11.51 28.75 1.08
N ALA B 80 -10.52 28.36 0.29
CA ALA B 80 -9.14 28.18 0.79
C ALA B 80 -8.59 29.46 1.43
N LYS B 81 -8.85 30.61 0.80
CA LYS B 81 -8.42 31.91 1.32
C LYS B 81 -9.12 32.22 2.65
N GLU B 82 -10.44 32.01 2.69
CA GLU B 82 -11.25 32.20 3.90
C GLU B 82 -10.74 31.38 5.08
N LEU B 83 -10.29 30.16 4.80
CA LEU B 83 -9.84 29.24 5.83
C LEU B 83 -8.34 29.38 6.11
N ASP B 84 -7.70 30.37 5.49
CA ASP B 84 -6.26 30.60 5.65
C ASP B 84 -5.49 29.31 5.34
N MET B 85 -5.82 28.71 4.19
CA MET B 85 -5.30 27.41 3.83
C MET B 85 -4.18 27.56 2.81
N ASP B 86 -3.00 27.03 3.14
CA ASP B 86 -1.88 27.04 2.23
C ASP B 86 -2.16 26.17 1.00
N ARG B 87 -1.46 26.44 -0.09
CA ARG B 87 -1.74 25.86 -1.39
C ARG B 87 -1.69 24.32 -1.43
N ASN B 88 -0.70 23.75 -0.75
CA ASN B 88 -0.52 22.29 -0.71
C ASN B 88 -1.78 21.59 -0.19
N LEU B 89 -2.34 22.12 0.89
CA LEU B 89 -3.55 21.56 1.48
C LEU B 89 -4.79 21.88 0.66
N ALA B 90 -4.86 23.10 0.13
CA ALA B 90 -5.98 23.54 -0.68
C ALA B 90 -6.19 22.60 -1.87
N ASP B 91 -5.12 22.32 -2.59
CA ASP B 91 -5.18 21.44 -3.75
C ASP B 91 -5.50 20.00 -3.37
N ASN B 92 -5.11 19.59 -2.17
CA ASN B 92 -5.50 18.28 -1.64
C ASN B 92 -7.00 18.15 -1.41
N MET B 93 -7.62 19.23 -0.93
CA MET B 93 -9.06 19.25 -0.73
C MET B 93 -9.76 19.10 -2.07
N GLY B 94 -9.24 19.80 -3.08
CA GLY B 94 -9.76 19.72 -4.44
C GLY B 94 -9.69 18.33 -5.02
N MET B 95 -8.62 17.61 -4.72
CA MET B 95 -8.43 16.24 -5.19
C MET B 95 -9.46 15.27 -4.60
N MET B 96 -9.77 15.48 -3.32
CA MET B 96 -10.79 14.70 -2.63
C MET B 96 -12.16 14.97 -3.23
N ALA B 97 -12.42 16.23 -3.56
CA ALA B 97 -13.66 16.64 -4.23
C ALA B 97 -13.87 15.92 -5.56
N THR B 98 -12.80 15.76 -6.34
CA THR B 98 -12.91 15.09 -7.64
C THR B 98 -13.20 13.60 -7.49
N ILE B 99 -12.69 12.98 -6.43
CA ILE B 99 -12.99 11.58 -6.11
C ILE B 99 -14.48 11.40 -5.82
N ILE B 100 -15.07 12.32 -5.05
CA ILE B 100 -16.50 12.29 -4.77
C ILE B 100 -17.32 12.38 -6.07
N ASN B 101 -16.95 13.33 -6.92
CA ASN B 101 -17.57 13.50 -8.24
C ASN B 101 -17.39 12.27 -9.11
N GLY B 102 -16.19 11.70 -9.08
CA GLY B 102 -15.84 10.51 -9.86
C GLY B 102 -16.68 9.31 -9.53
N LEU B 103 -16.92 9.10 -8.23
CA LEU B 103 -17.73 7.98 -7.77
C LEU B 103 -19.20 8.17 -8.12
N ALA B 104 -19.65 9.42 -8.13
CA ALA B 104 -21.02 9.76 -8.49
C ALA B 104 -21.27 9.52 -9.97
N LEU B 105 -20.32 9.91 -10.82
CA LEU B 105 -20.44 9.72 -12.26
C LEU B 105 -20.39 8.24 -12.60
N GLU B 106 -19.52 7.49 -11.92
CA GLU B 106 -19.40 6.05 -12.12
C GLU B 106 -20.73 5.36 -11.82
N ASN B 107 -21.37 5.76 -10.72
CA ASN B 107 -22.68 5.25 -10.35
C ASN B 107 -23.71 5.49 -11.44
N ALA B 108 -23.74 6.72 -11.96
CA ALA B 108 -24.65 7.11 -13.03
C ALA B 108 -24.43 6.29 -14.30
N LEU B 109 -23.16 6.00 -14.60
CA LEU B 109 -22.80 5.22 -15.79
C LEU B 109 -23.07 3.73 -15.60
N ASN B 110 -22.91 3.24 -14.38
CA ASN B 110 -23.23 1.85 -14.06
C ASN B 110 -24.70 1.50 -14.26
N HIS B 111 -25.59 2.45 -13.93
CA HIS B 111 -27.03 2.29 -14.14
C HIS B 111 -27.39 2.21 -15.61
N LEU B 112 -26.50 2.67 -16.48
CA LEU B 112 -26.71 2.57 -17.93
C LEU B 112 -25.91 1.40 -18.53
N ASN B 113 -25.38 0.57 -17.66
CA ASN B 113 -24.58 -0.61 -18.03
C ASN B 113 -23.34 -0.33 -18.89
N VAL B 114 -22.76 0.85 -18.68
CA VAL B 114 -21.50 1.21 -19.30
C VAL B 114 -20.35 0.66 -18.45
N ASN B 115 -19.47 -0.11 -19.08
CA ASN B 115 -18.28 -0.61 -18.41
C ASN B 115 -17.35 0.58 -18.12
N THR B 116 -17.11 0.82 -16.83
CA THR B 116 -16.44 2.03 -16.41
C THR B 116 -15.51 1.79 -15.20
N ILE B 117 -14.44 2.58 -15.12
CA ILE B 117 -13.47 2.48 -14.03
C ILE B 117 -12.97 3.86 -13.57
N VAL B 118 -12.87 4.02 -12.26
CA VAL B 118 -12.34 5.24 -11.67
C VAL B 118 -10.85 5.06 -11.37
N LEU B 119 -10.03 5.88 -12.03
CA LEU B 119 -8.59 5.79 -11.88
C LEU B 119 -8.07 7.04 -11.19
N SER B 120 -7.45 6.84 -10.02
CA SER B 120 -7.06 7.95 -9.17
C SER B 120 -5.55 8.14 -9.15
N ALA B 121 -5.13 9.41 -9.13
CA ALA B 121 -3.72 9.74 -9.01
C ALA B 121 -3.24 9.53 -7.57
N ILE B 122 -4.20 9.48 -6.64
CA ILE B 122 -3.95 9.24 -5.22
C ILE B 122 -4.45 7.84 -4.86
N LYS B 123 -3.58 7.01 -4.28
CA LYS B 123 -3.98 5.68 -3.82
C LYS B 123 -5.00 5.75 -2.68
N CYS B 124 -6.11 5.03 -2.87
CA CYS B 124 -7.16 4.91 -1.88
C CYS B 124 -7.99 3.69 -2.24
N ASP B 125 -7.43 2.52 -1.95
CA ASP B 125 -7.96 1.23 -2.40
C ASP B 125 -9.40 0.91 -2.01
N LYS B 126 -9.87 1.41 -0.87
CA LYS B 126 -11.24 1.12 -0.44
C LYS B 126 -12.30 1.89 -1.23
N LEU B 127 -11.87 2.88 -2.01
CA LEU B 127 -12.76 3.76 -2.75
C LEU B 127 -12.59 3.69 -4.26
N VAL B 128 -11.34 3.66 -4.70
CA VAL B 128 -10.98 3.84 -6.10
C VAL B 128 -9.79 2.98 -6.51
N HIS B 129 -9.65 2.74 -7.81
CA HIS B 129 -8.45 2.14 -8.39
C HIS B 129 -7.38 3.20 -8.61
N GLU B 130 -6.12 2.76 -8.59
CA GLU B 130 -5.00 3.67 -8.79
C GLU B 130 -4.68 3.77 -10.28
N SER B 131 -4.43 4.99 -10.77
CA SER B 131 -3.97 5.13 -12.15
C SER B 131 -2.49 4.76 -12.24
N SER B 132 -2.13 4.11 -13.34
CA SER B 132 -0.76 3.71 -13.63
C SER B 132 -0.71 3.34 -15.10
N ALA B 133 0.50 3.20 -15.65
CA ALA B 133 0.66 2.77 -17.03
C ALA B 133 -0.07 1.46 -17.29
N ASN B 134 0.13 0.49 -16.40
CA ASN B 134 -0.51 -0.82 -16.52
C ASN B 134 -2.04 -0.76 -16.49
N ASN B 135 -2.59 -0.05 -15.51
CA ASN B 135 -4.05 0.01 -15.35
C ASN B 135 -4.77 0.80 -16.44
N ILE B 136 -4.11 1.82 -16.98
CA ILE B 136 -4.66 2.57 -18.11
C ILE B 136 -4.71 1.65 -19.34
N LYS B 137 -3.56 1.03 -19.65
CA LYS B 137 -3.47 0.04 -20.73
C LYS B 137 -4.54 -1.04 -20.61
N LYS B 138 -4.71 -1.59 -19.40
CA LYS B 138 -5.71 -2.61 -19.11
C LYS B 138 -7.14 -2.10 -19.33
N ALA B 139 -7.38 -0.84 -18.95
CA ALA B 139 -8.71 -0.24 -19.11
C ALA B 139 -9.05 0.05 -20.56
N ILE B 140 -8.03 0.41 -21.35
CA ILE B 140 -8.20 0.65 -22.78
C ILE B 140 -8.49 -0.64 -23.54
N GLU B 141 -7.77 -1.71 -23.22
CA GLU B 141 -8.02 -3.04 -23.80
C GLU B 141 -9.46 -3.50 -23.58
N LYS B 142 -9.95 -3.30 -22.35
CA LYS B 142 -11.31 -3.65 -21.98
C LYS B 142 -12.33 -2.63 -22.50
N GLU B 143 -11.82 -1.55 -23.09
CA GLU B 143 -12.63 -0.43 -23.59
C GLU B 143 -13.59 0.13 -22.55
N GLN B 144 -13.07 0.32 -21.33
CA GLN B 144 -13.84 0.94 -20.27
C GLN B 144 -13.78 2.45 -20.39
N VAL B 145 -14.83 3.11 -19.93
CA VAL B 145 -14.82 4.54 -19.78
C VAL B 145 -13.95 4.83 -18.56
N MET B 146 -12.89 5.61 -18.76
CA MET B 146 -11.94 5.92 -17.72
C MET B 146 -12.26 7.25 -17.07
N ILE B 147 -12.59 7.22 -15.79
CA ILE B 147 -12.86 8.43 -15.02
C ILE B 147 -11.63 8.77 -14.20
N PHE B 148 -10.89 9.78 -14.65
CA PHE B 148 -9.64 10.20 -14.02
C PHE B 148 -9.90 11.19 -12.90
N VAL B 149 -9.27 10.94 -11.77
CA VAL B 149 -9.66 11.54 -10.51
C VAL B 149 -8.43 11.91 -9.68
N ALA B 150 -8.57 12.95 -8.85
CA ALA B 150 -7.50 13.45 -7.97
C ALA B 150 -6.30 14.07 -8.72
N GLY B 151 -6.57 14.57 -9.93
CA GLY B 151 -5.56 15.26 -10.73
C GLY B 151 -4.30 14.47 -11.01
N THR B 152 -3.17 15.03 -10.57
CA THR B 152 -1.87 14.39 -10.68
C THR B 152 -1.37 13.92 -9.32
N GLY B 153 -2.16 14.21 -8.29
CA GLY B 153 -1.76 13.91 -6.92
C GLY B 153 -0.79 14.93 -6.37
N PHE B 154 -0.59 15.99 -7.13
CA PHE B 154 0.34 17.07 -6.77
C PHE B 154 -0.39 18.40 -6.77
N PRO B 155 0.03 19.32 -5.86
CA PRO B 155 -0.48 20.68 -5.88
C PRO B 155 0.09 21.47 -7.07
N TYR B 156 -0.50 22.64 -7.33
CA TYR B 156 -0.04 23.56 -8.40
C TYR B 156 -0.40 23.08 -9.80
N PHE B 157 -1.41 22.23 -9.88
CA PHE B 157 -1.98 21.81 -11.15
C PHE B 157 -3.43 22.21 -11.23
N THR B 158 -3.87 22.57 -12.42
CA THR B 158 -5.28 22.86 -12.66
C THR B 158 -5.92 21.65 -13.30
N THR B 159 -7.24 21.64 -13.34
CA THR B 159 -7.99 20.60 -14.06
C THR B 159 -7.56 20.53 -15.53
N ASP B 160 -7.29 21.68 -16.14
CA ASP B 160 -6.84 21.77 -17.52
C ASP B 160 -5.50 21.06 -17.75
N SER B 161 -4.54 21.30 -16.86
CA SER B 161 -3.23 20.66 -16.96
C SER B 161 -3.30 19.14 -16.76
N CYS B 162 -4.19 18.69 -15.86
CA CYS B 162 -4.44 17.25 -15.70
C CYS B 162 -5.08 16.65 -16.94
N ALA B 163 -5.98 17.40 -17.56
CA ALA B 163 -6.59 16.96 -18.82
C ALA B 163 -5.52 16.79 -19.91
N ALA B 164 -4.55 17.69 -19.93
CA ALA B 164 -3.45 17.60 -20.89
C ALA B 164 -2.60 16.36 -20.65
N ILE B 165 -2.24 16.14 -19.39
CA ILE B 165 -1.43 14.99 -19.00
C ILE B 165 -2.15 13.67 -19.28
N ARG B 166 -3.44 13.61 -18.99
CA ARG B 166 -4.23 12.41 -19.24
C ARG B 166 -4.39 12.16 -20.73
N ALA B 167 -4.51 13.24 -21.51
CA ALA B 167 -4.61 13.14 -22.96
C ALA B 167 -3.34 12.53 -23.55
N ALA B 168 -2.19 13.04 -23.13
CA ALA B 168 -0.89 12.52 -23.57
C ALA B 168 -0.70 11.07 -23.14
N GLU B 169 -1.05 10.78 -21.90
CA GLU B 169 -0.91 9.44 -21.31
C GLU B 169 -1.77 8.39 -22.02
N THR B 170 -2.98 8.77 -22.40
CA THR B 170 -3.91 7.87 -23.07
C THR B 170 -3.74 7.93 -24.59
N GLU B 171 -2.83 8.78 -25.07
CA GLU B 171 -2.61 9.04 -26.50
C GLU B 171 -3.90 9.54 -27.18
N SER B 172 -4.59 10.44 -26.48
CA SER B 172 -5.76 11.14 -27.02
C SER B 172 -5.25 12.37 -27.75
N SER B 173 -5.71 12.55 -28.98
CA SER B 173 -5.28 13.68 -29.81
C SER B 173 -6.09 14.96 -29.54
N ILE B 174 -7.20 14.82 -28.83
CA ILE B 174 -8.10 15.95 -28.61
C ILE B 174 -8.74 15.98 -27.21
N ILE B 175 -8.84 17.19 -26.65
CA ILE B 175 -9.55 17.42 -25.39
C ILE B 175 -10.81 18.23 -25.66
N LEU B 176 -11.96 17.67 -25.28
CA LEU B 176 -13.21 18.41 -25.37
C LEU B 176 -13.29 19.33 -24.16
N MET B 177 -13.20 20.63 -24.42
CA MET B 177 -13.15 21.64 -23.39
C MET B 177 -14.51 22.30 -23.21
N GLY B 178 -15.37 21.67 -22.41
CA GLY B 178 -16.69 22.22 -22.13
C GLY B 178 -16.64 23.49 -21.30
N LYS B 179 -17.23 24.55 -21.84
CA LYS B 179 -17.37 25.82 -21.12
C LYS B 179 -18.82 25.98 -20.66
N ASN B 180 -19.00 26.61 -19.50
CA ASN B 180 -20.33 26.83 -18.94
C ASN B 180 -20.90 28.18 -19.37
N GLY B 181 -21.60 28.19 -20.50
CA GLY B 181 -22.24 29.40 -21.00
C GLY B 181 -21.74 29.90 -22.34
N VAL B 182 -20.50 29.58 -22.72
CA VAL B 182 -19.93 30.12 -23.95
C VAL B 182 -19.76 29.07 -25.06
N ASP B 183 -20.20 29.45 -26.26
CA ASP B 183 -20.19 28.59 -27.45
C ASP B 183 -18.79 28.16 -27.97
N GLY B 184 -17.76 28.93 -27.64
CA GLY B 184 -16.39 28.66 -28.09
C GLY B 184 -15.41 29.71 -27.64
N VAL B 185 -14.55 30.17 -28.55
CA VAL B 185 -13.58 31.23 -28.29
C VAL B 185 -13.96 32.52 -29.01
N TYR B 186 -14.01 33.62 -28.26
CA TYR B 186 -14.35 34.96 -28.77
C TYR B 186 -13.26 35.98 -28.40
N ASP B 187 -13.64 37.27 -28.41
CA ASP B 187 -12.78 38.36 -27.96
C ASP B 187 -13.19 38.84 -26.57
N PRO B 194 -20.36 42.16 -25.00
CA PRO B 194 -21.31 41.52 -25.90
C PRO B 194 -20.91 41.60 -27.38
N ASN B 195 -21.71 40.95 -28.23
CA ASN B 195 -21.55 40.89 -29.70
C ASN B 195 -20.13 40.66 -30.28
N ALA B 196 -19.35 39.81 -29.60
CA ALA B 196 -17.97 39.53 -29.99
C ALA B 196 -17.83 38.70 -31.28
N GLN B 197 -16.60 38.63 -31.79
CA GLN B 197 -16.29 37.87 -33.00
C GLN B 197 -15.83 36.45 -32.68
N PHE B 198 -16.37 35.47 -33.40
CA PHE B 198 -16.15 34.05 -33.13
C PHE B 198 -14.97 33.51 -33.91
N TYR B 199 -14.13 32.73 -33.24
CA TYR B 199 -13.01 32.03 -33.87
C TYR B 199 -13.43 30.59 -34.14
N GLU B 200 -13.34 30.17 -35.41
CA GLU B 200 -13.58 28.77 -35.76
C GLU B 200 -12.34 27.93 -35.44
N HIS B 201 -11.18 28.59 -35.49
CA HIS B 201 -9.90 27.94 -35.27
C HIS B 201 -8.88 28.98 -34.80
N ILE B 202 -8.09 28.62 -33.80
CA ILE B 202 -6.94 29.42 -33.38
C ILE B 202 -5.73 28.53 -33.18
N THR B 203 -4.55 29.12 -33.32
CA THR B 203 -3.29 28.44 -33.01
C THR B 203 -3.01 28.63 -31.53
N PHE B 204 -2.13 27.80 -30.99
CA PHE B 204 -1.66 27.99 -29.61
C PHE B 204 -0.88 29.30 -29.49
N ASN B 205 -0.10 29.61 -30.52
CA ASN B 205 0.58 30.90 -30.60
C ASN B 205 -0.46 32.02 -30.52
N MET B 206 -1.41 31.99 -31.46
CA MET B 206 -2.54 32.91 -31.48
C MET B 206 -3.33 32.95 -30.16
N ALA B 207 -3.29 31.85 -29.40
CA ALA B 207 -3.98 31.78 -28.12
C ALA B 207 -3.38 32.77 -27.10
N LEU B 208 -2.08 32.62 -26.84
CA LEU B 208 -1.40 33.50 -25.91
C LEU B 208 -1.24 34.93 -26.45
N THR B 209 -0.77 35.02 -27.70
CA THR B 209 -0.46 36.31 -28.35
C THR B 209 -1.66 37.26 -28.41
N GLN B 210 -2.86 36.72 -28.24
CA GLN B 210 -4.08 37.53 -28.25
C GLN B 210 -4.71 37.63 -26.85
N ASN B 211 -3.93 37.34 -25.82
CA ASN B 211 -4.37 37.42 -24.42
C ASN B 211 -5.62 36.58 -24.10
N LEU B 212 -5.95 35.67 -25.01
CA LEU B 212 -7.14 34.82 -24.87
C LEU B 212 -6.87 33.65 -23.93
N LYS B 213 -7.40 33.77 -22.71
CA LYS B 213 -7.15 32.77 -21.67
C LYS B 213 -7.99 31.50 -21.87
N VAL B 214 -7.57 30.65 -22.81
CA VAL B 214 -8.30 29.43 -23.12
C VAL B 214 -8.05 28.38 -22.03
N MET B 215 -6.78 28.17 -21.69
CA MET B 215 -6.38 27.41 -20.51
C MET B 215 -5.24 28.17 -19.87
N ASP B 216 -4.84 27.75 -18.68
CA ASP B 216 -3.64 28.29 -18.03
C ASP B 216 -2.40 27.97 -18.87
N ALA B 217 -1.37 28.78 -18.71
CA ALA B 217 -0.14 28.66 -19.49
C ALA B 217 0.47 27.26 -19.48
N THR B 218 0.43 26.59 -18.32
CA THR B 218 1.00 25.25 -18.18
C THR B 218 0.27 24.22 -19.05
N ALA B 219 -1.07 24.23 -18.99
CA ALA B 219 -1.90 23.35 -19.81
C ALA B 219 -1.68 23.59 -21.31
N LEU B 220 -1.59 24.86 -21.71
CA LEU B 220 -1.28 25.23 -23.08
C LEU B 220 0.06 24.63 -23.56
N ALA B 221 1.09 24.79 -22.74
CA ALA B 221 2.43 24.28 -23.03
C ALA B 221 2.42 22.77 -23.22
N LEU B 222 1.77 22.08 -22.28
CA LEU B 222 1.60 20.62 -22.32
C LEU B 222 0.91 20.13 -23.57
N CYS B 223 -0.16 20.82 -23.98
CA CYS B 223 -0.88 20.49 -25.21
C CYS B 223 -0.04 20.70 -26.48
N GLN B 224 0.69 21.82 -26.54
CA GLN B 224 1.61 22.13 -27.64
C GLN B 224 2.73 21.10 -27.77
N GLU B 225 3.40 20.83 -26.65
CA GLU B 225 4.50 19.87 -26.58
C GLU B 225 4.12 18.48 -27.12
N ASN B 226 2.88 18.07 -26.86
CA ASN B 226 2.43 16.72 -27.19
C ASN B 226 1.39 16.64 -28.31
N ASN B 227 1.26 17.75 -29.05
CA ASN B 227 0.30 17.87 -30.16
C ASN B 227 -1.12 17.43 -29.80
N ILE B 228 -1.65 17.98 -28.72
CA ILE B 228 -3.03 17.75 -28.32
C ILE B 228 -3.88 18.96 -28.70
N ASN B 229 -4.97 18.71 -29.40
CA ASN B 229 -5.88 19.75 -29.82
C ASN B 229 -7.00 19.98 -28.81
N LEU B 230 -7.58 21.17 -28.84
CA LEU B 230 -8.73 21.47 -28.01
C LEU B 230 -9.98 21.64 -28.86
N LEU B 231 -11.12 21.20 -28.32
CA LEU B 231 -12.41 21.40 -28.93
C LEU B 231 -13.27 22.13 -27.89
N VAL B 232 -13.30 23.45 -28.02
CA VAL B 232 -13.97 24.35 -27.07
C VAL B 232 -15.43 24.53 -27.48
N PHE B 233 -16.35 24.28 -26.55
CA PHE B 233 -17.79 24.38 -26.83
C PHE B 233 -18.61 24.69 -25.58
N ASN B 234 -19.90 24.95 -25.77
CA ASN B 234 -20.86 25.18 -24.70
C ASN B 234 -21.42 23.85 -24.17
N ILE B 235 -21.05 23.50 -22.94
CA ILE B 235 -21.42 22.20 -22.37
C ILE B 235 -22.80 22.21 -21.70
N ASP B 236 -23.31 23.39 -21.37
CA ASP B 236 -24.61 23.56 -20.74
C ASP B 236 -25.79 23.17 -21.62
N LYS B 237 -25.61 23.32 -22.94
CA LYS B 237 -26.64 22.97 -23.92
C LYS B 237 -26.98 21.48 -23.93
N PRO B 238 -28.25 21.12 -24.18
CA PRO B 238 -28.66 19.73 -24.26
C PRO B 238 -27.95 18.98 -25.38
N ASN B 239 -27.48 17.78 -25.08
CA ASN B 239 -26.73 16.94 -26.02
C ASN B 239 -25.45 17.57 -26.60
N ALA B 240 -24.86 18.51 -25.86
CA ALA B 240 -23.72 19.30 -26.35
C ALA B 240 -22.50 18.47 -26.72
N ILE B 241 -22.15 17.49 -25.89
CA ILE B 241 -20.95 16.67 -26.10
C ILE B 241 -21.11 15.76 -27.33
N VAL B 242 -22.29 15.15 -27.45
CA VAL B 242 -22.63 14.30 -28.59
C VAL B 242 -22.61 15.12 -29.89
N ASP B 243 -23.22 16.30 -29.85
CA ASP B 243 -23.36 17.16 -31.02
C ASP B 243 -22.05 17.73 -31.56
N VAL B 244 -21.11 18.08 -30.66
CA VAL B 244 -19.82 18.63 -31.13
C VAL B 244 -18.91 17.59 -31.78
N LEU B 245 -19.09 16.32 -31.39
CA LEU B 245 -18.36 15.22 -32.02
C LEU B 245 -18.94 14.90 -33.40
N GLU B 246 -20.19 15.28 -33.61
CA GLU B 246 -20.84 15.22 -34.91
C GLU B 246 -20.76 16.57 -35.64
N LYS B 247 -19.98 17.51 -35.07
CA LYS B 247 -19.73 18.82 -35.66
C LYS B 247 -21.00 19.68 -35.84
N LYS B 248 -22.00 19.44 -34.99
CA LYS B 248 -23.35 19.99 -35.18
C LYS B 248 -23.58 21.46 -34.77
N ASN B 249 -22.90 21.93 -33.74
CA ASN B 249 -23.15 23.26 -33.19
C ASN B 249 -22.02 24.25 -33.41
N LYS B 250 -22.03 25.35 -32.68
CA LYS B 250 -20.90 26.28 -32.67
C LYS B 250 -19.79 25.76 -31.74
N TYR B 251 -18.58 25.72 -32.27
CA TYR B 251 -17.39 25.26 -31.54
C TYR B 251 -16.08 25.84 -32.08
N THR B 252 -15.02 25.74 -31.29
CA THR B 252 -13.69 26.19 -31.70
C THR B 252 -12.65 25.08 -31.60
N ILE B 253 -11.85 24.91 -32.65
CA ILE B 253 -10.68 24.04 -32.63
C ILE B 253 -9.47 24.87 -32.26
N VAL B 254 -8.73 24.43 -31.24
CA VAL B 254 -7.41 24.98 -30.98
C VAL B 254 -6.40 23.92 -31.41
N SER B 255 -5.42 24.32 -32.21
CA SER B 255 -4.39 23.40 -32.70
C SER B 255 -3.15 24.13 -33.22
N LYS B 256 -2.11 23.37 -33.55
CA LYS B 256 -0.94 23.91 -34.25
C LYS B 256 -1.31 24.29 -35.69
N LYS C 24 -30.83 -14.80 -8.14
CA LYS C 24 -30.05 -15.75 -7.27
C LYS C 24 -29.85 -15.18 -5.87
N GLN C 25 -30.53 -15.79 -4.90
CA GLN C 25 -30.55 -15.30 -3.52
C GLN C 25 -29.19 -15.25 -2.83
N ARG C 26 -28.97 -14.21 -2.02
CA ARG C 26 -27.70 -14.00 -1.32
C ARG C 26 -27.80 -14.36 0.16
N ILE C 27 -26.84 -15.14 0.65
CA ILE C 27 -26.85 -15.62 2.04
C ILE C 27 -25.48 -15.45 2.70
N VAL C 28 -25.51 -15.24 4.01
CA VAL C 28 -24.29 -15.23 4.82
C VAL C 28 -24.31 -16.45 5.74
N ILE C 29 -23.24 -17.23 5.73
CA ILE C 29 -23.10 -18.33 6.67
C ILE C 29 -22.04 -17.97 7.71
N LYS C 30 -22.48 -17.88 8.97
CA LYS C 30 -21.58 -17.63 10.08
C LYS C 30 -20.98 -18.96 10.53
N ILE C 31 -19.67 -19.10 10.35
CA ILE C 31 -18.96 -20.31 10.76
C ILE C 31 -17.97 -19.98 11.89
N SER C 32 -18.33 -20.36 13.11
CA SER C 32 -17.46 -20.18 14.27
C SER C 32 -16.21 -21.05 14.14
N GLY C 33 -15.19 -20.70 14.91
CA GLY C 33 -13.93 -21.45 14.91
C GLY C 33 -14.10 -22.92 15.30
N ALA C 34 -14.99 -23.18 16.25
CA ALA C 34 -15.24 -24.54 16.74
C ALA C 34 -15.72 -25.52 15.66
N CYS C 35 -16.30 -24.99 14.56
CA CYS C 35 -16.74 -25.82 13.44
C CYS C 35 -15.58 -26.45 12.67
N LEU C 36 -14.38 -25.90 12.84
CA LEU C 36 -13.21 -26.32 12.08
C LEU C 36 -12.26 -27.17 12.91
N LYS C 37 -12.55 -27.31 14.19
CA LYS C 37 -11.67 -28.00 15.14
C LYS C 37 -12.35 -29.24 15.70
N GLN C 38 -11.60 -30.35 15.79
CA GLN C 38 -12.11 -31.56 16.43
C GLN C 38 -11.61 -31.66 17.86
N ASN C 39 -10.29 -31.52 18.01
CA ASN C 39 -9.60 -31.76 19.26
C ASN C 39 -8.40 -30.81 19.39
N ASP C 40 -7.84 -30.71 20.61
CA ASP C 40 -6.74 -29.79 20.91
C ASP C 40 -5.41 -30.06 20.18
N SER C 41 -5.26 -31.27 19.63
CA SER C 41 -4.01 -31.65 18.95
C SER C 41 -3.79 -30.90 17.62
N SER C 42 -4.88 -30.47 16.99
CA SER C 42 -4.79 -29.66 15.77
C SER C 42 -5.84 -28.55 15.75
N ILE C 43 -5.40 -27.34 15.42
CA ILE C 43 -6.27 -26.17 15.35
C ILE C 43 -7.34 -26.29 14.25
N ILE C 44 -6.99 -26.98 13.17
CA ILE C 44 -7.93 -27.22 12.08
C ILE C 44 -7.99 -28.72 11.76
N ASP C 45 -9.20 -29.26 11.73
CA ASP C 45 -9.45 -30.66 11.39
C ASP C 45 -9.84 -30.76 9.91
N PHE C 46 -9.16 -31.65 9.18
CA PHE C 46 -9.35 -31.79 7.74
C PHE C 46 -10.72 -32.36 7.34
N ILE C 47 -11.24 -33.30 8.12
CA ILE C 47 -12.56 -33.90 7.88
C ILE C 47 -13.68 -32.85 8.02
N LYS C 48 -13.64 -32.10 9.11
CA LYS C 48 -14.65 -31.06 9.39
C LYS C 48 -14.64 -29.95 8.35
N ILE C 49 -13.46 -29.46 7.99
CA ILE C 49 -13.35 -28.39 7.00
C ILE C 49 -13.69 -28.87 5.58
N ASN C 50 -13.37 -30.12 5.27
CA ASN C 50 -13.72 -30.71 3.98
C ASN C 50 -15.22 -30.93 3.84
N ASP C 51 -15.86 -31.35 4.93
CA ASP C 51 -17.32 -31.51 4.97
C ASP C 51 -18.00 -30.18 4.75
N LEU C 52 -17.50 -29.14 5.42
CA LEU C 52 -17.96 -27.77 5.23
C LEU C 52 -17.84 -27.34 3.78
N ALA C 53 -16.66 -27.55 3.20
CA ALA C 53 -16.39 -27.22 1.80
C ALA C 53 -17.34 -27.95 0.84
N GLU C 54 -17.59 -29.23 1.09
CA GLU C 54 -18.54 -30.04 0.30
C GLU C 54 -19.93 -29.40 0.28
N GLN C 55 -20.40 -28.98 1.45
CA GLN C 55 -21.70 -28.35 1.58
C GLN C 55 -21.76 -27.00 0.85
N ILE C 56 -20.71 -26.18 1.01
CA ILE C 56 -20.61 -24.88 0.34
C ILE C 56 -20.62 -25.07 -1.17
N GLU C 57 -19.91 -26.09 -1.65
CA GLU C 57 -19.90 -26.41 -3.07
C GLU C 57 -21.30 -26.59 -3.64
N LYS C 58 -22.11 -27.41 -2.97
CA LYS C 58 -23.49 -27.65 -3.39
C LYS C 58 -24.37 -26.41 -3.28
N ILE C 59 -24.24 -25.69 -2.16
CA ILE C 59 -25.02 -24.48 -1.89
C ILE C 59 -24.71 -23.36 -2.90
N SER C 60 -23.45 -23.26 -3.31
CA SER C 60 -22.99 -22.20 -4.23
C SER C 60 -23.62 -22.29 -5.62
N LYS C 61 -24.25 -23.43 -5.92
CA LYS C 61 -24.93 -23.58 -7.21
C LYS C 61 -26.28 -22.88 -7.23
N LYS C 62 -26.89 -22.73 -6.05
CA LYS C 62 -28.20 -22.09 -5.91
C LYS C 62 -28.18 -20.70 -5.25
N TYR C 63 -27.08 -20.39 -4.56
CA TYR C 63 -26.99 -19.15 -3.80
C TYR C 63 -25.66 -18.44 -4.01
N ILE C 64 -25.68 -17.12 -3.82
CA ILE C 64 -24.47 -16.31 -3.71
C ILE C 64 -24.06 -16.40 -2.26
N VAL C 65 -22.90 -17.01 -2.00
CA VAL C 65 -22.49 -17.38 -0.66
C VAL C 65 -21.41 -16.46 -0.08
N SER C 66 -21.71 -15.88 1.08
CA SER C 66 -20.70 -15.18 1.87
C SER C 66 -20.44 -15.97 3.15
N ILE C 67 -19.17 -16.26 3.40
CA ILE C 67 -18.77 -16.93 4.63
C ILE C 67 -18.08 -15.96 5.59
N VAL C 68 -18.57 -15.92 6.83
CA VAL C 68 -17.97 -15.11 7.88
C VAL C 68 -17.42 -16.05 8.95
N LEU C 69 -16.09 -16.05 9.11
CA LEU C 69 -15.41 -17.01 9.99
C LEU C 69 -15.01 -16.40 11.32
N GLY C 70 -15.10 -17.21 12.38
CA GLY C 70 -14.51 -16.87 13.67
C GLY C 70 -13.13 -17.47 13.80
N GLY C 71 -12.46 -17.19 14.92
CA GLY C 71 -11.10 -17.70 15.15
C GLY C 71 -10.93 -18.41 16.48
N GLY C 72 -12.05 -18.80 17.09
CA GLY C 72 -12.05 -19.49 18.38
C GLY C 72 -11.24 -20.78 18.50
N ASN C 73 -11.02 -21.46 17.37
CA ASN C 73 -10.19 -22.66 17.32
C ASN C 73 -8.71 -22.36 17.55
N ILE C 74 -8.33 -21.10 17.33
CA ILE C 74 -6.94 -20.64 17.40
C ILE C 74 -6.76 -19.67 18.57
N TRP C 75 -7.71 -18.74 18.71
CA TRP C 75 -7.62 -17.69 19.70
C TRP C 75 -8.95 -17.45 20.43
N ARG C 76 -8.88 -17.28 21.75
CA ARG C 76 -10.08 -17.02 22.59
C ARG C 76 -9.86 -15.87 23.57
N GLY C 77 -10.97 -15.35 24.09
CA GLY C 77 -10.94 -14.31 25.12
C GLY C 77 -10.22 -14.71 26.41
N SER C 78 -10.29 -16.00 26.75
CA SER C 78 -9.67 -16.52 27.97
C SER C 78 -8.13 -16.45 27.94
N ILE C 79 -7.54 -16.67 26.77
CA ILE C 79 -6.09 -16.58 26.61
C ILE C 79 -5.61 -15.13 26.74
N ALA C 80 -6.42 -14.20 26.24
CA ALA C 80 -6.13 -12.77 26.34
C ALA C 80 -5.98 -12.31 27.81
N LYS C 81 -6.86 -12.80 28.68
CA LYS C 81 -6.81 -12.51 30.11
C LYS C 81 -5.53 -13.05 30.75
N GLU C 82 -5.19 -14.29 30.43
CA GLU C 82 -3.97 -14.94 30.92
C GLU C 82 -2.71 -14.18 30.53
N LEU C 83 -2.72 -13.62 29.33
CA LEU C 83 -1.56 -12.90 28.80
C LEU C 83 -1.58 -11.43 29.14
N ASP C 84 -2.57 -11.02 29.96
CA ASP C 84 -2.76 -9.62 30.37
C ASP C 84 -2.80 -8.72 29.14
N MET C 85 -3.65 -9.10 28.21
CA MET C 85 -3.69 -8.49 26.90
C MET C 85 -4.88 -7.56 26.83
N ASP C 86 -4.62 -6.28 26.53
CA ASP C 86 -5.70 -5.32 26.41
C ASP C 86 -6.53 -5.63 25.16
N ARG C 87 -7.76 -5.12 25.13
CA ARG C 87 -8.76 -5.51 24.14
C ARG C 87 -8.36 -5.21 22.68
N ASN C 88 -7.75 -4.06 22.45
CA ASN C 88 -7.29 -3.67 21.11
C ASN C 88 -6.42 -4.75 20.49
N LEU C 89 -5.46 -5.24 21.27
CA LEU C 89 -4.54 -6.27 20.81
C LEU C 89 -5.20 -7.64 20.72
N ALA C 90 -6.03 -7.96 21.72
CA ALA C 90 -6.71 -9.25 21.76
C ALA C 90 -7.55 -9.47 20.52
N ASP C 91 -8.34 -8.47 20.14
CA ASP C 91 -9.16 -8.54 18.95
C ASP C 91 -8.32 -8.61 17.65
N ASN C 92 -7.12 -8.02 17.67
CA ASN C 92 -6.19 -8.14 16.55
C ASN C 92 -5.70 -9.57 16.35
N MET C 93 -5.42 -10.25 17.47
CA MET C 93 -5.02 -11.66 17.43
C MET C 93 -6.12 -12.48 16.77
N GLY C 94 -7.36 -12.22 17.18
CA GLY C 94 -8.53 -12.90 16.65
C GLY C 94 -8.68 -12.72 15.16
N MET C 95 -8.36 -11.52 14.67
CA MET C 95 -8.49 -11.23 13.25
C MET C 95 -7.46 -11.98 12.41
N MET C 96 -6.25 -12.14 12.94
CA MET C 96 -5.22 -12.93 12.24
C MET C 96 -5.62 -14.41 12.25
N ALA C 97 -6.25 -14.85 13.33
CA ALA C 97 -6.81 -16.20 13.44
C ALA C 97 -7.83 -16.52 12.34
N THR C 98 -8.72 -15.56 12.06
CA THR C 98 -9.71 -15.73 11.00
C THR C 98 -9.08 -15.81 9.61
N ILE C 99 -7.98 -15.09 9.40
CA ILE C 99 -7.24 -15.16 8.13
C ILE C 99 -6.69 -16.56 7.89
N ILE C 100 -6.10 -17.14 8.93
CA ILE C 100 -5.59 -18.51 8.87
C ILE C 100 -6.72 -19.46 8.46
N ASN C 101 -7.84 -19.36 9.16
CA ASN C 101 -9.03 -20.15 8.87
C ASN C 101 -9.54 -19.93 7.47
N GLY C 102 -9.54 -18.67 7.05
CA GLY C 102 -10.01 -18.27 5.72
C GLY C 102 -9.21 -18.88 4.59
N LEU C 103 -7.89 -18.93 4.77
CA LEU C 103 -7.01 -19.50 3.76
C LEU C 103 -7.13 -21.02 3.70
N ALA C 104 -7.39 -21.64 4.85
CA ALA C 104 -7.64 -23.07 4.93
C ALA C 104 -8.92 -23.47 4.22
N LEU C 105 -9.98 -22.71 4.44
CA LEU C 105 -11.26 -23.00 3.79
C LEU C 105 -11.18 -22.76 2.29
N GLU C 106 -10.49 -21.69 1.88
CA GLU C 106 -10.28 -21.43 0.46
C GLU C 106 -9.58 -22.60 -0.23
N ASN C 107 -8.54 -23.13 0.43
CA ASN C 107 -7.82 -24.29 -0.07
C ASN C 107 -8.73 -25.50 -0.28
N ALA C 108 -9.57 -25.78 0.72
CA ALA C 108 -10.53 -26.88 0.67
C ALA C 108 -11.54 -26.71 -0.46
N LEU C 109 -11.96 -25.47 -0.70
CA LEU C 109 -12.91 -25.16 -1.78
C LEU C 109 -12.26 -25.19 -3.16
N ASN C 110 -10.99 -24.79 -3.23
CA ASN C 110 -10.24 -24.83 -4.49
C ASN C 110 -10.09 -26.25 -5.02
N HIS C 111 -9.89 -27.21 -4.12
CA HIS C 111 -9.78 -28.62 -4.48
C HIS C 111 -11.10 -29.21 -5.01
N LEU C 112 -12.21 -28.51 -4.76
CA LEU C 112 -13.52 -28.90 -5.28
C LEU C 112 -13.90 -28.05 -6.49
N ASN C 113 -12.94 -27.29 -7.00
CA ASN C 113 -13.12 -26.42 -8.18
C ASN C 113 -14.18 -25.32 -8.03
N VAL C 114 -14.42 -24.90 -6.79
CA VAL C 114 -15.32 -23.79 -6.50
C VAL C 114 -14.55 -22.48 -6.66
N ASN C 115 -15.08 -21.59 -7.49
CA ASN C 115 -14.51 -20.25 -7.66
C ASN C 115 -14.72 -19.47 -6.36
N THR C 116 -13.63 -19.11 -5.71
CA THR C 116 -13.68 -18.51 -4.38
C THR C 116 -12.64 -17.41 -4.17
N ILE C 117 -12.96 -16.46 -3.29
CA ILE C 117 -12.05 -15.36 -2.96
C ILE C 117 -12.10 -15.01 -1.48
N VAL C 118 -10.92 -14.77 -0.90
CA VAL C 118 -10.80 -14.34 0.49
C VAL C 118 -10.75 -12.81 0.53
N LEU C 119 -11.74 -12.22 1.19
CA LEU C 119 -11.80 -10.76 1.30
C LEU C 119 -11.60 -10.33 2.75
N SER C 120 -10.53 -9.56 2.97
CA SER C 120 -10.10 -9.21 4.32
C SER C 120 -10.38 -7.76 4.66
N ALA C 121 -10.81 -7.53 5.89
CA ALA C 121 -11.04 -6.20 6.41
C ALA C 121 -9.70 -5.48 6.66
N ILE C 122 -8.64 -6.27 6.80
CA ILE C 122 -7.29 -5.77 7.01
C ILE C 122 -6.42 -6.05 5.78
N LYS C 123 -5.79 -5.00 5.25
CA LYS C 123 -4.90 -5.13 4.10
C LYS C 123 -3.69 -6.00 4.40
N CYS C 124 -3.47 -7.01 3.55
CA CYS C 124 -2.32 -7.90 3.65
C CYS C 124 -2.14 -8.60 2.31
N ASP C 125 -1.62 -7.84 1.34
CA ASP C 125 -1.63 -8.24 -0.07
C ASP C 125 -0.93 -9.55 -0.39
N LYS C 126 0.08 -9.91 0.39
CA LYS C 126 0.81 -11.16 0.16
C LYS C 126 0.00 -12.42 0.49
N LEU C 127 -1.08 -12.25 1.25
CA LEU C 127 -1.89 -13.38 1.72
C LEU C 127 -3.33 -13.38 1.24
N VAL C 128 -3.97 -12.21 1.22
CA VAL C 128 -5.40 -12.06 0.98
C VAL C 128 -5.72 -10.84 0.13
N HIS C 129 -6.91 -10.83 -0.45
CA HIS C 129 -7.45 -9.63 -1.09
C HIS C 129 -8.16 -8.76 -0.05
N GLU C 130 -8.26 -7.48 -0.34
CA GLU C 130 -8.90 -6.52 0.55
C GLU C 130 -10.39 -6.45 0.23
N SER C 131 -11.23 -6.44 1.27
CA SER C 131 -12.65 -6.19 1.04
C SER C 131 -12.88 -4.70 0.78
N SER C 132 -13.80 -4.42 -0.13
CA SER C 132 -14.19 -3.05 -0.49
C SER C 132 -15.49 -3.13 -1.26
N ALA C 133 -16.18 -2.00 -1.41
CA ALA C 133 -17.39 -1.96 -2.22
C ALA C 133 -17.15 -2.53 -3.63
N ASN C 134 -16.06 -2.10 -4.26
CA ASN C 134 -15.70 -2.58 -5.60
C ASN C 134 -15.41 -4.08 -5.68
N ASN C 135 -14.62 -4.57 -4.74
CA ASN C 135 -14.22 -5.98 -4.77
C ASN C 135 -15.36 -6.94 -4.44
N ILE C 136 -16.28 -6.51 -3.58
CA ILE C 136 -17.46 -7.31 -3.28
C ILE C 136 -18.37 -7.38 -4.53
N LYS C 137 -18.64 -6.23 -5.12
CA LYS C 137 -19.41 -6.15 -6.36
C LYS C 137 -18.78 -7.01 -7.45
N LYS C 138 -17.46 -6.95 -7.60
CA LYS C 138 -16.72 -7.72 -8.59
C LYS C 138 -16.82 -9.23 -8.31
N ALA C 139 -16.76 -9.60 -7.02
CA ALA C 139 -16.89 -11.00 -6.61
C ALA C 139 -18.29 -11.56 -6.82
N ILE C 140 -19.30 -10.71 -6.63
CA ILE C 140 -20.70 -11.12 -6.86
C ILE C 140 -20.98 -11.35 -8.34
N GLU C 141 -20.50 -10.45 -9.20
CA GLU C 141 -20.65 -10.59 -10.65
C GLU C 141 -20.06 -11.90 -11.14
N LYS C 142 -18.86 -12.22 -10.63
CA LYS C 142 -18.17 -13.45 -10.97
C LYS C 142 -18.79 -14.67 -10.27
N GLU C 143 -19.74 -14.41 -9.37
CA GLU C 143 -20.39 -15.44 -8.56
C GLU C 143 -19.40 -16.32 -7.78
N GLN C 144 -18.39 -15.68 -7.21
CA GLN C 144 -17.44 -16.35 -6.35
C GLN C 144 -18.01 -16.54 -4.95
N VAL C 145 -17.56 -17.60 -4.27
CA VAL C 145 -17.84 -17.73 -2.85
C VAL C 145 -16.93 -16.76 -2.13
N MET C 146 -17.53 -15.89 -1.33
CA MET C 146 -16.80 -14.84 -0.64
C MET C 146 -16.50 -15.28 0.77
N ILE C 147 -15.21 -15.42 1.08
CA ILE C 147 -14.81 -15.76 2.43
C ILE C 147 -14.31 -14.48 3.12
N PHE C 148 -15.15 -13.95 4.01
CA PHE C 148 -14.85 -12.71 4.73
C PHE C 148 -14.04 -12.97 5.99
N VAL C 149 -12.99 -12.17 6.15
CA VAL C 149 -11.93 -12.47 7.08
C VAL C 149 -11.46 -11.19 7.78
N ALA C 150 -10.95 -11.35 9.01
CA ALA C 150 -10.45 -10.24 9.82
C ALA C 150 -11.53 -9.27 10.31
N GLY C 151 -12.77 -9.76 10.36
CA GLY C 151 -13.90 -8.97 10.90
C GLY C 151 -14.14 -7.65 10.20
N THR C 152 -14.11 -6.58 10.98
CA THR C 152 -14.25 -5.22 10.45
C THR C 152 -12.91 -4.49 10.47
N GLY C 153 -11.88 -5.16 10.96
CA GLY C 153 -10.56 -4.54 11.12
C GLY C 153 -10.49 -3.69 12.38
N PHE C 154 -11.55 -3.76 13.18
CA PHE C 154 -11.70 -2.95 14.39
C PHE C 154 -11.94 -3.84 15.61
N PRO C 155 -11.39 -3.43 16.78
CA PRO C 155 -11.73 -4.10 18.03
C PRO C 155 -13.17 -3.81 18.47
N TYR C 156 -13.64 -4.59 19.44
CA TYR C 156 -14.99 -4.45 20.04
C TYR C 156 -16.12 -4.88 19.10
N PHE C 157 -15.79 -5.77 18.19
CA PHE C 157 -16.76 -6.44 17.33
C PHE C 157 -16.71 -7.93 17.54
N THR C 158 -17.88 -8.56 17.48
CA THR C 158 -17.96 -10.01 17.56
C THR C 158 -18.08 -10.56 16.15
N THR C 159 -17.89 -11.86 16.01
CA THR C 159 -18.15 -12.53 14.74
C THR C 159 -19.59 -12.32 14.26
N ASP C 160 -20.55 -12.30 15.19
CA ASP C 160 -21.95 -12.05 14.85
C ASP C 160 -22.19 -10.66 14.27
N SER C 161 -21.58 -9.64 14.86
CA SER C 161 -21.66 -8.26 14.35
C SER C 161 -21.09 -8.14 12.96
N CYS C 162 -19.97 -8.82 12.71
CA CYS C 162 -19.34 -8.85 11.39
C CYS C 162 -20.26 -9.54 10.39
N ALA C 163 -20.92 -10.61 10.82
CA ALA C 163 -21.88 -11.32 9.98
C ALA C 163 -23.03 -10.40 9.59
N ALA C 164 -23.48 -9.57 10.53
CA ALA C 164 -24.54 -8.61 10.25
C ALA C 164 -24.11 -7.55 9.24
N ILE C 165 -22.90 -7.01 9.43
CA ILE C 165 -22.36 -5.99 8.53
C ILE C 165 -22.14 -6.55 7.12
N ARG C 166 -21.60 -7.77 7.05
CA ARG C 166 -21.37 -8.42 5.76
C ARG C 166 -22.68 -8.76 5.05
N ALA C 167 -23.70 -9.12 5.83
CA ALA C 167 -25.03 -9.38 5.28
C ALA C 167 -25.64 -8.14 4.64
N ALA C 168 -25.60 -7.03 5.38
CA ALA C 168 -26.09 -5.75 4.84
C ALA C 168 -25.27 -5.29 3.65
N GLU C 169 -23.95 -5.43 3.73
CA GLU C 169 -23.04 -5.03 2.67
C GLU C 169 -23.25 -5.81 1.36
N THR C 170 -23.53 -7.11 1.49
CA THR C 170 -23.77 -7.97 0.33
C THR C 170 -25.25 -8.02 -0.06
N GLU C 171 -26.08 -7.30 0.69
CA GLU C 171 -27.55 -7.33 0.53
C GLU C 171 -28.10 -8.75 0.67
N SER C 172 -27.58 -9.46 1.68
CA SER C 172 -28.10 -10.77 2.06
C SER C 172 -29.22 -10.54 3.07
N SER C 173 -30.35 -11.18 2.83
CA SER C 173 -31.52 -11.02 3.70
C SER C 173 -31.51 -11.98 4.89
N ILE C 174 -30.59 -12.95 4.87
CA ILE C 174 -30.56 -14.02 5.87
C ILE C 174 -29.13 -14.42 6.30
N ILE C 175 -28.93 -14.62 7.60
CA ILE C 175 -27.70 -15.18 8.13
C ILE C 175 -27.97 -16.57 8.68
N LEU C 176 -27.26 -17.57 8.16
CA LEU C 176 -27.31 -18.91 8.74
C LEU C 176 -26.43 -18.93 9.98
N MET C 177 -27.08 -19.08 11.12
CA MET C 177 -26.42 -19.02 12.42
C MET C 177 -26.20 -20.42 12.97
N GLY C 178 -25.10 -21.05 12.54
CA GLY C 178 -24.75 -22.39 13.00
C GLY C 178 -24.34 -22.43 14.45
N LYS C 179 -25.04 -23.23 15.25
CA LYS C 179 -24.70 -23.43 16.65
C LYS C 179 -24.09 -24.82 16.84
N ASN C 180 -23.15 -24.93 17.77
CA ASN C 180 -22.46 -26.18 18.01
C ASN C 180 -23.11 -27.00 19.11
N GLY C 181 -24.05 -27.86 18.72
CA GLY C 181 -24.76 -28.72 19.65
C GLY C 181 -26.26 -28.47 19.77
N VAL C 182 -26.69 -27.23 19.50
CA VAL C 182 -28.08 -26.83 19.74
C VAL C 182 -28.91 -26.75 18.45
N ASP C 183 -30.08 -27.39 18.47
CA ASP C 183 -30.99 -27.52 17.30
C ASP C 183 -31.63 -26.21 16.83
N GLY C 184 -31.60 -25.18 17.69
CA GLY C 184 -32.21 -23.88 17.40
C GLY C 184 -32.25 -23.01 18.64
N VAL C 185 -33.35 -22.30 18.84
CA VAL C 185 -33.51 -21.45 20.02
C VAL C 185 -34.58 -22.02 20.95
N TYR C 186 -34.22 -22.19 22.22
CA TYR C 186 -35.09 -22.77 23.23
C TYR C 186 -35.43 -21.76 24.33
N ASP C 187 -36.24 -22.19 25.30
CA ASP C 187 -36.48 -21.44 26.54
C ASP C 187 -35.18 -21.14 27.27
N SER C 188 -34.35 -22.17 27.43
CA SER C 188 -33.02 -22.08 28.05
C SER C 188 -32.40 -23.47 28.14
N ASP C 189 -31.09 -23.55 27.93
CA ASP C 189 -30.34 -24.80 28.06
C ASP C 189 -28.87 -24.55 28.42
N ALA C 196 -38.09 -27.79 28.44
CA ALA C 196 -37.29 -27.17 27.39
C ALA C 196 -38.11 -26.98 26.12
N GLN C 197 -38.56 -25.74 25.89
CA GLN C 197 -39.45 -25.44 24.77
C GLN C 197 -38.72 -24.83 23.57
N PHE C 198 -38.79 -25.55 22.45
CA PHE C 198 -38.19 -25.12 21.20
C PHE C 198 -39.04 -24.03 20.54
N TYR C 199 -38.40 -22.91 20.21
CA TYR C 199 -39.07 -21.84 19.47
C TYR C 199 -38.97 -22.07 17.97
N GLU C 200 -40.12 -22.11 17.31
CA GLU C 200 -40.19 -22.23 15.86
C GLU C 200 -39.81 -20.90 15.22
N HIS C 201 -40.17 -19.81 15.89
CA HIS C 201 -39.97 -18.46 15.40
C HIS C 201 -39.95 -17.50 16.58
N ILE C 202 -38.93 -16.66 16.64
CA ILE C 202 -38.86 -15.59 17.65
C ILE C 202 -38.53 -14.25 17.02
N THR C 203 -38.78 -13.18 17.76
CA THR C 203 -38.46 -11.83 17.34
C THR C 203 -37.24 -11.35 18.09
N PHE C 204 -36.43 -10.51 17.46
CA PHE C 204 -35.28 -9.88 18.12
C PHE C 204 -35.70 -9.17 19.40
N ASN C 205 -36.89 -8.58 19.38
CA ASN C 205 -37.50 -7.93 20.55
C ASN C 205 -37.73 -8.93 21.69
N MET C 206 -38.10 -10.15 21.32
CA MET C 206 -38.30 -11.23 22.29
C MET C 206 -36.98 -11.95 22.58
N ALA C 207 -35.91 -11.55 21.91
CA ALA C 207 -34.56 -12.08 22.16
C ALA C 207 -33.78 -11.21 23.15
N LEU C 208 -34.49 -10.29 23.80
CA LEU C 208 -33.96 -9.49 24.89
C LEU C 208 -34.98 -9.43 26.03
N THR C 209 -36.25 -9.30 25.66
CA THR C 209 -37.39 -9.39 26.59
C THR C 209 -37.40 -10.70 27.36
N GLN C 210 -37.17 -11.80 26.65
CA GLN C 210 -37.07 -13.13 27.27
C GLN C 210 -35.70 -13.36 27.95
N ASN C 211 -34.82 -12.36 27.86
CA ASN C 211 -33.48 -12.39 28.48
C ASN C 211 -32.54 -13.40 27.80
N LEU C 212 -32.93 -13.86 26.62
CA LEU C 212 -32.13 -14.77 25.81
C LEU C 212 -30.90 -14.09 25.20
N LYS C 213 -30.05 -14.89 24.57
CA LYS C 213 -28.78 -14.41 24.05
C LYS C 213 -28.49 -15.05 22.68
N VAL C 214 -29.33 -14.73 21.69
CA VAL C 214 -29.18 -15.30 20.35
C VAL C 214 -27.87 -14.79 19.72
N MET C 215 -27.70 -13.48 19.73
CA MET C 215 -26.43 -12.84 19.44
C MET C 215 -26.24 -11.74 20.47
N ASP C 216 -25.08 -11.10 20.45
CA ASP C 216 -24.83 -9.92 21.27
C ASP C 216 -25.75 -8.78 20.83
N ALA C 217 -26.00 -7.84 21.73
CA ALA C 217 -26.94 -6.73 21.48
C ALA C 217 -26.61 -5.92 20.22
N THR C 218 -25.32 -5.73 19.95
CA THR C 218 -24.86 -4.97 18.78
C THR C 218 -25.30 -5.63 17.48
N ALA C 219 -25.04 -6.94 17.38
CA ALA C 219 -25.40 -7.72 16.20
C ALA C 219 -26.91 -7.77 15.98
N LEU C 220 -27.65 -7.89 17.08
CA LEU C 220 -29.11 -7.83 17.07
C LEU C 220 -29.62 -6.52 16.48
N ALA C 221 -29.07 -5.40 16.95
CA ALA C 221 -29.46 -4.07 16.50
C ALA C 221 -29.18 -3.88 15.01
N LEU C 222 -28.00 -4.32 14.59
CA LEU C 222 -27.58 -4.28 13.18
C LEU C 222 -28.55 -5.05 12.27
N CYS C 223 -28.93 -6.24 12.71
CA CYS C 223 -29.88 -7.08 11.95
C CYS C 223 -31.26 -6.45 11.84
N GLN C 224 -31.76 -5.89 12.93
CA GLN C 224 -33.07 -5.22 12.95
C GLN C 224 -33.08 -3.98 12.07
N GLU C 225 -32.05 -3.15 12.23
CA GLU C 225 -31.84 -1.92 11.47
C GLU C 225 -31.94 -2.16 9.96
N ASN C 226 -31.37 -3.28 9.52
CA ASN C 226 -31.23 -3.56 8.10
C ASN C 226 -32.07 -4.73 7.59
N ASN C 227 -33.06 -5.14 8.38
CA ASN C 227 -33.99 -6.22 8.03
C ASN C 227 -33.31 -7.53 7.62
N ILE C 228 -32.37 -7.96 8.45
CA ILE C 228 -31.66 -9.20 8.23
C ILE C 228 -32.23 -10.25 9.17
N ASN C 229 -32.62 -11.38 8.61
CA ASN C 229 -33.16 -12.48 9.39
C ASN C 229 -32.09 -13.50 9.75
N LEU C 230 -32.33 -14.24 10.83
CA LEU C 230 -31.44 -15.31 11.23
C LEU C 230 -32.11 -16.67 11.03
N LEU C 231 -31.29 -17.63 10.64
CA LEU C 231 -31.68 -19.04 10.62
C LEU C 231 -30.76 -19.82 11.54
N VAL C 232 -31.23 -20.04 12.77
CA VAL C 232 -30.45 -20.70 13.80
C VAL C 232 -30.67 -22.22 13.73
N PHE C 233 -29.56 -22.96 13.69
CA PHE C 233 -29.60 -24.43 13.53
C PHE C 233 -28.38 -25.11 14.15
N ASN C 234 -28.42 -26.44 14.21
CA ASN C 234 -27.28 -27.23 14.67
C ASN C 234 -26.35 -27.53 13.50
N ILE C 235 -25.15 -26.96 13.55
CA ILE C 235 -24.20 -27.10 12.45
C ILE C 235 -23.30 -28.36 12.55
N ASP C 236 -23.25 -28.95 13.73
CA ASP C 236 -22.47 -30.18 13.97
C ASP C 236 -23.00 -31.39 13.21
N LYS C 237 -24.32 -31.42 12.96
CA LYS C 237 -24.96 -32.52 12.25
C LYS C 237 -24.49 -32.64 10.79
N PRO C 238 -24.41 -33.87 10.27
CA PRO C 238 -24.03 -34.10 8.88
C PRO C 238 -25.00 -33.41 7.92
N ASN C 239 -24.46 -32.72 6.91
CA ASN C 239 -25.23 -32.03 5.89
C ASN C 239 -26.17 -30.92 6.41
N ALA C 240 -25.84 -30.39 7.59
CA ALA C 240 -26.71 -29.44 8.30
C ALA C 240 -27.05 -28.18 7.50
N ILE C 241 -26.03 -27.58 6.88
CA ILE C 241 -26.21 -26.33 6.14
C ILE C 241 -27.08 -26.53 4.89
N VAL C 242 -26.83 -27.61 4.15
CA VAL C 242 -27.62 -27.96 2.97
C VAL C 242 -29.08 -28.21 3.39
N ASP C 243 -29.25 -28.97 4.47
CA ASP C 243 -30.58 -29.40 4.93
C ASP C 243 -31.47 -28.24 5.39
N VAL C 244 -30.89 -27.27 6.09
CA VAL C 244 -31.67 -26.12 6.59
C VAL C 244 -32.16 -25.19 5.50
N LEU C 245 -31.43 -25.13 4.39
CA LEU C 245 -31.85 -24.34 3.24
C LEU C 245 -32.96 -25.05 2.46
N GLU C 246 -33.05 -26.37 2.66
CA GLU C 246 -34.15 -27.14 2.11
C GLU C 246 -35.23 -27.39 3.18
N LYS C 247 -35.08 -26.67 4.30
CA LYS C 247 -36.04 -26.70 5.42
C LYS C 247 -36.24 -28.08 6.05
N LYS C 248 -35.21 -28.92 6.01
CA LYS C 248 -35.35 -30.35 6.32
C LYS C 248 -35.32 -30.74 7.80
N ASN C 249 -34.58 -30.00 8.62
CA ASN C 249 -34.42 -30.40 10.03
C ASN C 249 -35.07 -29.42 11.00
N LYS C 250 -34.67 -29.48 12.27
CA LYS C 250 -35.12 -28.55 13.29
C LYS C 250 -34.31 -27.25 13.18
N TYR C 251 -35.02 -26.12 13.07
CA TYR C 251 -34.39 -24.79 13.01
C TYR C 251 -35.29 -23.68 13.53
N THR C 252 -34.70 -22.53 13.87
CA THR C 252 -35.45 -21.38 14.36
C THR C 252 -35.25 -20.16 13.46
N ILE C 253 -36.36 -19.51 13.11
CA ILE C 253 -36.31 -18.25 12.38
C ILE C 253 -36.32 -17.11 13.39
N VAL C 254 -35.43 -16.15 13.20
CA VAL C 254 -35.40 -14.92 13.99
C VAL C 254 -35.59 -13.73 13.06
N SER C 255 -36.63 -12.93 13.31
CA SER C 255 -37.01 -11.85 12.41
C SER C 255 -37.73 -10.68 13.10
N LYS C 256 -38.25 -9.77 12.28
CA LYS C 256 -39.12 -8.66 12.66
C LYS C 256 -38.38 -7.40 13.11
N MET D 22 25.66 0.71 28.42
CA MET D 22 27.15 0.63 28.33
C MET D 22 27.64 0.56 26.88
N ARG D 23 28.05 -0.62 26.42
CA ARG D 23 28.38 -0.84 25.00
C ARG D 23 27.84 -2.19 24.51
N LYS D 24 27.01 -2.14 23.48
CA LYS D 24 26.19 -3.30 23.09
C LYS D 24 26.63 -3.98 21.79
N GLN D 25 26.77 -5.30 21.87
CA GLN D 25 27.01 -6.16 20.71
C GLN D 25 25.68 -6.76 20.26
N ARG D 26 25.62 -7.22 19.01
CA ARG D 26 24.34 -7.60 18.43
C ARG D 26 24.15 -9.10 18.36
N ILE D 27 23.00 -9.56 18.84
CA ILE D 27 22.70 -10.99 18.88
C ILE D 27 21.31 -11.30 18.33
N VAL D 28 21.17 -12.48 17.73
CA VAL D 28 19.88 -13.00 17.32
C VAL D 28 19.53 -14.18 18.22
N ILE D 29 18.33 -14.17 18.81
CA ILE D 29 17.85 -15.33 19.55
C ILE D 29 16.73 -16.01 18.77
N LYS D 30 16.97 -17.26 18.37
CA LYS D 30 15.97 -18.03 17.68
C LYS D 30 15.06 -18.70 18.72
N ILE D 31 13.79 -18.31 18.72
CA ILE D 31 12.82 -18.89 19.64
C ILE D 31 11.75 -19.65 18.86
N SER D 32 11.82 -20.97 18.93
CA SER D 32 10.84 -21.83 18.28
C SER D 32 9.49 -21.70 18.97
N GLY D 33 8.43 -22.12 18.27
CA GLY D 33 7.06 -22.06 18.79
C GLY D 33 6.88 -22.84 20.07
N ALA D 34 7.54 -23.98 20.18
CA ALA D 34 7.47 -24.85 21.38
C ALA D 34 7.89 -24.16 22.69
N CYS D 35 8.71 -23.12 22.60
CA CYS D 35 9.12 -22.36 23.80
C CYS D 35 8.00 -21.55 24.41
N LEU D 36 6.93 -21.34 23.64
CA LEU D 36 5.81 -20.49 24.07
C LEU D 36 4.60 -21.31 24.51
N LYS D 37 4.67 -22.62 24.32
CA LYS D 37 3.54 -23.52 24.56
C LYS D 37 3.86 -24.50 25.69
N GLN D 38 2.90 -24.70 26.59
CA GLN D 38 3.04 -25.67 27.66
C GLN D 38 2.31 -26.97 27.29
N ASN D 39 1.03 -26.85 26.99
CA ASN D 39 0.21 -28.00 26.56
C ASN D 39 -0.82 -27.60 25.50
N ASP D 40 -1.55 -28.59 24.99
CA ASP D 40 -2.44 -28.36 23.84
C ASP D 40 -3.69 -27.53 24.14
N SER D 41 -3.98 -27.30 25.42
CA SER D 41 -5.14 -26.50 25.82
C SER D 41 -5.02 -25.02 25.43
N SER D 42 -3.78 -24.52 25.34
CA SER D 42 -3.52 -23.14 24.97
C SER D 42 -2.30 -23.04 24.07
N ILE D 43 -2.45 -22.32 22.95
CA ILE D 43 -1.35 -22.15 21.99
C ILE D 43 -0.17 -21.36 22.56
N ILE D 44 -0.47 -20.42 23.46
CA ILE D 44 0.55 -19.63 24.14
C ILE D 44 0.34 -19.71 25.66
N ASP D 45 1.40 -20.08 26.37
CA ASP D 45 1.39 -20.15 27.83
C ASP D 45 2.01 -18.88 28.43
N PHE D 46 1.28 -18.28 29.37
CA PHE D 46 1.64 -17.00 29.94
C PHE D 46 2.91 -17.02 30.78
N ILE D 47 3.14 -18.10 31.55
CA ILE D 47 4.36 -18.20 32.36
C ILE D 47 5.63 -18.37 31.52
N LYS D 48 5.55 -19.19 30.48
CA LYS D 48 6.67 -19.42 29.57
C LYS D 48 7.06 -18.14 28.82
N ILE D 49 6.05 -17.45 28.27
CA ILE D 49 6.29 -16.21 27.52
C ILE D 49 6.77 -15.07 28.41
N ASN D 50 6.26 -15.01 29.65
CA ASN D 50 6.69 -14.00 30.61
C ASN D 50 8.10 -14.23 31.11
N ASP D 51 8.45 -15.50 31.30
CA ASP D 51 9.82 -15.87 31.67
C ASP D 51 10.79 -15.48 30.57
N LEU D 52 10.38 -15.71 29.32
CA LEU D 52 11.16 -15.33 28.15
C LEU D 52 11.35 -13.82 28.11
N ALA D 53 10.27 -13.08 28.32
CA ALA D 53 10.30 -11.62 28.33
C ALA D 53 11.21 -11.07 29.44
N GLU D 54 11.16 -11.70 30.61
CA GLU D 54 12.00 -11.35 31.75
C GLU D 54 13.48 -11.45 31.38
N GLN D 55 13.85 -12.53 30.72
CA GLN D 55 15.22 -12.76 30.27
C GLN D 55 15.67 -11.76 29.21
N ILE D 56 14.80 -11.49 28.23
CA ILE D 56 15.09 -10.51 27.19
C ILE D 56 15.27 -9.12 27.79
N GLU D 57 14.45 -8.79 28.78
CA GLU D 57 14.57 -7.53 29.52
C GLU D 57 15.98 -7.30 30.05
N LYS D 58 16.52 -8.33 30.73
CA LYS D 58 17.87 -8.27 31.30
C LYS D 58 18.93 -8.22 30.24
N ILE D 59 18.77 -9.05 29.22
CA ILE D 59 19.73 -9.16 28.13
C ILE D 59 19.83 -7.87 27.31
N SER D 60 18.68 -7.20 27.12
CA SER D 60 18.62 -5.97 26.30
C SER D 60 19.38 -4.78 26.89
N LYS D 61 19.80 -4.91 28.15
CA LYS D 61 20.64 -3.90 28.79
C LYS D 61 22.09 -3.96 28.33
N LYS D 62 22.52 -5.14 27.90
CA LYS D 62 23.91 -5.37 27.47
C LYS D 62 24.07 -5.68 25.98
N TYR D 63 22.96 -6.02 25.32
CA TYR D 63 23.00 -6.42 23.92
C TYR D 63 21.90 -5.72 23.11
N ILE D 64 22.14 -5.57 21.81
CA ILE D 64 21.08 -5.24 20.89
C ILE D 64 20.47 -6.57 20.44
N VAL D 65 19.20 -6.76 20.79
CA VAL D 65 18.54 -8.05 20.69
C VAL D 65 17.57 -8.14 19.51
N SER D 66 17.80 -9.12 18.65
CA SER D 66 16.84 -9.49 17.61
C SER D 66 16.24 -10.85 17.93
N ILE D 67 14.91 -10.92 17.95
CA ILE D 67 14.21 -12.17 18.17
C ILE D 67 13.62 -12.69 16.85
N VAL D 68 13.93 -13.93 16.53
CA VAL D 68 13.30 -14.60 15.40
C VAL D 68 12.43 -15.75 15.92
N LEU D 69 11.13 -15.63 15.69
CA LEU D 69 10.14 -16.58 16.21
C LEU D 69 9.69 -17.61 15.20
N GLY D 70 9.42 -18.83 15.69
CA GLY D 70 8.74 -19.85 14.90
C GLY D 70 7.25 -19.86 15.21
N GLY D 71 6.51 -20.70 14.52
CA GLY D 71 5.06 -20.79 14.71
C GLY D 71 4.55 -22.19 15.01
N GLY D 72 5.45 -23.08 15.40
CA GLY D 72 5.14 -24.49 15.67
C GLY D 72 4.08 -24.75 16.73
N ASN D 73 3.91 -23.80 17.65
CA ASN D 73 2.86 -23.88 18.66
C ASN D 73 1.44 -23.75 18.08
N ILE D 74 1.35 -23.15 16.89
CA ILE D 74 0.08 -22.88 16.23
C ILE D 74 -0.06 -23.70 14.95
N TRP D 75 1.02 -23.73 14.18
CA TRP D 75 1.03 -24.36 12.86
C TRP D 75 2.24 -25.27 12.66
N ARG D 76 2.00 -26.45 12.08
CA ARG D 76 3.03 -27.46 11.86
C ARG D 76 2.92 -28.04 10.44
N GLY D 77 4.01 -28.65 9.96
CA GLY D 77 4.02 -29.30 8.66
C GLY D 77 3.06 -30.47 8.55
N SER D 78 2.82 -31.14 9.68
CA SER D 78 1.93 -32.31 9.71
C SER D 78 0.47 -31.96 9.41
N ILE D 79 0.03 -30.79 9.90
CA ILE D 79 -1.33 -30.31 9.64
C ILE D 79 -1.52 -29.97 8.16
N ALA D 80 -0.47 -29.42 7.54
CA ALA D 80 -0.48 -29.10 6.11
C ALA D 80 -0.72 -30.33 5.24
N LYS D 81 -0.10 -31.46 5.59
CA LYS D 81 -0.31 -32.74 4.92
C LYS D 81 -1.76 -33.20 5.02
N GLU D 82 -2.30 -33.16 6.24
CA GLU D 82 -3.69 -33.56 6.52
C GLU D 82 -4.69 -32.73 5.73
N LEU D 83 -4.41 -31.44 5.56
CA LEU D 83 -5.29 -30.53 4.84
C LEU D 83 -5.01 -30.51 3.34
N ASP D 84 -4.14 -31.40 2.87
CA ASP D 84 -3.72 -31.45 1.47
C ASP D 84 -3.30 -30.05 0.99
N MET D 85 -2.44 -29.42 1.77
CA MET D 85 -2.05 -28.04 1.51
C MET D 85 -0.70 -27.99 0.83
N ASP D 86 -0.65 -27.34 -0.33
CA ASP D 86 0.62 -27.18 -1.04
C ASP D 86 1.55 -26.26 -0.25
N ARG D 87 2.85 -26.36 -0.54
CA ARG D 87 3.87 -25.72 0.31
C ARG D 87 3.79 -24.19 0.36
N ASN D 88 3.46 -23.56 -0.76
CA ASN D 88 3.31 -22.09 -0.82
C ASN D 88 2.30 -21.59 0.22
N LEU D 89 1.17 -22.28 0.32
CA LEU D 89 0.13 -21.92 1.26
C LEU D 89 0.48 -22.31 2.69
N ALA D 90 1.07 -23.49 2.85
CA ALA D 90 1.46 -24.00 4.17
C ALA D 90 2.44 -23.04 4.87
N ASP D 91 3.46 -22.58 4.14
CA ASP D 91 4.42 -21.63 4.70
C ASP D 91 3.79 -20.27 5.00
N ASN D 92 2.76 -19.89 4.24
CA ASN D 92 2.01 -18.67 4.53
C ASN D 92 1.24 -18.75 5.86
N MET D 93 0.70 -19.93 6.15
CA MET D 93 0.03 -20.17 7.43
C MET D 93 1.02 -19.99 8.58
N GLY D 94 2.21 -20.56 8.40
CA GLY D 94 3.29 -20.46 9.37
C GLY D 94 3.72 -19.02 9.63
N MET D 95 3.73 -18.20 8.58
CA MET D 95 4.08 -16.79 8.69
C MET D 95 3.09 -16.01 9.55
N MET D 96 1.80 -16.29 9.35
CA MET D 96 0.74 -15.68 10.15
C MET D 96 0.84 -16.11 11.61
N ALA D 97 1.20 -17.38 11.82
CA ALA D 97 1.44 -17.92 13.16
C ALA D 97 2.53 -17.14 13.91
N THR D 98 3.62 -16.81 13.20
CA THR D 98 4.72 -16.07 13.82
C THR D 98 4.29 -14.65 14.22
N ILE D 99 3.40 -14.04 13.43
CA ILE D 99 2.87 -12.71 13.74
C ILE D 99 2.09 -12.73 15.04
N ILE D 100 1.25 -13.74 15.23
CA ILE D 100 0.50 -13.91 16.47
C ILE D 100 1.46 -14.01 17.65
N ASN D 101 2.46 -14.89 17.52
CA ASN D 101 3.49 -15.06 18.53
C ASN D 101 4.25 -13.77 18.81
N GLY D 102 4.57 -13.04 17.73
CA GLY D 102 5.31 -11.78 17.79
C GLY D 102 4.57 -10.71 18.57
N LEU D 103 3.27 -10.60 18.35
CA LEU D 103 2.46 -9.62 19.06
C LEU D 103 2.29 -10.00 20.54
N ALA D 104 2.23 -11.29 20.82
CA ALA D 104 2.16 -11.78 22.20
C ALA D 104 3.44 -11.46 22.99
N LEU D 105 4.59 -11.70 22.36
CA LEU D 105 5.89 -11.39 22.98
C LEU D 105 6.05 -9.89 23.20
N GLU D 106 5.64 -9.09 22.22
CA GLU D 106 5.69 -7.64 22.32
C GLU D 106 4.89 -7.15 23.52
N ASN D 107 3.70 -7.70 23.70
CA ASN D 107 2.84 -7.39 24.83
C ASN D 107 3.53 -7.69 26.16
N ALA D 108 4.14 -8.88 26.26
CA ALA D 108 4.86 -9.29 27.46
C ALA D 108 6.03 -8.37 27.77
N LEU D 109 6.73 -7.93 26.73
CA LEU D 109 7.87 -7.00 26.87
C LEU D 109 7.44 -5.58 27.23
N ASN D 110 6.32 -5.15 26.66
CA ASN D 110 5.71 -3.85 26.97
C ASN D 110 5.38 -3.69 28.45
N HIS D 111 4.86 -4.75 29.07
CA HIS D 111 4.57 -4.78 30.51
C HIS D 111 5.81 -4.62 31.38
N LEU D 112 6.98 -4.92 30.81
CA LEU D 112 8.24 -4.76 31.54
C LEU D 112 8.96 -3.47 31.13
N ASN D 113 8.25 -2.62 30.40
CA ASN D 113 8.74 -1.33 29.90
C ASN D 113 10.00 -1.41 29.02
N VAL D 114 10.11 -2.51 28.29
CA VAL D 114 11.17 -2.69 27.30
C VAL D 114 10.72 -2.04 25.99
N ASN D 115 11.55 -1.15 25.47
CA ASN D 115 11.32 -0.54 24.18
C ASN D 115 11.46 -1.60 23.10
N THR D 116 10.37 -1.88 22.38
CA THR D 116 10.30 -3.02 21.48
C THR D 116 9.51 -2.74 20.21
N ILE D 117 9.87 -3.41 19.12
CA ILE D 117 9.19 -3.23 17.84
C ILE D 117 9.07 -4.56 17.08
N VAL D 118 7.90 -4.80 16.50
CA VAL D 118 7.66 -5.99 15.69
C VAL D 118 7.87 -5.65 14.22
N LEU D 119 8.85 -6.31 13.60
CA LEU D 119 9.17 -6.07 12.20
C LEU D 119 8.87 -7.29 11.35
N SER D 120 7.95 -7.09 10.41
CA SER D 120 7.40 -8.18 9.63
C SER D 120 7.94 -8.19 8.21
N ALA D 121 8.22 -9.39 7.71
CA ALA D 121 8.63 -9.57 6.32
C ALA D 121 7.45 -9.38 5.38
N ILE D 122 6.23 -9.53 5.90
CA ILE D 122 5.03 -9.23 5.13
C ILE D 122 4.29 -8.01 5.66
N LYS D 123 3.96 -7.12 4.72
CA LYS D 123 3.28 -5.87 5.03
C LYS D 123 1.87 -6.12 5.58
N CYS D 124 1.60 -5.54 6.75
CA CYS D 124 0.29 -5.61 7.39
C CYS D 124 0.19 -4.49 8.42
N ASP D 125 -0.01 -3.28 7.91
CA ASP D 125 0.08 -2.04 8.69
C ASP D 125 -0.79 -1.96 9.94
N LYS D 126 -1.95 -2.60 9.89
CA LYS D 126 -2.91 -2.55 10.99
C LYS D 126 -2.42 -3.32 12.22
N LEU D 127 -1.43 -4.19 12.01
CA LEU D 127 -0.97 -5.11 13.05
C LEU D 127 0.50 -4.97 13.41
N VAL D 128 1.34 -4.78 12.39
CA VAL D 128 2.80 -4.80 12.55
C VAL D 128 3.49 -3.76 11.68
N HIS D 129 4.73 -3.42 12.04
CA HIS D 129 5.60 -2.62 11.18
C HIS D 129 6.30 -3.54 10.17
N GLU D 130 6.66 -2.97 9.02
CA GLU D 130 7.34 -3.71 7.97
C GLU D 130 8.85 -3.68 8.21
N SER D 131 9.51 -4.83 8.04
CA SER D 131 10.97 -4.85 8.07
C SER D 131 11.53 -4.26 6.78
N SER D 132 12.60 -3.48 6.92
CA SER D 132 13.30 -2.90 5.79
C SER D 132 14.67 -2.42 6.28
N ALA D 133 15.57 -2.11 5.35
CA ALA D 133 16.88 -1.57 5.68
C ALA D 133 16.76 -0.36 6.61
N ASN D 134 15.88 0.58 6.23
CA ASN D 134 15.62 1.79 7.00
C ASN D 134 15.09 1.52 8.41
N ASN D 135 14.06 0.67 8.49
CA ASN D 135 13.38 0.39 9.76
C ASN D 135 14.25 -0.36 10.76
N ILE D 136 15.07 -1.28 10.25
CA ILE D 136 16.05 -1.98 11.07
C ILE D 136 17.08 -1.00 11.64
N LYS D 137 17.68 -0.19 10.76
CA LYS D 137 18.62 0.85 11.14
C LYS D 137 18.04 1.78 12.20
N LYS D 138 16.80 2.21 11.98
CA LYS D 138 16.08 3.09 12.91
C LYS D 138 15.82 2.43 14.27
N ALA D 139 15.51 1.13 14.25
CA ALA D 139 15.25 0.38 15.48
C ALA D 139 16.53 0.14 16.27
N ILE D 140 17.64 -0.06 15.55
CA ILE D 140 18.96 -0.21 16.17
C ILE D 140 19.42 1.08 16.88
N GLU D 141 19.27 2.22 16.21
CA GLU D 141 19.61 3.53 16.78
C GLU D 141 18.84 3.79 18.06
N LYS D 142 17.55 3.47 18.05
CA LYS D 142 16.68 3.59 19.23
C LYS D 142 16.95 2.49 20.28
N GLU D 143 17.79 1.52 19.91
CA GLU D 143 18.08 0.35 20.74
C GLU D 143 16.82 -0.40 21.20
N GLN D 144 15.89 -0.59 20.27
CA GLN D 144 14.69 -1.37 20.51
C GLN D 144 15.00 -2.86 20.40
N VAL D 145 14.28 -3.67 21.16
CA VAL D 145 14.30 -5.12 20.93
C VAL D 145 13.51 -5.35 19.64
N MET D 146 14.15 -5.97 18.67
CA MET D 146 13.53 -6.24 17.39
C MET D 146 12.93 -7.64 17.36
N ILE D 147 11.61 -7.72 17.24
CA ILE D 147 10.91 -8.99 17.06
C ILE D 147 10.63 -9.20 15.59
N PHE D 148 11.41 -10.08 14.96
CA PHE D 148 11.24 -10.38 13.54
C PHE D 148 10.22 -11.49 13.31
N VAL D 149 9.36 -11.24 12.34
CA VAL D 149 8.11 -11.97 12.19
C VAL D 149 7.83 -12.24 10.72
N ALA D 150 7.11 -13.33 10.45
CA ALA D 150 6.72 -13.75 9.10
C ALA D 150 7.88 -14.17 8.19
N GLY D 151 8.97 -14.62 8.81
CA GLY D 151 10.14 -15.13 8.09
C GLY D 151 10.76 -14.17 7.10
N THR D 152 10.82 -14.60 5.85
CA THR D 152 11.31 -13.81 4.73
C THR D 152 10.16 -13.36 3.83
N GLY D 153 8.95 -13.80 4.18
CA GLY D 153 7.77 -13.54 3.35
C GLY D 153 7.69 -14.49 2.17
N PHE D 154 8.59 -15.47 2.16
CA PHE D 154 8.69 -16.46 1.09
C PHE D 154 8.57 -17.87 1.60
N PRO D 155 7.98 -18.77 0.79
CA PRO D 155 7.95 -20.18 1.17
C PRO D 155 9.33 -20.81 0.97
N TYR D 156 9.48 -22.03 1.48
CA TYR D 156 10.72 -22.82 1.36
C TYR D 156 11.86 -22.28 2.22
N PHE D 157 11.50 -21.58 3.29
CA PHE D 157 12.46 -21.15 4.31
C PHE D 157 12.08 -21.72 5.65
N THR D 158 13.09 -22.06 6.44
CA THR D 158 12.88 -22.50 7.81
C THR D 158 13.11 -21.33 8.75
N THR D 159 12.68 -21.48 9.99
CA THR D 159 12.97 -20.51 11.04
C THR D 159 14.50 -20.28 11.15
N ASP D 160 15.28 -21.34 11.02
CA ASP D 160 16.75 -21.25 11.07
C ASP D 160 17.33 -20.37 9.97
N SER D 161 16.85 -20.55 8.74
CA SER D 161 17.27 -19.75 7.60
C SER D 161 16.96 -18.27 7.80
N CYS D 162 15.78 -17.98 8.34
CA CYS D 162 15.37 -16.62 8.64
C CYS D 162 16.27 -16.03 9.72
N ALA D 163 16.61 -16.85 10.72
CA ALA D 163 17.53 -16.46 11.77
C ALA D 163 18.88 -16.06 11.19
N ALA D 164 19.36 -16.83 10.20
CA ALA D 164 20.61 -16.53 9.53
C ALA D 164 20.55 -15.21 8.76
N ILE D 165 19.46 -15.01 8.03
CA ILE D 165 19.24 -13.78 7.23
C ILE D 165 19.16 -12.56 8.14
N ARG D 166 18.40 -12.69 9.23
CA ARG D 166 18.26 -11.58 10.19
C ARG D 166 19.57 -11.26 10.88
N ALA D 167 20.36 -12.29 11.16
CA ALA D 167 21.68 -12.10 11.79
C ALA D 167 22.60 -11.31 10.88
N ALA D 168 22.66 -11.71 9.61
CA ALA D 168 23.44 -11.01 8.59
C ALA D 168 22.97 -9.57 8.43
N GLU D 169 21.65 -9.41 8.34
CA GLU D 169 21.00 -8.13 8.11
C GLU D 169 21.26 -7.14 9.24
N THR D 170 21.23 -7.64 10.48
CA THR D 170 21.47 -6.78 11.65
C THR D 170 22.95 -6.74 12.04
N GLU D 171 23.79 -7.44 11.29
CA GLU D 171 25.22 -7.57 11.60
C GLU D 171 25.46 -8.19 12.98
N SER D 172 24.66 -9.21 13.29
CA SER D 172 24.84 -10.03 14.48
C SER D 172 25.82 -11.16 14.16
N SER D 173 26.84 -11.32 15.01
CA SER D 173 27.88 -12.32 14.78
C SER D 173 27.49 -13.70 15.33
N ILE D 174 26.42 -13.75 16.12
CA ILE D 174 26.02 -14.98 16.79
C ILE D 174 24.49 -15.16 16.85
N ILE D 175 24.06 -16.41 16.63
CA ILE D 175 22.67 -16.80 16.84
C ILE D 175 22.59 -17.73 18.04
N LEU D 176 21.78 -17.37 19.03
CA LEU D 176 21.50 -18.29 20.14
C LEU D 176 20.44 -19.28 19.70
N MET D 177 20.85 -20.53 19.57
CA MET D 177 20.01 -21.59 19.06
C MET D 177 19.43 -22.42 20.19
N GLY D 178 18.31 -21.96 20.74
CA GLY D 178 17.64 -22.67 21.84
C GLY D 178 17.00 -23.97 21.39
N LYS D 179 17.42 -25.06 22.02
CA LYS D 179 16.84 -26.38 21.77
C LYS D 179 15.94 -26.77 22.94
N ASN D 180 14.86 -27.48 22.63
CA ASN D 180 13.89 -27.93 23.62
C ASN D 180 14.23 -29.30 24.20
N GLY D 181 15.01 -29.30 25.29
CA GLY D 181 15.39 -30.55 25.96
C GLY D 181 16.85 -30.95 25.83
N VAL D 182 17.46 -30.58 24.71
CA VAL D 182 18.83 -31.01 24.38
C VAL D 182 19.84 -29.93 24.78
N ASP D 183 20.92 -30.35 25.44
CA ASP D 183 21.92 -29.43 26.00
C ASP D 183 22.86 -28.80 24.97
N GLY D 184 23.00 -29.44 23.81
CA GLY D 184 23.87 -28.92 22.76
C GLY D 184 23.96 -29.82 21.54
N VAL D 185 25.18 -30.10 21.11
CA VAL D 185 25.42 -30.96 19.96
C VAL D 185 26.07 -32.28 20.41
N TYR D 186 25.40 -33.37 20.05
CA TYR D 186 25.86 -34.72 20.39
C TYR D 186 26.09 -35.52 19.10
N ASP D 187 25.86 -36.84 19.16
CA ASP D 187 25.85 -37.70 17.96
C ASP D 187 24.68 -38.67 17.95
N SER D 188 23.80 -38.56 18.95
CA SER D 188 22.62 -39.42 19.06
C SER D 188 21.53 -38.79 19.92
N ALA D 196 26.17 -40.89 22.50
CA ALA D 196 25.86 -39.66 23.24
C ALA D 196 27.12 -38.99 23.81
N GLN D 197 27.85 -38.30 22.94
CA GLN D 197 29.09 -37.58 23.32
C GLN D 197 28.93 -36.08 23.03
N PHE D 198 29.25 -35.26 24.04
CA PHE D 198 28.97 -33.82 23.98
C PHE D 198 30.12 -33.00 23.40
N TYR D 199 29.80 -32.14 22.44
CA TYR D 199 30.76 -31.21 21.87
C TYR D 199 30.63 -29.82 22.51
N GLU D 200 31.77 -29.25 22.87
CA GLU D 200 31.83 -27.87 23.36
C GLU D 200 31.98 -26.88 22.19
N HIS D 201 32.71 -27.29 21.16
CA HIS D 201 32.97 -26.44 19.99
C HIS D 201 33.13 -27.30 18.74
N ILE D 202 32.40 -26.93 17.68
CA ILE D 202 32.57 -27.56 16.36
C ILE D 202 32.57 -26.53 15.22
N THR D 203 33.20 -26.89 14.11
CA THR D 203 33.19 -26.09 12.89
C THR D 203 31.95 -26.44 12.08
N PHE D 204 31.50 -25.52 11.23
CA PHE D 204 30.42 -25.79 10.28
C PHE D 204 30.78 -26.96 9.36
N ASN D 205 32.05 -27.01 8.95
CA ASN D 205 32.57 -28.13 8.18
C ASN D 205 32.49 -29.44 8.95
N MET D 206 32.92 -29.39 10.22
CA MET D 206 32.87 -30.53 11.13
C MET D 206 31.44 -31.00 11.37
N ALA D 207 30.49 -30.06 11.35
CA ALA D 207 29.09 -30.33 11.60
C ALA D 207 28.49 -31.29 10.56
N LEU D 208 28.40 -30.85 9.31
CA LEU D 208 27.72 -31.62 8.26
C LEU D 208 28.48 -32.89 7.82
N THR D 209 29.78 -32.93 8.09
CA THR D 209 30.61 -34.12 7.85
C THR D 209 30.15 -35.30 8.71
N GLN D 210 29.80 -35.01 9.97
CA GLN D 210 29.31 -36.02 10.90
C GLN D 210 27.80 -36.23 10.78
N ASN D 211 27.22 -35.71 9.70
CA ASN D 211 25.80 -35.85 9.38
C ASN D 211 24.86 -35.34 10.50
N LEU D 212 25.37 -34.41 11.30
CA LEU D 212 24.61 -33.80 12.39
C LEU D 212 23.56 -32.83 11.83
N LYS D 213 22.42 -32.76 12.50
CA LYS D 213 21.36 -31.92 12.01
C LYS D 213 21.24 -30.69 12.90
N VAL D 214 22.28 -29.85 12.86
CA VAL D 214 22.27 -28.65 13.71
C VAL D 214 21.19 -27.69 13.20
N MET D 215 21.29 -27.34 11.91
CA MET D 215 20.24 -26.63 11.20
C MET D 215 20.12 -27.30 9.84
N ASP D 216 19.11 -26.91 9.07
CA ASP D 216 18.99 -27.35 7.69
C ASP D 216 20.17 -26.82 6.88
N ALA D 217 20.46 -27.48 5.76
CA ALA D 217 21.62 -27.14 4.93
C ALA D 217 21.67 -25.68 4.49
N THR D 218 20.50 -25.11 4.18
CA THR D 218 20.40 -23.73 3.72
C THR D 218 20.87 -22.75 4.80
N ALA D 219 20.38 -22.95 6.02
CA ALA D 219 20.76 -22.12 7.17
C ALA D 219 22.24 -22.21 7.47
N LEU D 220 22.78 -23.43 7.41
CA LEU D 220 24.21 -23.68 7.59
C LEU D 220 25.05 -22.90 6.57
N ALA D 221 24.68 -23.01 5.30
CA ALA D 221 25.35 -22.31 4.22
C ALA D 221 25.36 -20.79 4.43
N LEU D 222 24.19 -20.24 4.78
CA LEU D 222 24.00 -18.82 5.08
C LEU D 222 24.89 -18.33 6.20
N CYS D 223 24.96 -19.10 7.28
CA CYS D 223 25.82 -18.76 8.42
C CYS D 223 27.31 -18.79 8.08
N GLN D 224 27.71 -19.79 7.29
CA GLN D 224 29.11 -19.94 6.85
C GLN D 224 29.52 -18.78 5.94
N GLU D 225 28.68 -18.49 4.95
CA GLU D 225 28.95 -17.44 3.98
C GLU D 225 29.14 -16.07 4.63
N ASN D 226 28.42 -15.84 5.73
CA ASN D 226 28.42 -14.54 6.39
C ASN D 226 29.10 -14.52 7.77
N ASN D 227 29.85 -15.58 8.08
CA ASN D 227 30.61 -15.67 9.33
C ASN D 227 29.73 -15.50 10.58
N ILE D 228 28.62 -16.21 10.62
CA ILE D 228 27.71 -16.16 11.75
C ILE D 228 27.86 -17.42 12.58
N ASN D 229 28.11 -17.25 13.87
CA ASN D 229 28.32 -18.36 14.79
C ASN D 229 27.02 -18.79 15.46
N LEU D 230 26.97 -20.05 15.88
CA LEU D 230 25.82 -20.57 16.63
C LEU D 230 26.19 -20.85 18.08
N LEU D 231 25.24 -20.59 18.97
CA LEU D 231 25.37 -20.90 20.37
C LEU D 231 24.20 -21.80 20.74
N VAL D 232 24.43 -23.12 20.67
CA VAL D 232 23.39 -24.11 20.89
C VAL D 232 23.31 -24.46 22.35
N PHE D 233 22.09 -24.42 22.92
CA PHE D 233 21.88 -24.68 24.34
C PHE D 233 20.45 -25.16 24.62
N ASN D 234 20.21 -25.58 25.87
CA ASN D 234 18.88 -25.97 26.30
C ASN D 234 18.09 -24.76 26.78
N ILE D 235 17.02 -24.44 26.06
CA ILE D 235 16.23 -23.25 26.34
C ILE D 235 15.13 -23.47 27.38
N ASP D 236 14.77 -24.73 27.61
CA ASP D 236 13.75 -25.10 28.59
C ASP D 236 14.13 -24.79 30.04
N LYS D 237 15.43 -24.84 30.32
CA LYS D 237 15.99 -24.57 31.64
C LYS D 237 15.71 -23.13 32.10
N PRO D 238 15.44 -22.95 33.41
CA PRO D 238 15.27 -21.62 34.03
C PRO D 238 16.47 -20.72 33.77
N ASN D 239 16.22 -19.49 33.33
CA ASN D 239 17.27 -18.49 33.10
C ASN D 239 18.32 -18.90 32.06
N ALA D 240 17.93 -19.80 31.15
CA ALA D 240 18.85 -20.39 30.17
C ALA D 240 19.56 -19.40 29.25
N ILE D 241 18.79 -18.45 28.71
CA ILE D 241 19.31 -17.47 27.75
C ILE D 241 20.30 -16.51 28.42
N VAL D 242 19.95 -16.05 29.62
CA VAL D 242 20.82 -15.19 30.42
C VAL D 242 22.11 -15.90 30.79
N ASP D 243 21.99 -17.16 31.21
CA ASP D 243 23.13 -17.94 31.67
C ASP D 243 24.14 -18.31 30.59
N VAL D 244 23.66 -18.62 29.38
CA VAL D 244 24.58 -18.96 28.28
C VAL D 244 25.40 -17.77 27.77
N LEU D 245 24.85 -16.57 27.92
CA LEU D 245 25.59 -15.35 27.57
C LEU D 245 26.64 -15.02 28.63
N GLU D 246 26.44 -15.54 29.84
CA GLU D 246 27.44 -15.45 30.91
C GLU D 246 28.28 -16.73 30.97
N LYS D 247 28.13 -17.58 29.96
CA LYS D 247 28.88 -18.85 29.80
C LYS D 247 28.70 -19.84 30.95
N LYS D 248 27.54 -19.81 31.60
CA LYS D 248 27.36 -20.50 32.89
C LYS D 248 26.98 -21.99 32.83
N ASN D 249 26.29 -22.43 31.78
CA ASN D 249 25.86 -23.82 31.71
C ASN D 249 26.55 -24.64 30.60
N LYS D 250 25.95 -25.78 30.26
CA LYS D 250 26.40 -26.58 29.12
C LYS D 250 25.90 -25.98 27.81
N TYR D 251 26.82 -25.72 26.89
CA TYR D 251 26.49 -25.19 25.57
C TYR D 251 27.52 -25.59 24.49
N THR D 252 27.13 -25.43 23.24
CA THR D 252 28.02 -25.68 22.11
C THR D 252 28.20 -24.42 21.26
N ILE D 253 29.44 -24.11 20.90
CA ILE D 253 29.70 -23.05 19.93
C ILE D 253 29.92 -23.67 18.55
N VAL D 254 29.30 -23.08 17.53
CA VAL D 254 29.55 -23.47 16.15
C VAL D 254 30.14 -22.27 15.40
N SER D 255 31.39 -22.42 14.94
CA SER D 255 32.07 -21.34 14.19
C SER D 255 32.80 -21.86 12.94
N LYS D 256 33.58 -20.98 12.30
CA LYS D 256 34.32 -21.33 11.08
C LYS D 256 35.74 -21.83 11.37
N MET E 22 18.53 30.55 13.13
CA MET E 22 18.59 30.96 11.69
C MET E 22 17.22 30.95 11.01
N ARG E 23 17.10 31.76 9.95
CA ARG E 23 15.86 31.83 9.17
C ARG E 23 16.16 31.38 7.74
N LYS E 24 16.23 30.06 7.55
CA LYS E 24 16.74 29.46 6.32
C LYS E 24 15.82 29.66 5.12
N GLN E 25 16.39 30.19 4.04
CA GLN E 25 15.67 30.33 2.79
C GLN E 25 15.72 28.98 2.05
N ARG E 26 14.71 28.71 1.23
CA ARG E 26 14.52 27.39 0.64
C ARG E 26 14.96 27.34 -0.82
N ILE E 27 15.75 26.34 -1.16
CA ILE E 27 16.28 26.20 -2.52
C ILE E 27 16.09 24.79 -3.08
N VAL E 28 15.95 24.71 -4.40
CA VAL E 28 15.93 23.44 -5.11
C VAL E 28 17.19 23.34 -5.96
N ILE E 29 17.90 22.23 -5.85
CA ILE E 29 19.07 21.99 -6.69
C ILE E 29 18.73 20.88 -7.66
N LYS E 30 18.70 21.20 -8.94
CA LYS E 30 18.49 20.18 -9.97
C LYS E 30 19.82 19.54 -10.32
N ILE E 31 19.93 18.25 -10.04
CA ILE E 31 21.15 17.49 -10.31
C ILE E 31 20.83 16.41 -11.34
N SER E 32 21.31 16.61 -12.56
CA SER E 32 21.11 15.66 -13.64
C SER E 32 21.94 14.40 -13.38
N GLY E 33 21.59 13.31 -14.06
CA GLY E 33 22.31 12.05 -13.95
C GLY E 33 23.80 12.14 -14.27
N ALA E 34 24.14 12.96 -15.26
CA ALA E 34 25.52 13.14 -15.71
C ALA E 34 26.46 13.65 -14.61
N CYS E 35 25.91 14.34 -13.60
CA CYS E 35 26.72 14.85 -12.48
C CYS E 35 27.25 13.74 -11.58
N LEU E 36 26.66 12.56 -11.68
CA LEU E 36 27.02 11.44 -10.81
C LEU E 36 27.87 10.39 -11.51
N LYS E 37 28.08 10.57 -12.81
CA LYS E 37 28.81 9.60 -13.63
C LYS E 37 30.10 10.20 -14.19
N GLN E 38 31.16 9.41 -14.16
CA GLN E 38 32.45 9.79 -14.72
C GLN E 38 32.62 9.18 -16.12
N ASN E 39 32.49 7.85 -16.18
CA ASN E 39 32.58 7.12 -17.44
C ASN E 39 31.65 5.91 -17.47
N ASP E 40 31.62 5.24 -18.62
CA ASP E 40 30.67 4.15 -18.87
C ASP E 40 30.87 2.89 -18.02
N SER E 41 32.04 2.75 -17.40
CA SER E 41 32.35 1.56 -16.60
C SER E 41 31.52 1.47 -15.31
N SER E 42 31.09 2.62 -14.80
CA SER E 42 30.28 2.66 -13.59
C SER E 42 29.17 3.72 -13.71
N ILE E 43 27.93 3.34 -13.42
CA ILE E 43 26.78 4.25 -13.48
C ILE E 43 26.88 5.41 -12.48
N ILE E 44 27.49 5.15 -11.34
CA ILE E 44 27.71 6.17 -10.31
C ILE E 44 29.18 6.19 -9.90
N ASP E 45 29.78 7.38 -9.97
CA ASP E 45 31.17 7.57 -9.53
C ASP E 45 31.21 8.11 -8.10
N PHE E 46 32.01 7.45 -7.26
CA PHE E 46 32.05 7.81 -5.84
C PHE E 46 32.68 9.17 -5.53
N ILE E 47 33.67 9.59 -6.31
CA ILE E 47 34.31 10.91 -6.13
C ILE E 47 33.34 12.03 -6.44
N LYS E 48 32.64 11.92 -7.56
CA LYS E 48 31.67 12.94 -7.99
C LYS E 48 30.51 13.06 -7.02
N ILE E 49 29.96 11.92 -6.58
CA ILE E 49 28.82 11.91 -5.66
C ILE E 49 29.22 12.37 -4.25
N ASN E 50 30.44 12.03 -3.83
CA ASN E 50 30.94 12.49 -2.53
C ASN E 50 31.24 13.98 -2.50
N ASP E 51 31.75 14.50 -3.61
CA ASP E 51 31.98 15.93 -3.77
C ASP E 51 30.64 16.69 -3.70
N LEU E 52 29.63 16.16 -4.38
CA LEU E 52 28.27 16.69 -4.31
C LEU E 52 27.75 16.71 -2.88
N ALA E 53 27.91 15.58 -2.18
CA ALA E 53 27.48 15.43 -0.79
C ALA E 53 28.17 16.43 0.14
N GLU E 54 29.48 16.63 -0.07
CA GLU E 54 30.25 17.60 0.73
C GLU E 54 29.71 19.01 0.57
N GLN E 55 29.36 19.39 -0.66
CA GLN E 55 28.79 20.70 -0.95
C GLN E 55 27.41 20.87 -0.31
N ILE E 56 26.56 19.85 -0.43
CA ILE E 56 25.21 19.87 0.15
C ILE E 56 25.30 19.99 1.68
N GLU E 57 26.26 19.27 2.26
CA GLU E 57 26.58 19.34 3.69
C GLU E 57 26.74 20.79 4.15
N LYS E 58 27.60 21.55 3.48
CA LYS E 58 27.88 22.94 3.82
C LYS E 58 26.69 23.84 3.56
N ILE E 59 26.03 23.63 2.42
CA ILE E 59 24.87 24.42 2.02
C ILE E 59 23.68 24.25 2.97
N SER E 60 23.50 23.03 3.49
CA SER E 60 22.36 22.71 4.36
C SER E 60 22.41 23.43 5.72
N LYS E 61 23.55 24.04 6.04
CA LYS E 61 23.68 24.83 7.26
C LYS E 61 23.02 26.20 7.14
N LYS E 62 22.94 26.71 5.90
CA LYS E 62 22.37 28.04 5.63
C LYS E 62 21.04 27.99 4.89
N TYR E 63 20.72 26.85 4.28
CA TYR E 63 19.52 26.73 3.46
C TYR E 63 18.75 25.46 3.78
N ILE E 64 17.44 25.50 3.52
CA ILE E 64 16.64 24.29 3.46
C ILE E 64 16.75 23.76 2.03
N VAL E 65 17.37 22.59 1.89
CA VAL E 65 17.75 22.08 0.58
C VAL E 65 16.84 20.95 0.08
N SER E 66 16.31 21.14 -1.12
CA SER E 66 15.62 20.09 -1.87
C SER E 66 16.45 19.71 -3.07
N ILE E 67 16.71 18.41 -3.22
CA ILE E 67 17.44 17.88 -4.36
C ILE E 67 16.48 17.18 -5.31
N VAL E 68 16.51 17.58 -6.58
CA VAL E 68 15.76 16.87 -7.62
C VAL E 68 16.76 16.22 -8.58
N LEU E 69 16.72 14.88 -8.62
CA LEU E 69 17.67 14.09 -9.41
C LEU E 69 17.12 13.60 -10.73
N GLY E 70 18.00 13.54 -11.73
CA GLY E 70 17.71 12.90 -13.00
C GLY E 70 18.27 11.50 -13.01
N GLY E 71 18.02 10.75 -14.08
CA GLY E 71 18.47 9.37 -14.17
C GLY E 71 19.24 9.05 -15.43
N GLY E 72 19.73 10.10 -16.09
CA GLY E 72 20.47 9.98 -17.36
C GLY E 72 21.73 9.13 -17.33
N ASN E 73 22.35 8.98 -16.17
CA ASN E 73 23.52 8.11 -16.00
C ASN E 73 23.17 6.62 -16.11
N ILE E 74 21.88 6.30 -15.96
CA ILE E 74 21.40 4.93 -15.94
C ILE E 74 20.49 4.71 -17.14
N TRP E 75 19.60 5.67 -17.39
CA TRP E 75 18.59 5.53 -18.43
C TRP E 75 18.45 6.80 -19.26
N ARG E 76 18.34 6.65 -20.57
CA ARG E 76 18.06 7.80 -21.44
C ARG E 76 17.07 7.50 -22.55
N GLY E 77 16.59 8.56 -23.20
CA GLY E 77 15.60 8.47 -24.26
C GLY E 77 16.02 7.64 -25.45
N SER E 78 17.33 7.63 -25.74
CA SER E 78 17.86 6.89 -26.89
C SER E 78 17.78 5.37 -26.73
N ILE E 79 17.92 4.88 -25.48
CA ILE E 79 17.78 3.44 -25.20
C ILE E 79 16.32 3.00 -25.40
N ALA E 80 15.40 3.88 -25.02
CA ALA E 80 13.96 3.64 -25.16
C ALA E 80 13.57 3.40 -26.61
N LYS E 81 14.16 4.18 -27.53
CA LYS E 81 13.94 4.03 -28.97
C LYS E 81 14.44 2.67 -29.46
N GLU E 82 15.65 2.30 -29.05
CA GLU E 82 16.27 1.03 -29.41
C GLU E 82 15.43 -0.17 -28.97
N LEU E 83 14.82 -0.05 -27.80
CA LEU E 83 14.04 -1.12 -27.22
C LEU E 83 12.59 -1.09 -27.67
N ASP E 84 12.28 -0.18 -28.60
CA ASP E 84 10.92 0.09 -29.07
C ASP E 84 9.95 0.24 -27.89
N MET E 85 10.34 1.12 -26.97
CA MET E 85 9.61 1.34 -25.74
C MET E 85 8.69 2.55 -25.85
N ASP E 86 7.40 2.33 -25.62
CA ASP E 86 6.43 3.41 -25.54
C ASP E 86 6.78 4.37 -24.39
N ARG E 87 6.34 5.62 -24.51
CA ARG E 87 6.71 6.69 -23.60
C ARG E 87 6.30 6.45 -22.14
N ASN E 88 5.12 5.88 -21.91
CA ASN E 88 4.65 5.57 -20.56
C ASN E 88 5.65 4.67 -19.80
N LEU E 89 6.15 3.65 -20.48
CA LEU E 89 7.11 2.71 -19.91
C LEU E 89 8.51 3.32 -19.79
N ALA E 90 8.92 4.07 -20.82
CA ALA E 90 10.21 4.74 -20.84
C ALA E 90 10.41 5.66 -19.64
N ASP E 91 9.41 6.49 -19.38
CA ASP E 91 9.48 7.40 -18.24
C ASP E 91 9.45 6.66 -16.90
N ASN E 92 8.83 5.48 -16.87
CA ASN E 92 8.85 4.64 -15.68
C ASN E 92 10.25 4.11 -15.36
N MET E 93 10.98 3.75 -16.41
CA MET E 93 12.38 3.32 -16.27
C MET E 93 13.20 4.44 -15.67
N GLY E 94 12.99 5.65 -16.19
CA GLY E 94 13.66 6.86 -15.72
C GLY E 94 13.39 7.15 -14.25
N MET E 95 12.17 6.89 -13.80
CA MET E 95 11.82 7.12 -12.40
C MET E 95 12.53 6.15 -11.46
N MET E 96 12.64 4.90 -11.88
CA MET E 96 13.36 3.89 -11.10
C MET E 96 14.85 4.25 -11.03
N ALA E 97 15.38 4.77 -12.13
CA ALA E 97 16.76 5.25 -12.19
C ALA E 97 17.04 6.36 -11.16
N THR E 98 16.08 7.28 -11.00
CA THR E 98 16.25 8.37 -10.02
C THR E 98 16.23 7.87 -8.58
N ILE E 99 15.47 6.80 -8.31
CA ILE E 99 15.43 6.17 -6.99
C ILE E 99 16.81 5.58 -6.63
N ILE E 100 17.44 4.91 -7.59
CA ILE E 100 18.78 4.38 -7.41
C ILE E 100 19.76 5.50 -7.06
N ASN E 101 19.76 6.56 -7.87
CA ASN E 101 20.56 7.74 -7.61
C ASN E 101 20.26 8.36 -6.24
N GLY E 102 18.97 8.45 -5.92
CA GLY E 102 18.52 9.03 -4.66
C GLY E 102 19.05 8.30 -3.44
N LEU E 103 19.05 6.98 -3.49
CA LEU E 103 19.54 6.15 -2.39
C LEU E 103 21.04 6.26 -2.25
N ALA E 104 21.74 6.38 -3.38
CA ALA E 104 23.19 6.54 -3.37
C ALA E 104 23.61 7.90 -2.78
N LEU E 105 22.89 8.96 -3.13
CA LEU E 105 23.19 10.29 -2.58
C LEU E 105 22.87 10.35 -1.08
N GLU E 106 21.75 9.74 -0.68
CA GLU E 106 21.40 9.64 0.74
C GLU E 106 22.50 8.95 1.56
N ASN E 107 23.04 7.86 1.03
CA ASN E 107 24.13 7.16 1.66
C ASN E 107 25.38 8.06 1.83
N ALA E 108 25.73 8.77 0.77
CA ALA E 108 26.85 9.72 0.80
C ALA E 108 26.65 10.81 1.84
N LEU E 109 25.43 11.32 1.96
CA LEU E 109 25.11 12.36 2.96
C LEU E 109 25.03 11.83 4.39
N ASN E 110 24.57 10.58 4.55
CA ASN E 110 24.54 9.94 5.86
C ASN E 110 25.94 9.77 6.46
N HIS E 111 26.92 9.44 5.63
CA HIS E 111 28.32 9.35 6.05
C HIS E 111 28.90 10.70 6.54
N LEU E 112 28.26 11.80 6.16
CA LEU E 112 28.68 13.13 6.60
C LEU E 112 27.78 13.64 7.72
N ASN E 113 26.95 12.74 8.26
CA ASN E 113 26.01 13.03 9.36
C ASN E 113 24.97 14.11 9.05
N VAL E 114 24.62 14.25 7.78
CA VAL E 114 23.56 15.18 7.40
C VAL E 114 22.21 14.48 7.53
N ASN E 115 21.30 15.10 8.27
CA ASN E 115 19.94 14.58 8.40
C ASN E 115 19.25 14.72 7.04
N THR E 116 18.85 13.57 6.47
CA THR E 116 18.36 13.53 5.11
C THR E 116 17.25 12.50 4.91
N ILE E 117 16.36 12.80 3.96
CA ILE E 117 15.25 11.89 3.63
C ILE E 117 14.98 11.82 2.11
N VAL E 118 14.72 10.60 1.64
CA VAL E 118 14.36 10.38 0.25
C VAL E 118 12.83 10.36 0.14
N LEU E 119 12.29 11.30 -0.63
CA LEU E 119 10.85 11.41 -0.82
C LEU E 119 10.50 11.10 -2.26
N SER E 120 9.71 10.05 -2.44
CA SER E 120 9.42 9.50 -3.75
C SER E 120 8.00 9.83 -4.20
N ALA E 121 7.85 10.15 -5.48
CA ALA E 121 6.54 10.37 -6.09
C ALA E 121 5.80 9.04 -6.27
N ILE E 122 6.55 7.94 -6.32
CA ILE E 122 5.94 6.61 -6.38
C ILE E 122 6.18 5.82 -5.09
N LYS E 123 5.11 5.24 -4.57
CA LYS E 123 5.16 4.47 -3.33
C LYS E 123 6.01 3.22 -3.52
N CYS E 124 6.96 3.04 -2.60
CA CYS E 124 7.84 1.86 -2.56
C CYS E 124 8.44 1.77 -1.15
N ASP E 125 7.62 1.36 -0.19
CA ASP E 125 7.92 1.43 1.25
C ASP E 125 9.20 0.76 1.69
N LYS E 126 9.55 -0.34 1.03
CA LYS E 126 10.75 -1.08 1.39
C LYS E 126 12.06 -0.35 1.04
N LEU E 127 11.95 0.69 0.21
CA LEU E 127 13.14 1.43 -0.22
C LEU E 127 13.16 2.92 0.09
N VAL E 128 12.00 3.58 -0.01
CA VAL E 128 11.91 5.03 0.10
C VAL E 128 10.65 5.47 0.84
N HIS E 129 10.66 6.70 1.34
CA HIS E 129 9.44 7.33 1.86
C HIS E 129 8.66 7.97 0.71
N GLU E 130 7.36 8.11 0.90
CA GLU E 130 6.51 8.71 -0.10
C GLU E 130 6.45 10.23 0.11
N SER E 131 6.53 10.99 -0.97
CA SER E 131 6.31 12.42 -0.89
C SER E 131 4.82 12.71 -0.72
N SER E 132 4.51 13.69 0.13
CA SER E 132 3.16 14.16 0.36
C SER E 132 3.25 15.53 1.01
N ALA E 133 2.14 16.27 1.06
CA ALA E 133 2.10 17.55 1.77
C ALA E 133 2.58 17.41 3.22
N ASN E 134 2.08 16.39 3.92
CA ASN E 134 2.48 16.13 5.31
C ASN E 134 3.96 15.80 5.47
N ASN E 135 4.47 14.92 4.63
CA ASN E 135 5.86 14.47 4.73
C ASN E 135 6.87 15.56 4.41
N ILE E 136 6.54 16.41 3.43
CA ILE E 136 7.37 17.55 3.09
C ILE E 136 7.41 18.53 4.26
N LYS E 137 6.23 18.89 4.77
CA LYS E 137 6.11 19.77 5.93
C LYS E 137 6.90 19.24 7.13
N LYS E 138 6.77 17.94 7.39
CA LYS E 138 7.49 17.27 8.47
C LYS E 138 9.02 17.30 8.25
N ALA E 139 9.45 17.13 7.00
CA ALA E 139 10.88 17.16 6.67
C ALA E 139 11.48 18.56 6.79
N ILE E 140 10.68 19.56 6.44
CA ILE E 140 11.08 20.97 6.56
C ILE E 140 11.25 21.38 8.03
N GLU E 141 10.29 21.00 8.88
CA GLU E 141 10.38 21.27 10.32
C GLU E 141 11.64 20.66 10.94
N LYS E 142 11.94 19.42 10.56
CA LYS E 142 13.14 18.72 11.02
C LYS E 142 14.41 19.27 10.35
N GLU E 143 14.23 20.13 9.36
CA GLU E 143 15.32 20.68 8.55
C GLU E 143 16.20 19.61 7.90
N GLN E 144 15.56 18.57 7.36
CA GLN E 144 16.26 17.53 6.63
C GLN E 144 16.53 17.99 5.20
N VAL E 145 17.60 17.45 4.62
CA VAL E 145 17.81 17.59 3.20
C VAL E 145 16.83 16.64 2.52
N MET E 146 16.01 17.19 1.64
CA MET E 146 14.99 16.42 0.94
C MET E 146 15.51 15.99 -0.42
N ILE E 147 15.62 14.69 -0.63
CA ILE E 147 16.00 14.16 -1.93
C ILE E 147 14.72 13.68 -2.64
N PHE E 148 14.28 14.45 -3.62
CA PHE E 148 13.07 14.12 -4.37
C PHE E 148 13.37 13.21 -5.55
N VAL E 149 12.54 12.18 -5.67
CA VAL E 149 12.84 11.02 -6.48
C VAL E 149 11.60 10.54 -7.24
N ALA E 150 11.82 9.92 -8.39
CA ALA E 150 10.76 9.39 -9.28
C ALA E 150 9.82 10.47 -9.84
N GLY E 151 10.34 11.67 -10.00
CA GLY E 151 9.64 12.77 -10.64
C GLY E 151 8.29 13.11 -10.04
N THR E 152 7.25 13.04 -10.87
CA THR E 152 5.87 13.26 -10.44
C THR E 152 5.12 11.94 -10.37
N GLY E 153 5.79 10.87 -10.77
CA GLY E 153 5.17 9.55 -10.84
C GLY E 153 4.37 9.38 -12.13
N PHE E 154 4.48 10.38 -13.00
CA PHE E 154 3.72 10.47 -14.25
C PHE E 154 4.67 10.60 -15.42
N PRO E 155 4.31 10.00 -16.57
CA PRO E 155 5.06 10.16 -17.80
C PRO E 155 4.85 11.56 -18.36
N TYR E 156 5.68 11.95 -19.33
CA TYR E 156 5.56 13.23 -20.04
C TYR E 156 6.02 14.42 -19.20
N PHE E 157 6.84 14.15 -18.19
CA PHE E 157 7.50 15.18 -17.40
C PHE E 157 9.01 15.06 -17.54
N THR E 158 9.69 16.20 -17.55
CA THR E 158 11.14 16.24 -17.56
C THR E 158 11.63 16.48 -16.15
N THR E 159 12.92 16.25 -15.92
CA THR E 159 13.56 16.58 -14.65
C THR E 159 13.34 18.06 -14.28
N ASP E 160 13.37 18.93 -15.29
CA ASP E 160 13.15 20.38 -15.12
C ASP E 160 11.76 20.68 -14.57
N SER E 161 10.76 20.08 -15.20
CA SER E 161 9.35 20.18 -14.78
C SER E 161 9.14 19.76 -13.33
N CYS E 162 9.78 18.65 -12.94
CA CYS E 162 9.70 18.17 -11.56
C CYS E 162 10.37 19.14 -10.61
N ALA E 163 11.48 19.72 -11.04
CA ALA E 163 12.19 20.71 -10.25
C ALA E 163 11.30 21.93 -9.99
N ALA E 164 10.55 22.33 -11.02
CA ALA E 164 9.59 23.43 -10.90
C ALA E 164 8.49 23.11 -9.90
N ILE E 165 7.92 21.92 -10.02
CA ILE E 165 6.84 21.45 -9.13
C ILE E 165 7.31 21.33 -7.69
N ARG E 166 8.51 20.77 -7.49
CA ARG E 166 9.07 20.65 -6.16
C ARG E 166 9.42 22.00 -5.54
N ALA E 167 9.86 22.95 -6.38
CA ALA E 167 10.15 24.30 -5.95
C ALA E 167 8.90 25.00 -5.42
N ALA E 168 7.81 24.91 -6.19
CA ALA E 168 6.53 25.48 -5.80
C ALA E 168 5.99 24.81 -4.55
N GLU E 169 6.10 23.48 -4.50
CA GLU E 169 5.60 22.67 -3.40
C GLU E 169 6.32 22.98 -2.08
N THR E 170 7.64 23.18 -2.16
CA THR E 170 8.44 23.50 -0.97
C THR E 170 8.54 25.01 -0.71
N GLU E 171 7.90 25.81 -1.58
CA GLU E 171 7.97 27.27 -1.51
C GLU E 171 9.41 27.79 -1.65
N SER E 172 10.16 27.15 -2.53
CA SER E 172 11.49 27.59 -2.90
C SER E 172 11.36 28.61 -4.01
N SER E 173 12.03 29.75 -3.85
CA SER E 173 11.94 30.84 -4.81
C SER E 173 12.97 30.71 -5.94
N ILE E 174 13.91 29.78 -5.79
CA ILE E 174 14.97 29.61 -6.79
C ILE E 174 15.34 28.14 -7.05
N ILE E 175 15.62 27.83 -8.32
CA ILE E 175 16.15 26.52 -8.70
C ILE E 175 17.57 26.71 -9.22
N LEU E 176 18.52 26.02 -8.58
CA LEU E 176 19.90 26.01 -9.08
C LEU E 176 19.96 25.02 -10.22
N MET E 177 20.19 25.54 -11.42
CA MET E 177 20.18 24.71 -12.61
C MET E 177 21.60 24.43 -13.09
N GLY E 178 22.19 23.38 -12.52
CA GLY E 178 23.53 22.96 -12.87
C GLY E 178 23.62 22.40 -14.29
N LYS E 179 24.46 23.03 -15.12
CA LYS E 179 24.71 22.52 -16.45
C LYS E 179 26.10 21.90 -16.52
N ASN E 180 26.23 20.86 -17.35
CA ASN E 180 27.49 20.12 -17.49
C ASN E 180 28.40 20.69 -18.59
N GLY E 181 29.27 21.62 -18.22
CA GLY E 181 30.23 22.21 -19.16
C GLY E 181 29.95 23.65 -19.56
N VAL E 182 28.68 23.93 -19.82
CA VAL E 182 28.24 25.30 -20.13
C VAL E 182 28.08 26.10 -18.85
N ASP E 183 28.65 27.29 -18.84
CA ASP E 183 28.64 28.17 -17.66
C ASP E 183 27.26 28.78 -17.39
N GLY E 184 26.35 28.69 -18.36
CA GLY E 184 25.02 29.27 -18.22
C GLY E 184 24.28 29.38 -19.53
N VAL E 185 23.50 30.46 -19.69
CA VAL E 185 22.72 30.68 -20.89
C VAL E 185 23.48 31.56 -21.89
N TYR E 186 23.53 31.09 -23.13
CA TYR E 186 24.12 31.84 -24.23
C TYR E 186 23.03 32.12 -25.27
N ASP E 187 23.33 33.01 -26.21
CA ASP E 187 22.42 33.27 -27.32
C ASP E 187 22.54 32.19 -28.40
N SER E 188 23.63 31.43 -28.31
CA SER E 188 23.94 30.32 -29.24
C SER E 188 24.99 29.42 -28.60
N ASP E 189 25.22 28.26 -29.21
CA ASP E 189 26.21 27.30 -28.74
C ASP E 189 27.63 27.90 -28.78
N PRO E 190 28.33 27.95 -27.62
CA PRO E 190 29.69 28.49 -27.56
C PRO E 190 30.72 27.59 -28.22
N LYS E 191 30.50 26.27 -28.14
CA LYS E 191 31.37 25.27 -28.79
C LYS E 191 31.57 25.54 -30.29
N ILE E 192 30.56 26.14 -30.91
CA ILE E 192 30.61 26.48 -32.33
C ILE E 192 31.07 27.93 -32.51
N ASN E 193 30.17 28.88 -32.24
CA ASN E 193 30.45 30.30 -32.42
C ASN E 193 31.38 30.84 -31.33
N PRO E 194 32.57 31.35 -31.72
CA PRO E 194 33.48 32.00 -30.76
C PRO E 194 32.99 33.42 -30.45
N ASN E 195 31.69 33.61 -30.59
CA ASN E 195 31.08 34.93 -30.64
C ASN E 195 29.77 34.94 -29.86
N ALA E 196 29.49 33.84 -29.16
CA ALA E 196 28.29 33.69 -28.37
C ALA E 196 28.28 34.60 -27.15
N GLN E 197 27.19 35.36 -27.01
CA GLN E 197 26.98 36.22 -25.84
C GLN E 197 26.69 35.37 -24.61
N PHE E 198 27.32 35.70 -23.49
CA PHE E 198 27.02 35.05 -22.21
C PHE E 198 26.19 35.99 -21.36
N TYR E 199 24.98 35.56 -21.00
CA TYR E 199 24.10 36.38 -20.19
C TYR E 199 24.36 36.16 -18.70
N GLU E 200 24.64 37.25 -17.98
CA GLU E 200 24.75 37.18 -16.53
C GLU E 200 23.34 37.20 -15.92
N HIS E 201 22.41 37.77 -16.69
CA HIS E 201 20.99 37.79 -16.37
C HIS E 201 20.17 37.85 -17.66
N ILE E 202 19.11 37.06 -17.71
CA ILE E 202 18.16 37.11 -18.81
C ILE E 202 16.75 36.92 -18.27
N THR E 203 15.77 37.57 -18.90
CA THR E 203 14.38 37.36 -18.55
C THR E 203 13.87 36.15 -19.30
N PHE E 204 12.82 35.53 -18.78
CA PHE E 204 12.13 34.47 -19.52
C PHE E 204 11.69 35.00 -20.88
N ASN E 205 11.19 36.24 -20.90
CA ASN E 205 10.74 36.88 -22.13
C ASN E 205 11.82 36.98 -23.21
N MET E 206 12.97 37.55 -22.86
CA MET E 206 14.07 37.65 -23.83
C MET E 206 14.49 36.25 -24.31
N ALA E 207 14.46 35.27 -23.41
CA ALA E 207 14.89 33.90 -23.68
C ALA E 207 13.98 33.16 -24.66
N LEU E 208 12.70 33.52 -24.71
CA LEU E 208 11.78 32.85 -25.62
C LEU E 208 11.63 33.56 -26.97
N THR E 209 11.79 34.87 -27.01
CA THR E 209 11.80 35.59 -28.29
C THR E 209 13.03 35.18 -29.11
N GLN E 210 14.13 34.93 -28.41
CA GLN E 210 15.34 34.38 -29.02
C GLN E 210 15.22 32.88 -29.32
N ASN E 211 14.16 32.28 -28.79
CA ASN E 211 13.96 30.82 -28.77
C ASN E 211 15.15 30.05 -28.19
N LEU E 212 15.62 30.49 -27.03
CA LEU E 212 16.55 29.71 -26.23
C LEU E 212 15.71 28.74 -25.42
N LYS E 213 16.23 27.54 -25.18
CA LYS E 213 15.46 26.54 -24.43
C LYS E 213 16.15 26.13 -23.13
N VAL E 214 16.38 27.14 -22.28
CA VAL E 214 16.95 26.99 -20.95
C VAL E 214 16.36 25.77 -20.24
N MET E 215 15.04 25.66 -20.30
CA MET E 215 14.32 24.45 -19.91
C MET E 215 13.27 24.20 -20.99
N ASP E 216 12.61 23.05 -20.91
CA ASP E 216 11.46 22.76 -21.77
C ASP E 216 10.33 23.75 -21.46
N ALA E 217 9.44 23.95 -22.44
CA ALA E 217 8.34 24.91 -22.34
C ALA E 217 7.48 24.74 -21.09
N THR E 218 7.21 23.49 -20.72
CA THR E 218 6.37 23.21 -19.56
C THR E 218 7.03 23.68 -18.26
N ALA E 219 8.31 23.37 -18.09
CA ALA E 219 9.07 23.82 -16.92
C ALA E 219 9.11 25.36 -16.82
N LEU E 220 9.35 26.02 -17.96
CA LEU E 220 9.33 27.48 -18.05
C LEU E 220 8.01 28.07 -17.59
N ALA E 221 6.90 27.50 -18.09
CA ALA E 221 5.56 27.97 -17.74
C ALA E 221 5.29 27.83 -16.24
N LEU E 222 5.64 26.65 -15.69
CA LEU E 222 5.50 26.38 -14.26
C LEU E 222 6.29 27.36 -13.39
N CYS E 223 7.51 27.69 -13.80
CA CYS E 223 8.34 28.64 -13.08
C CYS E 223 7.77 30.05 -13.11
N GLN E 224 7.28 30.47 -14.28
CA GLN E 224 6.67 31.78 -14.44
C GLN E 224 5.37 31.92 -13.65
N GLU E 225 4.50 30.92 -13.76
CA GLU E 225 3.23 30.90 -13.01
C GLU E 225 3.43 31.06 -11.51
N ASN E 226 4.49 30.48 -10.97
CA ASN E 226 4.70 30.46 -9.52
C ASN E 226 5.86 31.32 -9.04
N ASN E 227 6.34 32.22 -9.90
CA ASN E 227 7.45 33.13 -9.58
C ASN E 227 8.71 32.44 -9.05
N ILE E 228 9.14 31.40 -9.76
CA ILE E 228 10.34 30.69 -9.41
C ILE E 228 11.47 31.13 -10.35
N ASN E 229 12.59 31.54 -9.76
CA ASN E 229 13.75 31.97 -10.52
C ASN E 229 14.73 30.82 -10.77
N LEU E 230 15.53 30.97 -11.81
CA LEU E 230 16.58 30.02 -12.13
C LEU E 230 17.95 30.63 -11.90
N LEU E 231 18.87 29.79 -11.44
CA LEU E 231 20.26 30.16 -11.27
C LEU E 231 21.07 29.15 -12.06
N VAL E 232 21.38 29.49 -13.31
CA VAL E 232 22.08 28.58 -14.22
C VAL E 232 23.60 28.79 -14.13
N PHE E 233 24.32 27.69 -13.95
CA PHE E 233 25.76 27.71 -13.72
C PHE E 233 26.42 26.41 -14.19
N ASN E 234 27.76 26.39 -14.20
CA ASN E 234 28.52 25.17 -14.50
C ASN E 234 28.73 24.34 -13.24
N ILE E 235 28.12 23.15 -13.23
CA ILE E 235 28.14 22.25 -12.07
C ILE E 235 29.40 21.37 -12.02
N ASP E 236 30.08 21.22 -13.15
CA ASP E 236 31.28 20.38 -13.23
C ASP E 236 32.48 20.96 -12.46
N LYS E 237 32.51 22.28 -12.33
CA LYS E 237 33.59 22.96 -11.59
C LYS E 237 33.62 22.56 -10.11
N PRO E 238 34.83 22.45 -9.53
CA PRO E 238 34.96 22.23 -8.08
C PRO E 238 34.29 23.32 -7.24
N ASN E 239 33.53 22.89 -6.24
CA ASN E 239 32.79 23.79 -5.34
C ASN E 239 31.76 24.70 -6.00
N ALA E 240 31.26 24.27 -7.17
CA ALA E 240 30.38 25.09 -8.01
C ALA E 240 29.10 25.54 -7.31
N ILE E 241 28.43 24.62 -6.62
CA ILE E 241 27.15 24.90 -5.97
C ILE E 241 27.32 25.86 -4.79
N VAL E 242 28.36 25.64 -3.99
CA VAL E 242 28.67 26.51 -2.86
C VAL E 242 29.04 27.91 -3.35
N ASP E 243 29.85 27.97 -4.40
CA ASP E 243 30.34 29.25 -4.95
C ASP E 243 29.25 30.14 -5.56
N VAL E 244 28.29 29.52 -6.25
CA VAL E 244 27.22 30.27 -6.91
C VAL E 244 26.22 30.89 -5.91
N LEU E 245 26.08 30.25 -4.74
CA LEU E 245 25.25 30.81 -3.66
C LEU E 245 25.96 31.95 -2.94
N GLU E 246 27.28 31.99 -3.07
CA GLU E 246 28.11 33.08 -2.58
C GLU E 246 28.40 34.08 -3.70
N LYS E 247 27.75 33.87 -4.86
CA LYS E 247 27.85 34.75 -6.04
C LYS E 247 29.28 34.83 -6.62
N LYS E 248 30.07 33.78 -6.43
CA LYS E 248 31.51 33.84 -6.68
C LYS E 248 31.98 33.67 -8.13
N ASN E 249 31.26 32.88 -8.93
CA ASN E 249 31.71 32.62 -10.31
C ASN E 249 30.81 33.22 -11.38
N LYS E 250 30.92 32.67 -12.60
CA LYS E 250 30.08 33.04 -13.72
C LYS E 250 28.74 32.31 -13.62
N TYR E 251 27.64 33.05 -13.64
CA TYR E 251 26.30 32.47 -13.57
C TYR E 251 25.25 33.31 -14.28
N THR E 252 24.20 32.65 -14.75
CA THR E 252 23.02 33.31 -15.30
C THR E 252 21.87 33.19 -14.30
N ILE E 253 21.25 34.32 -13.99
CA ILE E 253 19.97 34.33 -13.32
C ILE E 253 18.89 34.47 -14.40
N VAL E 254 17.93 33.56 -14.41
CA VAL E 254 16.72 33.72 -15.21
C VAL E 254 15.55 34.09 -14.29
N SER E 255 14.88 35.19 -14.60
CA SER E 255 13.80 35.70 -13.75
C SER E 255 12.70 36.42 -14.52
N LYS E 256 11.67 36.85 -13.78
CA LYS E 256 10.56 37.69 -14.28
C LYS E 256 9.60 36.91 -15.16
N ARG F 23 -0.08 -30.87 -19.84
CA ARG F 23 1.24 -31.55 -20.06
C ARG F 23 2.42 -30.56 -20.07
N LYS F 24 2.15 -29.27 -19.94
CA LYS F 24 3.22 -28.25 -19.95
C LYS F 24 4.07 -28.26 -18.68
N GLN F 25 5.33 -28.67 -18.83
CA GLN F 25 6.27 -28.74 -17.72
C GLN F 25 6.94 -27.39 -17.46
N ARG F 26 7.28 -27.14 -16.19
CA ARG F 26 7.67 -25.81 -15.75
C ARG F 26 9.18 -25.67 -15.58
N ILE F 27 9.71 -24.57 -16.11
CA ILE F 27 11.14 -24.30 -16.04
C ILE F 27 11.46 -22.88 -15.56
N VAL F 28 12.62 -22.73 -14.92
CA VAL F 28 13.14 -21.44 -14.55
C VAL F 28 14.39 -21.17 -15.39
N ILE F 29 14.44 -20.00 -16.03
CA ILE F 29 15.64 -19.59 -16.74
C ILE F 29 16.30 -18.46 -15.96
N LYS F 30 17.52 -18.71 -15.48
CA LYS F 30 18.31 -17.69 -14.81
C LYS F 30 19.03 -16.88 -15.86
N ILE F 31 18.69 -15.59 -15.95
CA ILE F 31 19.33 -14.69 -16.91
C ILE F 31 20.06 -13.59 -16.15
N SER F 32 21.38 -13.70 -16.12
CA SER F 32 22.23 -12.70 -15.47
C SER F 32 22.19 -11.39 -16.25
N GLY F 33 22.59 -10.31 -15.59
CA GLY F 33 22.62 -8.97 -16.19
C GLY F 33 23.47 -8.89 -17.44
N ALA F 34 24.61 -9.59 -17.44
CA ALA F 34 25.53 -9.62 -18.57
C ALA F 34 24.91 -10.07 -19.89
N CYS F 35 23.85 -10.86 -19.82
CA CYS F 35 23.14 -11.34 -21.01
C CYS F 35 22.42 -10.24 -21.76
N LEU F 36 22.19 -9.10 -21.08
CA LEU F 36 21.38 -8.01 -21.62
C LEU F 36 22.26 -6.84 -22.08
N LYS F 37 23.55 -6.92 -21.80
CA LYS F 37 24.49 -5.83 -22.07
C LYS F 37 25.54 -6.27 -23.10
N GLN F 38 25.83 -5.38 -24.06
CA GLN F 38 26.90 -5.62 -25.02
C GLN F 38 28.16 -4.87 -24.62
N ASN F 39 28.02 -3.58 -24.32
CA ASN F 39 29.13 -2.67 -24.08
C ASN F 39 28.74 -1.65 -23.02
N ASP F 40 29.73 -0.93 -22.48
CA ASP F 40 29.46 0.03 -21.41
C ASP F 40 28.68 1.28 -21.82
N SER F 41 28.53 1.51 -23.11
CA SER F 41 27.78 2.65 -23.65
C SER F 41 26.28 2.60 -23.33
N SER F 42 25.74 1.39 -23.23
CA SER F 42 24.32 1.17 -22.93
C SER F 42 24.17 0.02 -21.93
N ILE F 43 23.37 0.25 -20.88
CA ILE F 43 23.10 -0.76 -19.86
C ILE F 43 22.33 -1.95 -20.41
N ILE F 44 21.46 -1.69 -21.40
CA ILE F 44 20.70 -2.72 -22.08
C ILE F 44 20.88 -2.62 -23.59
N ASP F 45 21.23 -3.73 -24.21
CA ASP F 45 21.41 -3.84 -25.64
C ASP F 45 20.17 -4.44 -26.29
N PHE F 46 19.63 -3.74 -27.28
CA PHE F 46 18.37 -4.13 -27.91
C PHE F 46 18.41 -5.45 -28.69
N ILE F 47 19.54 -5.73 -29.36
CA ILE F 47 19.65 -6.99 -30.11
C ILE F 47 19.74 -8.21 -29.20
N LYS F 48 20.51 -8.10 -28.12
CA LYS F 48 20.62 -9.19 -27.14
C LYS F 48 19.31 -9.47 -26.42
N ILE F 49 18.61 -8.42 -25.99
CA ILE F 49 17.32 -8.59 -25.30
C ILE F 49 16.21 -9.07 -26.24
N ASN F 50 16.24 -8.62 -27.49
CA ASN F 50 15.25 -9.10 -28.48
C ASN F 50 15.49 -10.54 -28.90
N ASP F 51 16.76 -10.94 -28.99
CA ASP F 51 17.11 -12.33 -29.23
C ASP F 51 16.62 -13.23 -28.09
N LEU F 52 16.84 -12.77 -26.87
CA LEU F 52 16.30 -13.44 -25.67
C LEU F 52 14.80 -13.61 -25.75
N ALA F 53 14.11 -12.51 -26.05
CA ALA F 53 12.65 -12.50 -26.17
C ALA F 53 12.16 -13.48 -27.24
N GLU F 54 12.86 -13.52 -28.37
CA GLU F 54 12.53 -14.43 -29.48
C GLU F 54 12.58 -15.88 -29.02
N GLN F 55 13.62 -16.23 -28.27
CA GLN F 55 13.78 -17.58 -27.72
C GLN F 55 12.68 -17.92 -26.72
N ILE F 56 12.39 -17.00 -25.81
CA ILE F 56 11.35 -17.19 -24.80
C ILE F 56 9.99 -17.38 -25.47
N GLU F 57 9.75 -16.61 -26.53
CA GLU F 57 8.53 -16.74 -27.34
C GLU F 57 8.30 -18.18 -27.78
N LYS F 58 9.33 -18.79 -28.39
CA LYS F 58 9.25 -20.16 -28.88
C LYS F 58 9.13 -21.17 -27.75
N ILE F 59 9.93 -20.97 -26.70
CA ILE F 59 9.95 -21.87 -25.54
C ILE F 59 8.60 -21.88 -24.81
N SER F 60 7.95 -20.72 -24.72
CA SER F 60 6.69 -20.58 -23.98
C SER F 60 5.52 -21.35 -24.59
N LYS F 61 5.71 -21.84 -25.81
CA LYS F 61 4.71 -22.68 -26.49
C LYS F 61 4.69 -24.10 -25.92
N LYS F 62 5.83 -24.55 -25.40
CA LYS F 62 5.98 -25.91 -24.88
C LYS F 62 6.17 -25.98 -23.36
N TYR F 63 6.52 -24.84 -22.75
CA TYR F 63 6.83 -24.81 -21.33
C TYR F 63 6.15 -23.63 -20.63
N ILE F 64 5.88 -23.81 -19.33
CA ILE F 64 5.54 -22.67 -18.49
C ILE F 64 6.87 -22.08 -18.00
N VAL F 65 7.12 -20.83 -18.41
CA VAL F 65 8.44 -20.19 -18.27
C VAL F 65 8.47 -19.17 -17.14
N SER F 66 9.41 -19.36 -16.21
CA SER F 66 9.74 -18.37 -15.20
C SER F 66 11.12 -17.82 -15.49
N ILE F 67 11.22 -16.50 -15.56
CA ILE F 67 12.50 -15.81 -15.78
C ILE F 67 12.97 -15.15 -14.47
N VAL F 68 14.19 -15.50 -14.06
CA VAL F 68 14.81 -14.85 -12.90
C VAL F 68 16.00 -14.01 -13.39
N LEU F 69 15.88 -12.69 -13.25
CA LEU F 69 16.88 -11.75 -13.77
C LEU F 69 17.87 -11.26 -12.72
N GLY F 70 19.12 -11.05 -13.15
CA GLY F 70 20.12 -10.37 -12.34
C GLY F 70 20.20 -8.91 -12.76
N GLY F 71 21.02 -8.14 -12.05
CA GLY F 71 21.15 -6.70 -12.33
C GLY F 71 22.59 -6.24 -12.54
N GLY F 72 23.48 -7.19 -12.81
CA GLY F 72 24.90 -6.93 -13.03
C GLY F 72 25.27 -5.95 -14.15
N ASN F 73 24.37 -5.80 -15.12
CA ASN F 73 24.56 -4.81 -16.20
C ASN F 73 24.42 -3.36 -15.71
N ILE F 74 23.72 -3.18 -14.58
CA ILE F 74 23.45 -1.87 -14.01
C ILE F 74 24.22 -1.69 -12.69
N TRP F 75 24.19 -2.71 -11.84
CA TRP F 75 24.77 -2.64 -10.49
C TRP F 75 25.62 -3.87 -10.18
N ARG F 76 26.80 -3.64 -9.59
CA ARG F 76 27.71 -4.71 -9.17
C ARG F 76 28.20 -4.51 -7.74
N GLY F 77 28.72 -5.58 -7.16
CA GLY F 77 29.32 -5.53 -5.82
C GLY F 77 30.51 -4.58 -5.70
N SER F 78 31.26 -4.43 -6.79
CA SER F 78 32.45 -3.58 -6.83
C SER F 78 32.13 -2.09 -6.63
N ILE F 79 30.99 -1.65 -7.18
CA ILE F 79 30.56 -0.25 -7.06
C ILE F 79 30.13 0.03 -5.61
N ALA F 80 29.53 -0.97 -4.98
CA ALA F 80 29.11 -0.89 -3.59
C ALA F 80 30.29 -0.60 -2.65
N LYS F 81 31.42 -1.26 -2.90
CA LYS F 81 32.63 -1.02 -2.11
C LYS F 81 33.16 0.40 -2.31
N GLU F 82 33.21 0.85 -3.57
CA GLU F 82 33.67 2.20 -3.90
C GLU F 82 32.83 3.28 -3.22
N LEU F 83 31.53 3.03 -3.11
CA LEU F 83 30.60 3.98 -2.50
C LEU F 83 30.47 3.82 -0.99
N ASP F 84 31.32 2.97 -0.40
CA ASP F 84 31.23 2.63 1.03
C ASP F 84 29.80 2.26 1.42
N MET F 85 29.20 1.36 0.65
CA MET F 85 27.80 1.02 0.86
C MET F 85 27.67 -0.30 1.61
N ASP F 86 26.94 -0.26 2.73
CA ASP F 86 26.69 -1.48 3.49
C ASP F 86 25.82 -2.44 2.68
N ARG F 87 25.85 -3.72 3.06
CA ARG F 87 25.27 -4.78 2.27
C ARG F 87 23.74 -4.68 2.11
N ASN F 88 23.05 -4.25 3.17
CA ASN F 88 21.59 -4.04 3.12
C ASN F 88 21.18 -3.10 1.99
N LEU F 89 21.89 -1.98 1.88
CA LEU F 89 21.60 -0.98 0.86
C LEU F 89 22.09 -1.43 -0.52
N ALA F 90 23.25 -2.08 -0.57
CA ALA F 90 23.81 -2.56 -1.83
C ALA F 90 22.89 -3.54 -2.53
N ASP F 91 22.36 -4.52 -1.79
CA ASP F 91 21.41 -5.47 -2.34
C ASP F 91 20.08 -4.83 -2.75
N ASN F 92 19.72 -3.74 -2.08
CA ASN F 92 18.55 -2.96 -2.48
C ASN F 92 18.72 -2.30 -3.85
N MET F 93 19.92 -1.80 -4.11
CA MET F 93 20.25 -1.21 -5.41
C MET F 93 20.13 -2.26 -6.50
N GLY F 94 20.64 -3.46 -6.22
CA GLY F 94 20.56 -4.61 -7.13
C GLY F 94 19.14 -5.00 -7.46
N MET F 95 18.26 -4.94 -6.47
CA MET F 95 16.86 -5.29 -6.66
C MET F 95 16.15 -4.30 -7.59
N MET F 96 16.48 -3.02 -7.46
CA MET F 96 15.96 -1.98 -8.35
C MET F 96 16.45 -2.21 -9.77
N ALA F 97 17.72 -2.58 -9.90
CA ALA F 97 18.30 -2.91 -11.21
C ALA F 97 17.55 -4.05 -11.91
N THR F 98 17.16 -5.08 -11.16
CA THR F 98 16.40 -6.19 -11.74
C THR F 98 15.02 -5.76 -12.24
N ILE F 99 14.40 -4.81 -11.54
CA ILE F 99 13.12 -4.26 -11.96
C ILE F 99 13.22 -3.54 -13.31
N ILE F 100 14.27 -2.73 -13.48
CA ILE F 100 14.51 -2.07 -14.77
C ILE F 100 14.67 -3.11 -15.89
N ASN F 101 15.51 -4.11 -15.68
CA ASN F 101 15.70 -5.20 -16.65
C ASN F 101 14.40 -5.96 -16.92
N GLY F 102 13.63 -6.20 -15.85
CA GLY F 102 12.35 -6.90 -15.95
C GLY F 102 11.34 -6.20 -16.82
N LEU F 103 11.28 -4.88 -16.70
CA LEU F 103 10.36 -4.07 -17.51
C LEU F 103 10.81 -4.00 -18.96
N ALA F 104 12.12 -4.02 -19.18
CA ALA F 104 12.70 -4.03 -20.52
C ALA F 104 12.39 -5.34 -21.24
N LEU F 105 12.55 -6.47 -20.55
CA LEU F 105 12.26 -7.78 -21.12
C LEU F 105 10.76 -7.93 -21.41
N GLU F 106 9.92 -7.46 -20.48
CA GLU F 106 8.47 -7.47 -20.67
C GLU F 106 8.09 -6.74 -21.95
N ASN F 107 8.68 -5.57 -22.16
CA ASN F 107 8.41 -4.78 -23.36
C ASN F 107 8.77 -5.55 -24.63
N ALA F 108 9.96 -6.17 -24.62
CA ALA F 108 10.44 -6.97 -25.75
C ALA F 108 9.51 -8.16 -26.05
N LEU F 109 8.98 -8.79 -25.00
CA LEU F 109 8.04 -9.90 -25.16
C LEU F 109 6.63 -9.45 -25.59
N ASN F 110 6.21 -8.28 -25.11
CA ASN F 110 4.93 -7.70 -25.54
C ASN F 110 4.88 -7.42 -27.04
N HIS F 111 6.00 -6.99 -27.61
CA HIS F 111 6.11 -6.77 -29.06
C HIS F 111 5.98 -8.06 -29.88
N LEU F 112 6.18 -9.20 -29.21
CA LEU F 112 6.06 -10.50 -29.86
C LEU F 112 4.73 -11.14 -29.50
N ASN F 113 3.84 -10.36 -28.87
CA ASN F 113 2.51 -10.80 -28.44
C ASN F 113 2.50 -11.99 -27.47
N VAL F 114 3.57 -12.11 -26.67
CA VAL F 114 3.62 -13.12 -25.62
C VAL F 114 2.94 -12.57 -24.37
N ASN F 115 1.98 -13.33 -23.85
CA ASN F 115 1.33 -12.95 -22.60
C ASN F 115 2.33 -13.10 -21.46
N THR F 116 2.63 -11.96 -20.82
CA THR F 116 3.70 -11.90 -19.84
C THR F 116 3.35 -11.01 -18.65
N ILE F 117 3.94 -11.32 -17.49
CA ILE F 117 3.72 -10.56 -16.27
C ILE F 117 5.01 -10.42 -15.45
N VAL F 118 5.24 -9.22 -14.92
CA VAL F 118 6.37 -8.94 -14.06
C VAL F 118 5.94 -9.08 -12.60
N LEU F 119 6.54 -10.05 -11.90
CA LEU F 119 6.19 -10.29 -10.50
C LEU F 119 7.37 -9.95 -9.61
N SER F 120 7.16 -9.00 -8.71
CA SER F 120 8.22 -8.44 -7.89
C SER F 120 8.13 -8.89 -6.44
N ALA F 121 9.29 -9.15 -5.84
CA ALA F 121 9.39 -9.47 -4.43
C ALA F 121 9.17 -8.22 -3.58
N ILE F 122 9.32 -7.05 -4.21
CA ILE F 122 9.13 -5.77 -3.57
C ILE F 122 7.92 -5.05 -4.16
N LYS F 123 6.99 -4.65 -3.30
CA LYS F 123 5.79 -3.95 -3.74
C LYS F 123 6.11 -2.60 -4.34
N CYS F 124 5.62 -2.37 -5.55
CA CYS F 124 5.73 -1.09 -6.25
C CYS F 124 4.69 -1.02 -7.36
N ASP F 125 3.45 -0.76 -6.94
CA ASP F 125 2.28 -0.92 -7.80
C ASP F 125 2.28 -0.11 -9.09
N LYS F 126 2.93 1.06 -9.07
CA LYS F 126 2.95 1.94 -10.24
C LYS F 126 3.80 1.37 -11.37
N LEU F 127 4.64 0.39 -11.05
CA LEU F 127 5.59 -0.16 -11.99
C LEU F 127 5.40 -1.65 -12.27
N VAL F 128 5.13 -2.43 -11.24
CA VAL F 128 5.12 -3.89 -11.32
C VAL F 128 4.02 -4.53 -10.45
N HIS F 129 3.68 -5.77 -10.75
CA HIS F 129 2.83 -6.56 -9.87
C HIS F 129 3.66 -7.21 -8.77
N GLU F 130 3.01 -7.52 -7.66
CA GLU F 130 3.67 -8.16 -6.53
C GLU F 130 3.60 -9.68 -6.67
N SER F 131 4.72 -10.36 -6.40
CA SER F 131 4.69 -11.81 -6.34
C SER F 131 4.01 -12.27 -5.04
N SER F 132 3.23 -13.34 -5.16
CA SER F 132 2.55 -13.96 -4.02
C SER F 132 2.06 -15.32 -4.47
N ALA F 133 1.70 -16.18 -3.53
CA ALA F 133 1.14 -17.50 -3.86
C ALA F 133 -0.03 -17.38 -4.83
N ASN F 134 -0.95 -16.45 -4.55
CA ASN F 134 -2.11 -16.20 -5.41
C ASN F 134 -1.74 -15.77 -6.82
N ASN F 135 -0.87 -14.77 -6.93
CA ASN F 135 -0.52 -14.20 -8.23
C ASN F 135 0.29 -15.13 -9.12
N ILE F 136 1.14 -15.95 -8.51
CA ILE F 136 1.87 -16.98 -9.25
C ILE F 136 0.90 -18.03 -9.80
N LYS F 137 0.05 -18.57 -8.92
CA LYS F 137 -1.02 -19.49 -9.31
C LYS F 137 -1.86 -18.94 -10.47
N LYS F 138 -2.27 -17.69 -10.33
CA LYS F 138 -3.07 -16.97 -11.33
C LYS F 138 -2.33 -16.86 -12.66
N ALA F 139 -1.02 -16.56 -12.59
CA ALA F 139 -0.20 -16.41 -13.79
C ALA F 139 0.04 -17.75 -14.48
N ILE F 140 0.16 -18.83 -13.70
CA ILE F 140 0.33 -20.18 -14.24
C ILE F 140 -0.93 -20.66 -14.98
N GLU F 141 -2.10 -20.43 -14.39
CA GLU F 141 -3.37 -20.76 -15.03
C GLU F 141 -3.53 -20.05 -16.37
N LYS F 142 -3.17 -18.76 -16.42
CA LYS F 142 -3.22 -17.96 -17.65
C LYS F 142 -2.08 -18.33 -18.60
N GLU F 143 -1.17 -19.16 -18.12
CA GLU F 143 0.06 -19.53 -18.84
C GLU F 143 0.86 -18.32 -19.35
N GLN F 144 1.03 -17.35 -18.45
CA GLN F 144 1.85 -16.17 -18.70
C GLN F 144 3.32 -16.52 -18.50
N VAL F 145 4.20 -15.86 -19.24
CA VAL F 145 5.61 -15.87 -18.93
C VAL F 145 5.78 -15.02 -17.67
N MET F 146 6.34 -15.62 -16.63
CA MET F 146 6.55 -14.95 -15.35
C MET F 146 7.96 -14.39 -15.30
N ILE F 147 8.06 -13.06 -15.24
CA ILE F 147 9.36 -12.41 -15.06
C ILE F 147 9.52 -12.01 -13.60
N PHE F 148 10.34 -12.76 -12.86
CA PHE F 148 10.54 -12.53 -11.45
C PHE F 148 11.65 -11.50 -11.21
N VAL F 149 11.32 -10.50 -10.39
CA VAL F 149 12.23 -9.38 -10.17
C VAL F 149 12.37 -9.02 -8.71
N ALA F 150 13.43 -8.28 -8.41
CA ALA F 150 13.78 -7.83 -7.05
C ALA F 150 14.09 -8.96 -6.08
N GLY F 151 14.52 -10.10 -6.61
CA GLY F 151 14.96 -11.24 -5.80
C GLY F 151 13.93 -11.76 -4.81
N THR F 152 14.31 -11.76 -3.53
CA THR F 152 13.43 -12.16 -2.44
C THR F 152 12.98 -10.93 -1.64
N GLY F 153 13.46 -9.76 -2.05
CA GLY F 153 13.19 -8.52 -1.32
C GLY F 153 14.06 -8.41 -0.08
N PHE F 154 15.00 -9.33 0.06
CA PHE F 154 15.90 -9.39 1.20
C PHE F 154 17.36 -9.35 0.76
N PRO F 155 18.22 -8.72 1.58
CA PRO F 155 19.66 -8.76 1.33
C PRO F 155 20.25 -10.14 1.63
N TYR F 156 21.48 -10.36 1.18
CA TYR F 156 22.24 -11.59 1.42
C TYR F 156 21.72 -12.78 0.61
N PHE F 157 21.09 -12.47 -0.52
CA PHE F 157 20.70 -13.48 -1.49
C PHE F 157 21.36 -13.18 -2.83
N THR F 158 21.70 -14.26 -3.53
CA THR F 158 22.26 -14.16 -4.88
C THR F 158 21.14 -14.40 -5.88
N THR F 159 21.37 -14.03 -7.12
CA THR F 159 20.49 -14.38 -8.24
C THR F 159 20.18 -15.89 -8.28
N ASP F 160 21.20 -16.71 -8.01
CA ASP F 160 21.04 -18.16 -8.02
C ASP F 160 20.12 -18.67 -6.93
N SER F 161 20.26 -18.13 -5.73
CA SER F 161 19.37 -18.45 -4.62
C SER F 161 17.91 -18.09 -4.92
N CYS F 162 17.69 -16.94 -5.55
CA CYS F 162 16.34 -16.53 -5.96
C CYS F 162 15.79 -17.49 -7.01
N ALA F 163 16.65 -17.90 -7.94
CA ALA F 163 16.30 -18.89 -8.95
C ALA F 163 15.85 -20.20 -8.30
N ALA F 164 16.54 -20.59 -7.23
CA ALA F 164 16.18 -21.80 -6.49
C ALA F 164 14.81 -21.68 -5.84
N ILE F 165 14.60 -20.55 -5.15
CA ILE F 165 13.34 -20.26 -4.48
C ILE F 165 12.18 -20.20 -5.47
N ARG F 166 12.38 -19.51 -6.59
CA ARG F 166 11.36 -19.39 -7.62
C ARG F 166 11.03 -20.74 -8.26
N ALA F 167 12.05 -21.58 -8.41
CA ALA F 167 11.86 -22.93 -8.97
C ALA F 167 10.98 -23.77 -8.06
N ALA F 168 11.28 -23.76 -6.77
CA ALA F 168 10.49 -24.49 -5.79
C ALA F 168 9.07 -23.94 -5.73
N GLU F 169 8.97 -22.60 -5.69
CA GLU F 169 7.71 -21.88 -5.59
C GLU F 169 6.78 -22.20 -6.76
N THR F 170 7.33 -22.24 -7.97
CA THR F 170 6.54 -22.54 -9.17
C THR F 170 6.50 -24.05 -9.50
N GLU F 171 7.14 -24.86 -8.66
CA GLU F 171 7.24 -26.31 -8.87
C GLU F 171 7.94 -26.66 -10.18
N SER F 172 9.00 -25.92 -10.47
CA SER F 172 9.85 -26.19 -11.61
C SER F 172 10.93 -27.15 -11.16
N SER F 173 11.13 -28.23 -11.91
CA SER F 173 12.09 -29.25 -11.53
C SER F 173 13.50 -28.96 -12.06
N ILE F 174 13.62 -27.94 -12.90
CA ILE F 174 14.90 -27.60 -13.53
C ILE F 174 15.15 -26.09 -13.68
N ILE F 175 16.39 -25.68 -13.41
CA ILE F 175 16.82 -24.31 -13.65
C ILE F 175 17.83 -24.32 -14.79
N LEU F 176 17.53 -23.56 -15.84
CA LEU F 176 18.50 -23.38 -16.92
C LEU F 176 19.48 -22.31 -16.49
N MET F 177 20.72 -22.72 -16.29
CA MET F 177 21.74 -21.83 -15.76
C MET F 177 22.71 -21.39 -16.86
N GLY F 178 22.33 -20.30 -17.52
CA GLY F 178 23.12 -19.74 -18.60
C GLY F 178 24.40 -19.12 -18.09
N LYS F 179 25.52 -19.58 -18.64
CA LYS F 179 26.83 -19.01 -18.33
C LYS F 179 27.31 -18.20 -19.53
N ASN F 180 28.04 -17.13 -19.25
CA ASN F 180 28.55 -16.24 -20.28
C ASN F 180 29.96 -16.61 -20.75
N GLY F 181 30.03 -17.46 -21.77
CA GLY F 181 31.29 -17.91 -22.34
C GLY F 181 31.60 -19.39 -22.11
N VAL F 182 31.04 -19.94 -21.03
CA VAL F 182 31.34 -21.30 -20.56
C VAL F 182 30.26 -22.29 -21.03
N ASP F 183 30.68 -23.46 -21.48
CA ASP F 183 29.78 -24.48 -22.03
C ASP F 183 29.10 -25.37 -20.98
N GLY F 184 29.56 -25.27 -19.73
CA GLY F 184 29.01 -26.07 -18.64
C GLY F 184 30.00 -26.21 -17.50
N VAL F 185 29.87 -27.30 -16.75
CA VAL F 185 30.78 -27.55 -15.63
C VAL F 185 32.07 -28.19 -16.12
N TYR F 186 33.19 -27.52 -15.82
CA TYR F 186 34.52 -27.97 -16.22
C TYR F 186 35.42 -28.09 -15.00
N ASP F 187 36.57 -27.43 -15.07
CA ASP F 187 37.48 -27.23 -13.95
C ASP F 187 38.44 -26.07 -14.27
N SER F 188 37.86 -24.93 -14.64
CA SER F 188 38.57 -23.69 -14.99
C SER F 188 39.68 -23.87 -16.02
N GLN F 197 38.48 -30.62 -18.14
CA GLN F 197 37.64 -31.79 -18.46
C GLN F 197 36.15 -31.51 -18.26
N PHE F 198 35.38 -31.84 -19.29
CA PHE F 198 33.95 -31.57 -19.35
C PHE F 198 33.14 -32.60 -18.55
N TYR F 199 31.93 -32.20 -18.13
CA TYR F 199 30.99 -33.11 -17.49
C TYR F 199 29.64 -33.14 -18.22
N GLU F 200 29.30 -34.29 -18.77
CA GLU F 200 28.00 -34.51 -19.40
C GLU F 200 26.90 -34.47 -18.33
N HIS F 201 27.21 -35.05 -17.16
CA HIS F 201 26.30 -35.16 -16.03
C HIS F 201 27.12 -35.23 -14.74
N ILE F 202 26.65 -34.58 -13.68
CA ILE F 202 27.33 -34.58 -12.38
C ILE F 202 26.34 -34.51 -11.20
N THR F 203 26.64 -35.26 -10.15
CA THR F 203 25.86 -35.24 -8.91
C THR F 203 26.17 -33.97 -8.13
N PHE F 204 25.25 -33.55 -7.27
CA PHE F 204 25.51 -32.45 -6.34
C PHE F 204 26.64 -32.83 -5.40
N ASN F 205 26.61 -34.08 -4.93
CA ASN F 205 27.66 -34.64 -4.07
C ASN F 205 29.03 -34.59 -4.72
N MET F 206 29.12 -35.13 -5.94
CA MET F 206 30.37 -35.14 -6.70
C MET F 206 30.85 -33.71 -7.01
N ALA F 207 29.92 -32.75 -7.03
CA ALA F 207 30.26 -31.35 -7.24
C ALA F 207 31.00 -30.75 -6.04
N LEU F 208 30.47 -30.98 -4.84
CA LEU F 208 31.02 -30.41 -3.60
C LEU F 208 32.30 -31.13 -3.13
N THR F 209 32.41 -32.42 -3.49
CA THR F 209 33.64 -33.20 -3.24
C THR F 209 34.76 -32.71 -4.16
N GLN F 210 34.39 -32.28 -5.37
CA GLN F 210 35.36 -31.80 -6.35
C GLN F 210 35.67 -30.32 -6.16
N ASN F 211 34.98 -29.69 -5.21
CA ASN F 211 35.19 -28.28 -4.86
C ASN F 211 34.86 -27.33 -6.02
N LEU F 212 33.77 -27.63 -6.73
CA LEU F 212 33.33 -26.81 -7.86
C LEU F 212 32.30 -25.77 -7.43
N LYS F 213 32.50 -24.52 -7.86
CA LYS F 213 31.55 -23.44 -7.56
C LYS F 213 30.58 -23.18 -8.71
N VAL F 214 29.59 -24.07 -8.82
CA VAL F 214 28.53 -23.99 -9.84
C VAL F 214 27.54 -22.89 -9.47
N MET F 215 27.11 -22.92 -8.20
CA MET F 215 26.37 -21.80 -7.59
C MET F 215 26.95 -21.63 -6.19
N ASP F 216 26.55 -20.55 -5.51
CA ASP F 216 26.93 -20.37 -4.12
C ASP F 216 26.29 -21.47 -3.26
N ALA F 217 26.88 -21.70 -2.10
CA ALA F 217 26.45 -22.80 -1.21
C ALA F 217 24.97 -22.78 -0.84
N THR F 218 24.42 -21.59 -0.65
CA THR F 218 23.01 -21.42 -0.29
C THR F 218 22.09 -21.94 -1.41
N ALA F 219 22.36 -21.51 -2.64
CA ALA F 219 21.57 -21.93 -3.80
C ALA F 219 21.66 -23.44 -4.02
N LEU F 220 22.86 -24.00 -3.86
CA LEU F 220 23.08 -25.44 -3.92
C LEU F 220 22.21 -26.20 -2.92
N ALA F 221 22.24 -25.76 -1.66
CA ALA F 221 21.45 -26.39 -0.61
C ALA F 221 19.96 -26.34 -0.91
N LEU F 222 19.48 -25.17 -1.33
CA LEU F 222 18.09 -24.97 -1.75
C LEU F 222 17.65 -25.94 -2.84
N CYS F 223 18.49 -26.09 -3.87
CA CYS F 223 18.22 -27.00 -4.98
C CYS F 223 18.16 -28.46 -4.55
N GLN F 224 19.12 -28.86 -3.70
CA GLN F 224 19.16 -30.22 -3.15
C GLN F 224 17.95 -30.53 -2.27
N GLU F 225 17.63 -29.63 -1.35
CA GLU F 225 16.49 -29.81 -0.43
C GLU F 225 15.18 -30.02 -1.18
N ASN F 226 15.02 -29.36 -2.32
CA ASN F 226 13.76 -29.39 -3.05
C ASN F 226 13.82 -30.10 -4.39
N ASN F 227 14.86 -30.91 -4.59
CA ASN F 227 15.02 -31.71 -5.81
C ASN F 227 14.94 -30.92 -7.10
N ILE F 228 15.68 -29.81 -7.16
CA ILE F 228 15.75 -28.99 -8.36
C ILE F 228 17.06 -29.28 -9.08
N ASN F 229 16.96 -29.60 -10.36
CA ASN F 229 18.13 -29.86 -11.20
C ASN F 229 18.62 -28.60 -11.90
N LEU F 230 19.90 -28.61 -12.27
CA LEU F 230 20.47 -27.51 -13.02
C LEU F 230 20.81 -27.99 -14.43
N LEU F 231 20.63 -27.10 -15.39
CA LEU F 231 21.05 -27.33 -16.76
C LEU F 231 22.00 -26.20 -17.16
N VAL F 232 23.29 -26.46 -16.99
CA VAL F 232 24.33 -25.45 -17.19
C VAL F 232 24.81 -25.46 -18.65
N PHE F 233 24.81 -24.28 -19.27
CA PHE F 233 25.14 -24.15 -20.70
C PHE F 233 25.68 -22.76 -21.06
N ASN F 234 26.17 -22.62 -22.28
CA ASN F 234 26.62 -21.33 -22.80
C ASN F 234 25.47 -20.51 -23.39
N ILE F 235 25.13 -19.41 -22.72
CA ILE F 235 23.98 -18.59 -23.10
C ILE F 235 24.30 -17.56 -24.20
N ASP F 236 25.59 -17.26 -24.38
CA ASP F 236 26.03 -16.29 -25.39
C ASP F 236 25.82 -16.77 -26.85
N LYS F 237 25.82 -18.08 -27.05
CA LYS F 237 25.63 -18.68 -28.37
C LYS F 237 24.22 -18.41 -28.93
N PRO F 238 24.10 -18.19 -30.26
CA PRO F 238 22.80 -18.03 -30.91
C PRO F 238 21.87 -19.21 -30.66
N ASN F 239 20.61 -18.92 -30.32
CA ASN F 239 19.59 -19.94 -30.05
C ASN F 239 19.92 -20.92 -28.90
N ALA F 240 20.79 -20.49 -27.98
CA ALA F 240 21.30 -21.35 -26.92
C ALA F 240 20.22 -21.99 -26.05
N ILE F 241 19.26 -21.19 -25.61
CA ILE F 241 18.22 -21.65 -24.69
C ILE F 241 17.28 -22.65 -25.36
N VAL F 242 16.90 -22.34 -26.61
CA VAL F 242 16.05 -23.23 -27.42
C VAL F 242 16.77 -24.56 -27.65
N ASP F 243 18.05 -24.48 -28.00
CA ASP F 243 18.85 -25.65 -28.36
C ASP F 243 19.07 -26.62 -27.21
N VAL F 244 19.30 -26.10 -26.00
CA VAL F 244 19.57 -26.96 -24.85
C VAL F 244 18.34 -27.71 -24.35
N LEU F 245 17.16 -27.15 -24.59
CA LEU F 245 15.90 -27.83 -24.28
C LEU F 245 15.60 -28.93 -25.31
N GLU F 246 16.21 -28.80 -26.48
CA GLU F 246 16.19 -29.84 -27.52
C GLU F 246 17.42 -30.74 -27.43
N LYS F 247 18.19 -30.58 -26.35
CA LYS F 247 19.47 -31.26 -26.08
C LYS F 247 20.51 -31.24 -27.21
N LYS F 248 20.56 -30.11 -27.93
CA LYS F 248 21.30 -29.98 -29.19
C LYS F 248 22.80 -29.68 -29.06
N ASN F 249 23.20 -28.96 -28.02
CA ASN F 249 24.60 -28.55 -27.88
C ASN F 249 25.33 -29.18 -26.69
N LYS F 250 26.47 -28.61 -26.31
CA LYS F 250 27.19 -29.00 -25.11
C LYS F 250 26.51 -28.42 -23.88
N TYR F 251 26.18 -29.29 -22.91
CA TYR F 251 25.61 -28.84 -21.63
C TYR F 251 25.90 -29.82 -20.48
N THR F 252 25.78 -29.34 -19.25
CA THR F 252 25.95 -30.18 -18.06
C THR F 252 24.66 -30.25 -17.28
N ILE F 253 24.27 -31.43 -16.83
CA ILE F 253 23.15 -31.52 -15.89
C ILE F 253 23.64 -31.86 -14.48
N VAL F 254 23.17 -31.08 -13.52
CA VAL F 254 23.49 -31.28 -12.12
C VAL F 254 22.27 -31.83 -11.40
N SER F 255 22.26 -33.14 -11.17
CA SER F 255 21.14 -33.81 -10.53
C SER F 255 21.57 -34.59 -9.29
N LYS F 256 20.58 -35.08 -8.54
CA LYS F 256 20.81 -35.79 -7.28
C LYS F 256 21.36 -37.21 -7.48
#